data_2QRR
# 
_entry.id   2QRR 
# 
_audit_conform.dict_name       mmcif_pdbx.dic 
_audit_conform.dict_version    5.398 
_audit_conform.dict_location   http://mmcif.pdb.org/dictionaries/ascii/mmcif_pdbx.dic 
# 
loop_
_database_2.database_id 
_database_2.database_code 
_database_2.pdbx_database_accession 
_database_2.pdbx_DOI 
PDB   2QRR         pdb_00002qrr 10.2210/pdb2qrr/pdb 
RCSB  RCSB043972   ?            ?                   
WWPDB D_1000043972 ?            ?                   
# 
loop_
_pdbx_audit_revision_history.ordinal 
_pdbx_audit_revision_history.data_content_type 
_pdbx_audit_revision_history.major_revision 
_pdbx_audit_revision_history.minor_revision 
_pdbx_audit_revision_history.revision_date 
1 'Structure model' 1 0 2007-08-14 
2 'Structure model' 1 1 2011-07-13 
3 'Structure model' 1 2 2017-10-25 
4 'Structure model' 1 3 2024-10-30 
# 
_pdbx_audit_revision_details.ordinal             1 
_pdbx_audit_revision_details.revision_ordinal    1 
_pdbx_audit_revision_details.data_content_type   'Structure model' 
_pdbx_audit_revision_details.provider            repository 
_pdbx_audit_revision_details.type                'Initial release' 
_pdbx_audit_revision_details.description         ? 
_pdbx_audit_revision_details.details             ? 
# 
loop_
_pdbx_audit_revision_group.ordinal 
_pdbx_audit_revision_group.revision_ordinal 
_pdbx_audit_revision_group.data_content_type 
_pdbx_audit_revision_group.group 
1 2 'Structure model' Advisory                    
2 2 'Structure model' 'Source and taxonomy'       
3 2 'Structure model' 'Version format compliance' 
4 3 'Structure model' 'Refinement description'    
5 4 'Structure model' 'Data collection'           
6 4 'Structure model' 'Database references'       
7 4 'Structure model' 'Derived calculations'      
8 4 'Structure model' 'Structure summary'         
# 
loop_
_pdbx_audit_revision_category.ordinal 
_pdbx_audit_revision_category.revision_ordinal 
_pdbx_audit_revision_category.data_content_type 
_pdbx_audit_revision_category.category 
1 3 'Structure model' software                  
2 4 'Structure model' chem_comp_atom            
3 4 'Structure model' chem_comp_bond            
4 4 'Structure model' database_2                
5 4 'Structure model' pdbx_entry_details        
6 4 'Structure model' pdbx_modification_feature 
7 4 'Structure model' struct_conn               
8 4 'Structure model' struct_ref_seq_dif        
# 
loop_
_pdbx_audit_revision_item.ordinal 
_pdbx_audit_revision_item.revision_ordinal 
_pdbx_audit_revision_item.data_content_type 
_pdbx_audit_revision_item.item 
1 4 'Structure model' '_database_2.pdbx_DOI'                
2 4 'Structure model' '_database_2.pdbx_database_accession' 
3 4 'Structure model' '_struct_conn.pdbx_leaving_atom_flag' 
4 4 'Structure model' '_struct_ref_seq_dif.details'         
# 
_pdbx_database_status.status_code                     REL 
_pdbx_database_status.entry_id                        2QRR 
_pdbx_database_status.recvd_initial_deposition_date   2007-07-28 
_pdbx_database_status.deposit_site                    RCSB 
_pdbx_database_status.process_site                    RCSB 
_pdbx_database_status.status_code_sf                  REL 
_pdbx_database_status.status_code_mr                  ? 
_pdbx_database_status.SG_entry                        Y 
_pdbx_database_status.pdb_format_compatible           Y 
_pdbx_database_status.status_code_cs                  ? 
_pdbx_database_status.methods_development_category    ? 
_pdbx_database_status.status_code_nmr_data            ? 
# 
_pdbx_database_related.db_name        TargetDB 
_pdbx_database_related.db_id          APC91258.2 
_pdbx_database_related.details        . 
_pdbx_database_related.content_type   unspecified 
# 
loop_
_audit_author.name 
_audit_author.pdbx_ordinal 
'Kim, Y.'                                       1 
'Zhou, M.'                                      2 
'Freeman, L.'                                   3 
'Joachimiak, A.'                                4 
'Midwest Center for Structural Genomics (MCSG)' 5 
# 
_citation.id                        primary 
_citation.title                     'The Soluble Domain of the ABC Transporter, ATP-binding Protein from Vibrio parahaemolyticus.' 
_citation.journal_abbrev            'To be Published' 
_citation.journal_volume            ? 
_citation.page_first                ? 
_citation.page_last                 ? 
_citation.year                      ? 
_citation.journal_id_ASTM           ? 
_citation.country                   ? 
_citation.journal_id_ISSN           ? 
_citation.journal_id_CSD            0353 
_citation.book_publisher            ? 
_citation.pdbx_database_id_PubMed   ? 
_citation.pdbx_database_id_DOI      ? 
# 
loop_
_citation_author.citation_id 
_citation_author.name 
_citation_author.ordinal 
_citation_author.identifier_ORCID 
primary 'Kim, Y.'        1 ? 
primary 'Zhou, M.'       2 ? 
primary 'Freeman, L.'    3 ? 
primary 'Joachimiak, A.' 4 ? 
# 
loop_
_entity.id 
_entity.type 
_entity.src_method 
_entity.pdbx_description 
_entity.formula_weight 
_entity.pdbx_number_of_molecules 
_entity.pdbx_ec 
_entity.pdbx_mutation 
_entity.pdbx_fragment 
_entity.details 
1 polymer     man 'Methionine import ATP-binding protein metN' 11391.136 2   3.6.3.- ? 'Residues 247-344' ? 
2 non-polymer syn 'CHLORIDE ION'                               35.453    1   ?       ? ?                  ? 
3 water       nat water                                        18.015    128 ?       ? ?                  ? 
# 
_entity_poly.entity_id                      1 
_entity_poly.type                           'polypeptide(L)' 
_entity_poly.nstd_linkage                   no 
_entity_poly.nstd_monomer                   yes 
_entity_poly.pdbx_seq_one_letter_code       
;SNALSIPEDYQARLQPNRVEGSYPLVR(MSE)EFTGATVDAPL(MSE)SQISRKYNIDVSILSSDLDYAGGVKFG(MSE)
(MSE)VAELFGNEQDDSAAIEYLRENNVKVEVLGYVL
;
_entity_poly.pdbx_seq_one_letter_code_can   
;SNALSIPEDYQARLQPNRVEGSYPLVRMEFTGATVDAPLMSQISRKYNIDVSILSSDLDYAGGVKFGMMVAELFGNEQDD
SAAIEYLRENNVKVEVLGYVL
;
_entity_poly.pdbx_strand_id                 A,B 
_entity_poly.pdbx_target_identifier         APC91258.2 
# 
loop_
_pdbx_entity_nonpoly.entity_id 
_pdbx_entity_nonpoly.name 
_pdbx_entity_nonpoly.comp_id 
2 'CHLORIDE ION' CL  
3 water          HOH 
# 
loop_
_entity_poly_seq.entity_id 
_entity_poly_seq.num 
_entity_poly_seq.mon_id 
_entity_poly_seq.hetero 
1 1   SER n 
1 2   ASN n 
1 3   ALA n 
1 4   LEU n 
1 5   SER n 
1 6   ILE n 
1 7   PRO n 
1 8   GLU n 
1 9   ASP n 
1 10  TYR n 
1 11  GLN n 
1 12  ALA n 
1 13  ARG n 
1 14  LEU n 
1 15  GLN n 
1 16  PRO n 
1 17  ASN n 
1 18  ARG n 
1 19  VAL n 
1 20  GLU n 
1 21  GLY n 
1 22  SER n 
1 23  TYR n 
1 24  PRO n 
1 25  LEU n 
1 26  VAL n 
1 27  ARG n 
1 28  MSE n 
1 29  GLU n 
1 30  PHE n 
1 31  THR n 
1 32  GLY n 
1 33  ALA n 
1 34  THR n 
1 35  VAL n 
1 36  ASP n 
1 37  ALA n 
1 38  PRO n 
1 39  LEU n 
1 40  MSE n 
1 41  SER n 
1 42  GLN n 
1 43  ILE n 
1 44  SER n 
1 45  ARG n 
1 46  LYS n 
1 47  TYR n 
1 48  ASN n 
1 49  ILE n 
1 50  ASP n 
1 51  VAL n 
1 52  SER n 
1 53  ILE n 
1 54  LEU n 
1 55  SER n 
1 56  SER n 
1 57  ASP n 
1 58  LEU n 
1 59  ASP n 
1 60  TYR n 
1 61  ALA n 
1 62  GLY n 
1 63  GLY n 
1 64  VAL n 
1 65  LYS n 
1 66  PHE n 
1 67  GLY n 
1 68  MSE n 
1 69  MSE n 
1 70  VAL n 
1 71  ALA n 
1 72  GLU n 
1 73  LEU n 
1 74  PHE n 
1 75  GLY n 
1 76  ASN n 
1 77  GLU n 
1 78  GLN n 
1 79  ASP n 
1 80  ASP n 
1 81  SER n 
1 82  ALA n 
1 83  ALA n 
1 84  ILE n 
1 85  GLU n 
1 86  TYR n 
1 87  LEU n 
1 88  ARG n 
1 89  GLU n 
1 90  ASN n 
1 91  ASN n 
1 92  VAL n 
1 93  LYS n 
1 94  VAL n 
1 95  GLU n 
1 96  VAL n 
1 97  LEU n 
1 98  GLY n 
1 99  TYR n 
1 100 VAL n 
1 101 LEU n 
# 
_entity_src_gen.entity_id                          1 
_entity_src_gen.pdbx_src_id                        1 
_entity_src_gen.pdbx_alt_source_flag               sample 
_entity_src_gen.pdbx_seq_type                      ? 
_entity_src_gen.pdbx_beg_seq_num                   ? 
_entity_src_gen.pdbx_end_seq_num                   ? 
_entity_src_gen.gene_src_common_name               ? 
_entity_src_gen.gene_src_genus                     Vibrio 
_entity_src_gen.pdbx_gene_src_gene                 'metN, VP0706' 
_entity_src_gen.gene_src_species                   'Vibrio parahaemolyticus' 
_entity_src_gen.gene_src_strain                    'RIMD 2210633' 
_entity_src_gen.gene_src_tissue                    ? 
_entity_src_gen.gene_src_tissue_fraction           ? 
_entity_src_gen.gene_src_details                   ? 
_entity_src_gen.pdbx_gene_src_fragment             ? 
_entity_src_gen.pdbx_gene_src_scientific_name      'Vibrio parahaemolyticus' 
_entity_src_gen.pdbx_gene_src_ncbi_taxonomy_id     223926 
_entity_src_gen.pdbx_gene_src_variant              ? 
_entity_src_gen.pdbx_gene_src_cell_line            ? 
_entity_src_gen.pdbx_gene_src_atcc                 ? 
_entity_src_gen.pdbx_gene_src_organ                ? 
_entity_src_gen.pdbx_gene_src_organelle            ? 
_entity_src_gen.pdbx_gene_src_cell                 ? 
_entity_src_gen.pdbx_gene_src_cellular_location    ? 
_entity_src_gen.host_org_common_name               ? 
_entity_src_gen.pdbx_host_org_scientific_name      'Escherichia coli BL21(DE3)' 
_entity_src_gen.pdbx_host_org_ncbi_taxonomy_id     469008 
_entity_src_gen.host_org_genus                     Escherichia 
_entity_src_gen.pdbx_host_org_gene                 ? 
_entity_src_gen.pdbx_host_org_organ                ? 
_entity_src_gen.host_org_species                   'Escherichia coli' 
_entity_src_gen.pdbx_host_org_tissue               ? 
_entity_src_gen.pdbx_host_org_tissue_fraction      ? 
_entity_src_gen.pdbx_host_org_strain               'BL21(DE3)' 
_entity_src_gen.pdbx_host_org_variant              ? 
_entity_src_gen.pdbx_host_org_cell_line            ? 
_entity_src_gen.pdbx_host_org_atcc                 ? 
_entity_src_gen.pdbx_host_org_culture_collection   ? 
_entity_src_gen.pdbx_host_org_cell                 ? 
_entity_src_gen.pdbx_host_org_organelle            ? 
_entity_src_gen.pdbx_host_org_cellular_location    ? 
_entity_src_gen.pdbx_host_org_vector_type          Plasmid 
_entity_src_gen.pdbx_host_org_vector               ? 
_entity_src_gen.host_org_details                   ? 
_entity_src_gen.expression_system_id               ? 
_entity_src_gen.plasmid_name                       pMCSG7 
_entity_src_gen.plasmid_details                    ? 
_entity_src_gen.pdbx_description                   ? 
# 
loop_
_chem_comp.id 
_chem_comp.type 
_chem_comp.mon_nstd_flag 
_chem_comp.name 
_chem_comp.pdbx_synonyms 
_chem_comp.formula 
_chem_comp.formula_weight 
ALA 'L-peptide linking' y ALANINE          ? 'C3 H7 N O2'     89.093  
ARG 'L-peptide linking' y ARGININE         ? 'C6 H15 N4 O2 1' 175.209 
ASN 'L-peptide linking' y ASPARAGINE       ? 'C4 H8 N2 O3'    132.118 
ASP 'L-peptide linking' y 'ASPARTIC ACID'  ? 'C4 H7 N O4'     133.103 
CL  non-polymer         . 'CHLORIDE ION'   ? 'Cl -1'          35.453  
GLN 'L-peptide linking' y GLUTAMINE        ? 'C5 H10 N2 O3'   146.144 
GLU 'L-peptide linking' y 'GLUTAMIC ACID'  ? 'C5 H9 N O4'     147.129 
GLY 'peptide linking'   y GLYCINE          ? 'C2 H5 N O2'     75.067  
HIS 'L-peptide linking' y HISTIDINE        ? 'C6 H10 N3 O2 1' 156.162 
HOH non-polymer         . WATER            ? 'H2 O'           18.015  
ILE 'L-peptide linking' y ISOLEUCINE       ? 'C6 H13 N O2'    131.173 
LEU 'L-peptide linking' y LEUCINE          ? 'C6 H13 N O2'    131.173 
LYS 'L-peptide linking' y LYSINE           ? 'C6 H15 N2 O2 1' 147.195 
MSE 'L-peptide linking' n SELENOMETHIONINE ? 'C5 H11 N O2 Se' 196.106 
PHE 'L-peptide linking' y PHENYLALANINE    ? 'C9 H11 N O2'    165.189 
PRO 'L-peptide linking' y PROLINE          ? 'C5 H9 N O2'     115.130 
SER 'L-peptide linking' y SERINE           ? 'C3 H7 N O3'     105.093 
THR 'L-peptide linking' y THREONINE        ? 'C4 H9 N O3'     119.119 
TYR 'L-peptide linking' y TYROSINE         ? 'C9 H11 N O3'    181.189 
VAL 'L-peptide linking' y VALINE           ? 'C5 H11 N O2'    117.146 
# 
loop_
_pdbx_poly_seq_scheme.asym_id 
_pdbx_poly_seq_scheme.entity_id 
_pdbx_poly_seq_scheme.seq_id 
_pdbx_poly_seq_scheme.mon_id 
_pdbx_poly_seq_scheme.ndb_seq_num 
_pdbx_poly_seq_scheme.pdb_seq_num 
_pdbx_poly_seq_scheme.auth_seq_num 
_pdbx_poly_seq_scheme.pdb_mon_id 
_pdbx_poly_seq_scheme.auth_mon_id 
_pdbx_poly_seq_scheme.pdb_strand_id 
_pdbx_poly_seq_scheme.pdb_ins_code 
_pdbx_poly_seq_scheme.hetero 
A 1 1   SER 1   -2 ?  ?   ?   A . n 
A 1 2   ASN 2   -1 ?  ?   ?   A . n 
A 1 3   ALA 3   0  ?  ?   ?   A . n 
A 1 4   LEU 4   1  ?  ?   ?   A . n 
A 1 5   SER 5   2  2  SER SER A . n 
A 1 6   ILE 6   3  3  ILE ILE A . n 
A 1 7   PRO 7   4  4  PRO PRO A . n 
A 1 8   GLU 8   5  5  GLU GLU A . n 
A 1 9   ASP 9   6  6  ASP ASP A . n 
A 1 10  TYR 10  7  7  TYR TYR A . n 
A 1 11  GLN 11  8  8  GLN GLN A . n 
A 1 12  ALA 12  9  9  ALA ALA A . n 
A 1 13  ARG 13  10 10 ARG ARG A . n 
A 1 14  LEU 14  11 11 LEU LEU A . n 
A 1 15  GLN 15  12 12 GLN GLN A . n 
A 1 16  PRO 16  13 13 PRO PRO A . n 
A 1 17  ASN 17  14 14 ASN ASN A . n 
A 1 18  ARG 18  15 15 ARG ARG A . n 
A 1 19  VAL 19  16 16 VAL VAL A . n 
A 1 20  GLU 20  17 17 GLU GLU A . n 
A 1 21  GLY 21  18 18 GLY GLY A . n 
A 1 22  SER 22  19 19 SER SER A . n 
A 1 23  TYR 23  20 20 TYR TYR A . n 
A 1 24  PRO 24  21 21 PRO PRO A . n 
A 1 25  LEU 25  22 22 LEU LEU A . n 
A 1 26  VAL 26  23 23 VAL VAL A . n 
A 1 27  ARG 27  24 24 ARG ARG A . n 
A 1 28  MSE 28  25 25 MSE MSE A . n 
A 1 29  GLU 29  26 26 GLU GLU A . n 
A 1 30  PHE 30  27 27 PHE PHE A . n 
A 1 31  THR 31  28 28 THR THR A . n 
A 1 32  GLY 32  29 29 GLY GLY A . n 
A 1 33  ALA 33  30 30 ALA ALA A . n 
A 1 34  THR 34  31 31 THR THR A . n 
A 1 35  VAL 35  32 32 VAL VAL A . n 
A 1 36  ASP 36  33 33 ASP ASP A . n 
A 1 37  ALA 37  34 34 ALA ALA A . n 
A 1 38  PRO 38  35 35 PRO PRO A . n 
A 1 39  LEU 39  36 36 LEU LEU A . n 
A 1 40  MSE 40  37 37 MSE MSE A . n 
A 1 41  SER 41  38 38 SER SER A . n 
A 1 42  GLN 42  39 39 GLN GLN A . n 
A 1 43  ILE 43  40 40 ILE ILE A . n 
A 1 44  SER 44  41 41 SER SER A . n 
A 1 45  ARG 45  42 42 ARG ARG A . n 
A 1 46  LYS 46  43 43 LYS LYS A . n 
A 1 47  TYR 47  44 44 TYR TYR A . n 
A 1 48  ASN 48  45 45 ASN ASN A . n 
A 1 49  ILE 49  46 46 ILE ILE A . n 
A 1 50  ASP 50  47 47 ASP ASP A . n 
A 1 51  VAL 51  48 48 VAL VAL A . n 
A 1 52  SER 52  49 49 SER SER A . n 
A 1 53  ILE 53  50 50 ILE ILE A . n 
A 1 54  LEU 54  51 51 LEU LEU A . n 
A 1 55  SER 55  52 52 SER SER A . n 
A 1 56  SER 56  53 53 SER SER A . n 
A 1 57  ASP 57  54 54 ASP ASP A . n 
A 1 58  LEU 58  55 55 LEU LEU A . n 
A 1 59  ASP 59  56 56 ASP ASP A . n 
A 1 60  TYR 60  57 57 TYR TYR A . n 
A 1 61  ALA 61  58 58 ALA ALA A . n 
A 1 62  GLY 62  59 59 GLY GLY A . n 
A 1 63  GLY 63  60 60 GLY GLY A . n 
A 1 64  VAL 64  61 61 VAL VAL A . n 
A 1 65  LYS 65  62 62 LYS LYS A . n 
A 1 66  PHE 66  63 63 PHE PHE A . n 
A 1 67  GLY 67  64 64 GLY GLY A . n 
A 1 68  MSE 68  65 65 MSE MSE A . n 
A 1 69  MSE 69  66 66 MSE MSE A . n 
A 1 70  VAL 70  67 67 VAL VAL A . n 
A 1 71  ALA 71  68 68 ALA ALA A . n 
A 1 72  GLU 72  69 69 GLU GLU A . n 
A 1 73  LEU 73  70 70 LEU LEU A . n 
A 1 74  PHE 74  71 71 PHE PHE A . n 
A 1 75  GLY 75  72 72 GLY GLY A . n 
A 1 76  ASN 76  73 73 ASN ASN A . n 
A 1 77  GLU 77  74 74 GLU GLU A . n 
A 1 78  GLN 78  75 75 GLN GLN A . n 
A 1 79  ASP 79  76 76 ASP ASP A . n 
A 1 80  ASP 80  77 77 ASP ASP A . n 
A 1 81  SER 81  78 78 SER SER A . n 
A 1 82  ALA 82  79 79 ALA ALA A . n 
A 1 83  ALA 83  80 80 ALA ALA A . n 
A 1 84  ILE 84  81 81 ILE ILE A . n 
A 1 85  GLU 85  82 82 GLU GLU A . n 
A 1 86  TYR 86  83 83 TYR TYR A . n 
A 1 87  LEU 87  84 84 LEU LEU A . n 
A 1 88  ARG 88  85 85 ARG ARG A . n 
A 1 89  GLU 89  86 86 GLU GLU A . n 
A 1 90  ASN 90  87 87 ASN ASN A . n 
A 1 91  ASN 91  88 88 ASN ASN A . n 
A 1 92  VAL 92  89 89 VAL VAL A . n 
A 1 93  LYS 93  90 90 LYS LYS A . n 
A 1 94  VAL 94  91 91 VAL VAL A . n 
A 1 95  GLU 95  92 92 GLU GLU A . n 
A 1 96  VAL 96  93 93 VAL VAL A . n 
A 1 97  LEU 97  94 94 LEU LEU A . n 
A 1 98  GLY 98  95 95 GLY GLY A . n 
A 1 99  TYR 99  96 96 TYR TYR A . n 
A 1 100 VAL 100 97 97 VAL VAL A . n 
A 1 101 LEU 101 98 98 LEU LEU A . n 
B 1 1   SER 1   -2 ?  ?   ?   B . n 
B 1 2   ASN 2   -1 ?  ?   ?   B . n 
B 1 3   ALA 3   0  ?  ?   ?   B . n 
B 1 4   LEU 4   1  1  LEU LEU B . n 
B 1 5   SER 5   2  2  SER SER B . n 
B 1 6   ILE 6   3  3  ILE ILE B . n 
B 1 7   PRO 7   4  4  PRO PRO B . n 
B 1 8   GLU 8   5  5  GLU GLU B . n 
B 1 9   ASP 9   6  6  ASP ASP B . n 
B 1 10  TYR 10  7  7  TYR TYR B . n 
B 1 11  GLN 11  8  8  GLN GLN B . n 
B 1 12  ALA 12  9  9  ALA ALA B . n 
B 1 13  ARG 13  10 10 ARG ARG B . n 
B 1 14  LEU 14  11 11 LEU LEU B . n 
B 1 15  GLN 15  12 12 GLN GLN B . n 
B 1 16  PRO 16  13 13 PRO PRO B . n 
B 1 17  ASN 17  14 14 ASN ASN B . n 
B 1 18  ARG 18  15 15 ARG ARG B . n 
B 1 19  VAL 19  16 16 VAL VAL B . n 
B 1 20  GLU 20  17 17 GLU GLU B . n 
B 1 21  GLY 21  18 18 GLY GLY B . n 
B 1 22  SER 22  19 19 SER SER B . n 
B 1 23  TYR 23  20 20 TYR TYR B . n 
B 1 24  PRO 24  21 21 PRO PRO B . n 
B 1 25  LEU 25  22 22 LEU LEU B . n 
B 1 26  VAL 26  23 23 VAL VAL B . n 
B 1 27  ARG 27  24 24 ARG ARG B . n 
B 1 28  MSE 28  25 25 MSE MSE B . n 
B 1 29  GLU 29  26 26 GLU GLU B . n 
B 1 30  PHE 30  27 27 PHE PHE B . n 
B 1 31  THR 31  28 28 THR THR B . n 
B 1 32  GLY 32  29 29 GLY GLY B . n 
B 1 33  ALA 33  30 30 ALA ALA B . n 
B 1 34  THR 34  31 31 THR THR B . n 
B 1 35  VAL 35  32 32 VAL VAL B . n 
B 1 36  ASP 36  33 33 ASP ASP B . n 
B 1 37  ALA 37  34 34 ALA ALA B . n 
B 1 38  PRO 38  35 35 PRO PRO B . n 
B 1 39  LEU 39  36 36 LEU LEU B . n 
B 1 40  MSE 40  37 37 MSE MSE B . n 
B 1 41  SER 41  38 38 SER SER B . n 
B 1 42  GLN 42  39 39 GLN GLN B . n 
B 1 43  ILE 43  40 40 ILE ILE B . n 
B 1 44  SER 44  41 41 SER SER B . n 
B 1 45  ARG 45  42 42 ARG ARG B . n 
B 1 46  LYS 46  43 43 LYS LYS B . n 
B 1 47  TYR 47  44 44 TYR TYR B . n 
B 1 48  ASN 48  45 45 ASN ASN B . n 
B 1 49  ILE 49  46 46 ILE ILE B . n 
B 1 50  ASP 50  47 47 ASP ASP B . n 
B 1 51  VAL 51  48 48 VAL VAL B . n 
B 1 52  SER 52  49 49 SER SER B . n 
B 1 53  ILE 53  50 50 ILE ILE B . n 
B 1 54  LEU 54  51 51 LEU LEU B . n 
B 1 55  SER 55  52 52 SER SER B . n 
B 1 56  SER 56  53 53 SER SER B . n 
B 1 57  ASP 57  54 54 ASP ASP B . n 
B 1 58  LEU 58  55 55 LEU LEU B . n 
B 1 59  ASP 59  56 56 ASP ASP B . n 
B 1 60  TYR 60  57 57 TYR TYR B . n 
B 1 61  ALA 61  58 58 ALA ALA B . n 
B 1 62  GLY 62  59 59 GLY GLY B . n 
B 1 63  GLY 63  60 60 GLY GLY B . n 
B 1 64  VAL 64  61 61 VAL VAL B . n 
B 1 65  LYS 65  62 62 LYS LYS B . n 
B 1 66  PHE 66  63 63 PHE PHE B . n 
B 1 67  GLY 67  64 64 GLY GLY B . n 
B 1 68  MSE 68  65 65 MSE MSE B . n 
B 1 69  MSE 69  66 66 MSE MSE B . n 
B 1 70  VAL 70  67 67 VAL VAL B . n 
B 1 71  ALA 71  68 68 ALA ALA B . n 
B 1 72  GLU 72  69 69 GLU GLU B . n 
B 1 73  LEU 73  70 70 LEU LEU B . n 
B 1 74  PHE 74  71 71 PHE PHE B . n 
B 1 75  GLY 75  72 72 GLY GLY B . n 
B 1 76  ASN 76  73 73 ASN ASN B . n 
B 1 77  GLU 77  74 74 GLU GLU B . n 
B 1 78  GLN 78  75 75 GLN GLN B . n 
B 1 79  ASP 79  76 76 ASP ASP B . n 
B 1 80  ASP 80  77 77 ASP ASP B . n 
B 1 81  SER 81  78 78 SER SER B . n 
B 1 82  ALA 82  79 79 ALA ALA B . n 
B 1 83  ALA 83  80 80 ALA ALA B . n 
B 1 84  ILE 84  81 81 ILE ILE B . n 
B 1 85  GLU 85  82 82 GLU GLU B . n 
B 1 86  TYR 86  83 83 TYR TYR B . n 
B 1 87  LEU 87  84 84 LEU LEU B . n 
B 1 88  ARG 88  85 85 ARG ARG B . n 
B 1 89  GLU 89  86 86 GLU GLU B . n 
B 1 90  ASN 90  87 87 ASN ASN B . n 
B 1 91  ASN 91  88 88 ASN ASN B . n 
B 1 92  VAL 92  89 89 VAL VAL B . n 
B 1 93  LYS 93  90 90 LYS LYS B . n 
B 1 94  VAL 94  91 91 VAL VAL B . n 
B 1 95  GLU 95  92 92 GLU GLU B . n 
B 1 96  VAL 96  93 93 VAL VAL B . n 
B 1 97  LEU 97  94 94 LEU LEU B . n 
B 1 98  GLY 98  95 95 GLY GLY B . n 
B 1 99  TYR 99  96 96 TYR TYR B . n 
B 1 100 VAL 100 97 97 VAL VAL B . n 
B 1 101 LEU 101 98 98 LEU LEU B . n 
# 
loop_
_pdbx_nonpoly_scheme.asym_id 
_pdbx_nonpoly_scheme.entity_id 
_pdbx_nonpoly_scheme.mon_id 
_pdbx_nonpoly_scheme.ndb_seq_num 
_pdbx_nonpoly_scheme.pdb_seq_num 
_pdbx_nonpoly_scheme.auth_seq_num 
_pdbx_nonpoly_scheme.pdb_mon_id 
_pdbx_nonpoly_scheme.auth_mon_id 
_pdbx_nonpoly_scheme.pdb_strand_id 
_pdbx_nonpoly_scheme.pdb_ins_code 
C 2 CL  1  99  1   CL  CL  B . 
D 3 HOH 1  99  1   HOH HOH A . 
D 3 HOH 2  100 2   HOH HOH A . 
D 3 HOH 3  101 3   HOH HOH A . 
D 3 HOH 4  102 4   HOH HOH A . 
D 3 HOH 5  103 8   HOH HOH A . 
D 3 HOH 6  104 11  HOH HOH A . 
D 3 HOH 7  105 13  HOH HOH A . 
D 3 HOH 8  106 14  HOH HOH A . 
D 3 HOH 9  107 15  HOH HOH A . 
D 3 HOH 10 108 16  HOH HOH A . 
D 3 HOH 11 109 17  HOH HOH A . 
D 3 HOH 12 110 18  HOH HOH A . 
D 3 HOH 13 111 19  HOH HOH A . 
D 3 HOH 14 112 23  HOH HOH A . 
D 3 HOH 15 113 24  HOH HOH A . 
D 3 HOH 16 114 32  HOH HOH A . 
D 3 HOH 17 115 33  HOH HOH A . 
D 3 HOH 18 116 36  HOH HOH A . 
D 3 HOH 19 117 37  HOH HOH A . 
D 3 HOH 20 118 38  HOH HOH A . 
D 3 HOH 21 119 41  HOH HOH A . 
D 3 HOH 22 120 42  HOH HOH A . 
D 3 HOH 23 121 46  HOH HOH A . 
D 3 HOH 24 122 49  HOH HOH A . 
D 3 HOH 25 123 51  HOH HOH A . 
D 3 HOH 26 124 52  HOH HOH A . 
D 3 HOH 27 125 55  HOH HOH A . 
D 3 HOH 28 126 58  HOH HOH A . 
D 3 HOH 29 127 59  HOH HOH A . 
D 3 HOH 30 128 63  HOH HOH A . 
D 3 HOH 31 129 67  HOH HOH A . 
D 3 HOH 32 130 68  HOH HOH A . 
D 3 HOH 33 131 69  HOH HOH A . 
D 3 HOH 34 132 71  HOH HOH A . 
D 3 HOH 35 133 76  HOH HOH A . 
D 3 HOH 36 134 78  HOH HOH A . 
D 3 HOH 37 135 79  HOH HOH A . 
D 3 HOH 38 136 80  HOH HOH A . 
D 3 HOH 39 137 81  HOH HOH A . 
D 3 HOH 40 138 82  HOH HOH A . 
D 3 HOH 41 139 87  HOH HOH A . 
D 3 HOH 42 140 88  HOH HOH A . 
D 3 HOH 43 141 89  HOH HOH A . 
D 3 HOH 44 142 91  HOH HOH A . 
D 3 HOH 45 143 93  HOH HOH A . 
D 3 HOH 46 144 95  HOH HOH A . 
D 3 HOH 47 145 98  HOH HOH A . 
D 3 HOH 48 146 100 HOH HOH A . 
D 3 HOH 49 147 101 HOH HOH A . 
D 3 HOH 50 148 102 HOH HOH A . 
D 3 HOH 51 149 104 HOH HOH A . 
D 3 HOH 52 150 109 HOH HOH A . 
D 3 HOH 53 151 110 HOH HOH A . 
D 3 HOH 54 152 111 HOH HOH A . 
D 3 HOH 55 153 112 HOH HOH A . 
D 3 HOH 56 154 113 HOH HOH A . 
D 3 HOH 57 155 115 HOH HOH A . 
D 3 HOH 58 156 116 HOH HOH A . 
D 3 HOH 59 157 123 HOH HOH A . 
D 3 HOH 60 158 125 HOH HOH A . 
D 3 HOH 61 159 126 HOH HOH A . 
D 3 HOH 62 160 128 HOH HOH A . 
E 3 HOH 1  100 5   HOH HOH B . 
E 3 HOH 2  101 6   HOH HOH B . 
E 3 HOH 3  102 7   HOH HOH B . 
E 3 HOH 4  103 9   HOH HOH B . 
E 3 HOH 5  104 10  HOH HOH B . 
E 3 HOH 6  105 12  HOH HOH B . 
E 3 HOH 7  106 20  HOH HOH B . 
E 3 HOH 8  107 21  HOH HOH B . 
E 3 HOH 9  108 22  HOH HOH B . 
E 3 HOH 10 109 25  HOH HOH B . 
E 3 HOH 11 110 26  HOH HOH B . 
E 3 HOH 12 111 27  HOH HOH B . 
E 3 HOH 13 112 28  HOH HOH B . 
E 3 HOH 14 113 29  HOH HOH B . 
E 3 HOH 15 114 30  HOH HOH B . 
E 3 HOH 16 115 31  HOH HOH B . 
E 3 HOH 17 116 34  HOH HOH B . 
E 3 HOH 18 117 35  HOH HOH B . 
E 3 HOH 19 118 39  HOH HOH B . 
E 3 HOH 20 119 40  HOH HOH B . 
E 3 HOH 21 120 43  HOH HOH B . 
E 3 HOH 22 121 44  HOH HOH B . 
E 3 HOH 23 122 45  HOH HOH B . 
E 3 HOH 24 123 47  HOH HOH B . 
E 3 HOH 25 124 48  HOH HOH B . 
E 3 HOH 26 125 50  HOH HOH B . 
E 3 HOH 27 126 53  HOH HOH B . 
E 3 HOH 28 127 54  HOH HOH B . 
E 3 HOH 29 128 56  HOH HOH B . 
E 3 HOH 30 129 57  HOH HOH B . 
E 3 HOH 31 130 60  HOH HOH B . 
E 3 HOH 32 131 61  HOH HOH B . 
E 3 HOH 33 132 62  HOH HOH B . 
E 3 HOH 34 133 64  HOH HOH B . 
E 3 HOH 35 134 65  HOH HOH B . 
E 3 HOH 36 135 66  HOH HOH B . 
E 3 HOH 37 136 70  HOH HOH B . 
E 3 HOH 38 137 72  HOH HOH B . 
E 3 HOH 39 138 73  HOH HOH B . 
E 3 HOH 40 139 74  HOH HOH B . 
E 3 HOH 41 140 75  HOH HOH B . 
E 3 HOH 42 141 77  HOH HOH B . 
E 3 HOH 43 142 83  HOH HOH B . 
E 3 HOH 44 143 84  HOH HOH B . 
E 3 HOH 45 144 85  HOH HOH B . 
E 3 HOH 46 145 86  HOH HOH B . 
E 3 HOH 47 146 90  HOH HOH B . 
E 3 HOH 48 147 92  HOH HOH B . 
E 3 HOH 49 148 94  HOH HOH B . 
E 3 HOH 50 149 96  HOH HOH B . 
E 3 HOH 51 150 97  HOH HOH B . 
E 3 HOH 52 151 99  HOH HOH B . 
E 3 HOH 53 152 103 HOH HOH B . 
E 3 HOH 54 153 105 HOH HOH B . 
E 3 HOH 55 154 106 HOH HOH B . 
E 3 HOH 56 155 107 HOH HOH B . 
E 3 HOH 57 156 108 HOH HOH B . 
E 3 HOH 58 157 114 HOH HOH B . 
E 3 HOH 59 158 117 HOH HOH B . 
E 3 HOH 60 159 118 HOH HOH B . 
E 3 HOH 61 160 119 HOH HOH B . 
E 3 HOH 62 161 120 HOH HOH B . 
E 3 HOH 63 162 121 HOH HOH B . 
E 3 HOH 64 163 122 HOH HOH B . 
E 3 HOH 65 164 124 HOH HOH B . 
E 3 HOH 66 165 127 HOH HOH B . 
# 
loop_
_software.name 
_software.classification 
_software.version 
_software.citation_id 
_software.pdbx_ordinal 
REFMAC      refinement        5.2.0019 ? 1  
SBC-Collect 'data collection' .        ? 2  
HKL-3000    'data collection' .        ? 3  
HKL-3000    'data reduction'  .        ? 4  
HKL-3000    'data scaling'    .        ? 5  
HKL-3000    phasing           .        ? 6  
SHELXCD     phasing           .        ? 7  
SHELXE      'model building'  .        ? 8  
MLPHARE     phasing           .        ? 9  
RESOLVE     phasing           .        ? 10 
# 
_cell.entry_id           2QRR 
_cell.length_a           103.134 
_cell.length_b           47.780 
_cell.length_c           53.347 
_cell.angle_alpha        90.00 
_cell.angle_beta         118.48 
_cell.angle_gamma        90.00 
_cell.Z_PDB              8 
_cell.pdbx_unique_axis   ? 
_cell.length_a_esd       ? 
_cell.length_b_esd       ? 
_cell.length_c_esd       ? 
_cell.angle_alpha_esd    ? 
_cell.angle_beta_esd     ? 
_cell.angle_gamma_esd    ? 
# 
_symmetry.entry_id                         2QRR 
_symmetry.space_group_name_H-M             'C 1 2 1' 
_symmetry.pdbx_full_space_group_name_H-M   ? 
_symmetry.cell_setting                     ? 
_symmetry.Int_Tables_number                5 
_symmetry.space_group_name_Hall            ? 
# 
_exptl.entry_id          2QRR 
_exptl.method            'X-RAY DIFFRACTION' 
_exptl.crystals_number   1 
# 
_exptl_crystal.id                    1 
_exptl_crystal.density_meas          ? 
_exptl_crystal.density_Matthews      2.54 
_exptl_crystal.density_percent_sol   51.49 
_exptl_crystal.description           ? 
_exptl_crystal.F_000                 ? 
_exptl_crystal.preparation           ? 
# 
_exptl_crystal_grow.crystal_id      1 
_exptl_crystal_grow.method          'VAPOR DIFFUSION, SITTING DROP' 
_exptl_crystal_grow.temp            289 
_exptl_crystal_grow.temp_details    ? 
_exptl_crystal_grow.pH              8.5 
_exptl_crystal_grow.pdbx_details    
'2.4 M Ammonium phosphate dibasic, 0.1 M Tris-HCl pH 8.5, VAPOR DIFFUSION, SITTING DROP, temperature 289K' 
_exptl_crystal_grow.pdbx_pH_range   . 
# 
_diffrn.id                     1 
_diffrn.ambient_temp           100 
_diffrn.ambient_temp_details   ? 
_diffrn.crystal_id             1 
# 
_diffrn_detector.diffrn_id              1 
_diffrn_detector.detector               CCD 
_diffrn_detector.type                   'ADSC QUANTUM 315' 
_diffrn_detector.pdbx_collection_date   2007-06-27 
_diffrn_detector.details                mirrors 
# 
_diffrn_radiation.diffrn_id                        1 
_diffrn_radiation.wavelength_id                    1 
_diffrn_radiation.pdbx_monochromatic_or_laue_m_l   M 
_diffrn_radiation.monochromator                    'double crystal, Si111' 
_diffrn_radiation.pdbx_diffrn_protocol             'SINGLE WAVELENGTH' 
_diffrn_radiation.pdbx_scattering_type             x-ray 
# 
_diffrn_radiation_wavelength.id           1 
_diffrn_radiation_wavelength.wavelength   0.97940 
_diffrn_radiation_wavelength.wt           1.0 
# 
_diffrn_source.diffrn_id                   1 
_diffrn_source.source                      SYNCHROTRON 
_diffrn_source.type                        'APS BEAMLINE 19-ID' 
_diffrn_source.pdbx_synchrotron_site       APS 
_diffrn_source.pdbx_synchrotron_beamline   19-ID 
_diffrn_source.pdbx_wavelength             ? 
_diffrn_source.pdbx_wavelength_list        0.97940 
# 
_reflns.entry_id                     2QRR 
_reflns.observed_criterion_sigma_F   0.0 
_reflns.observed_criterion_sigma_I   0.0 
_reflns.d_resolution_high            1.70 
_reflns.d_resolution_low             46.88 
_reflns.number_all                   23458 
_reflns.number_obs                   23458 
_reflns.percent_possible_obs         95.7 
_reflns.pdbx_Rmerge_I_obs            ? 
_reflns.pdbx_Rsym_value              0.121 
_reflns.pdbx_netI_over_sigmaI        10.9 
_reflns.B_iso_Wilson_estimate        ? 
_reflns.pdbx_redundancy              4.1 
_reflns.R_free_details               ? 
_reflns.limit_h_max                  ? 
_reflns.limit_h_min                  ? 
_reflns.limit_k_max                  ? 
_reflns.limit_k_min                  ? 
_reflns.limit_l_max                  ? 
_reflns.limit_l_min                  ? 
_reflns.observed_criterion_F_max     ? 
_reflns.observed_criterion_F_min     ? 
_reflns.pdbx_chi_squared             ? 
_reflns.pdbx_scaling_rejects         ? 
_reflns.pdbx_ordinal                 1 
_reflns.pdbx_diffrn_id               1 
# 
_reflns_shell.d_res_high             1.70 
_reflns_shell.d_res_low              1.76 
_reflns_shell.percent_possible_all   89.7 
_reflns_shell.Rmerge_I_obs           ? 
_reflns_shell.pdbx_Rsym_value        0.365 
_reflns_shell.meanI_over_sigI_obs    2.2 
_reflns_shell.pdbx_redundancy        3.1 
_reflns_shell.percent_possible_obs   ? 
_reflns_shell.number_unique_all      2186 
_reflns_shell.number_measured_all    ? 
_reflns_shell.number_measured_obs    ? 
_reflns_shell.number_unique_obs      ? 
_reflns_shell.pdbx_chi_squared       ? 
_reflns_shell.pdbx_ordinal           1 
_reflns_shell.pdbx_diffrn_id         1 
# 
_refine.entry_id                                 2QRR 
_refine.ls_number_reflns_obs                     21072 
_refine.ls_number_reflns_all                     21072 
_refine.pdbx_ls_sigma_I                          ? 
_refine.pdbx_ls_sigma_F                          0.0 
_refine.pdbx_data_cutoff_high_absF               ? 
_refine.pdbx_data_cutoff_low_absF                ? 
_refine.pdbx_data_cutoff_high_rms_absF           ? 
_refine.ls_d_res_low                             46.88 
_refine.ls_d_res_high                            1.71 
_refine.ls_percent_reflns_obs                    94.30 
_refine.ls_R_factor_obs                          0.203 
_refine.ls_R_factor_all                          0.203 
_refine.ls_R_factor_R_work                       0.199 
_refine.ls_R_factor_R_free                       0.240 
_refine.ls_R_factor_R_free_error                 ? 
_refine.ls_R_factor_R_free_error_details         ? 
_refine.ls_percent_reflns_R_free                 10.2 
_refine.ls_number_reflns_R_free                  2383 
_refine.ls_number_parameters                     ? 
_refine.ls_number_restraints                     ? 
_refine.occupancy_min                            ? 
_refine.occupancy_max                            ? 
_refine.correlation_coeff_Fo_to_Fc               0.948 
_refine.correlation_coeff_Fo_to_Fc_free          0.929 
_refine.B_iso_mean                               30.868 
_refine.aniso_B[1][1]                            0.95 
_refine.aniso_B[2][2]                            0.00 
_refine.aniso_B[3][3]                            -0.65 
_refine.aniso_B[1][2]                            0.00 
_refine.aniso_B[1][3]                            0.31 
_refine.aniso_B[2][3]                            0.00 
_refine.solvent_model_details                    MASK 
_refine.solvent_model_param_ksol                 ? 
_refine.solvent_model_param_bsol                 ? 
_refine.pdbx_solvent_vdw_probe_radii             1.20 
_refine.pdbx_solvent_ion_probe_radii             0.80 
_refine.pdbx_solvent_shrinkage_radii             0.80 
_refine.pdbx_ls_cross_valid_method               THROUGHOUT 
_refine.details                                  ? 
_refine.pdbx_starting_model                      ? 
_refine.pdbx_method_to_determine_struct          SAD 
_refine.pdbx_isotropic_thermal_model             ? 
_refine.pdbx_stereochemistry_target_values       'MAXIMUM LIKELIHOOD WITH PHASES' 
_refine.pdbx_stereochem_target_val_spec_case     ? 
_refine.pdbx_R_Free_selection_details            RANDOM 
_refine.pdbx_overall_ESU_R                       0.126 
_refine.pdbx_overall_ESU_R_Free                  0.124 
_refine.overall_SU_ML                            0.069 
_refine.overall_SU_B                             4.153 
_refine.ls_redundancy_reflns_obs                 ? 
_refine.B_iso_min                                ? 
_refine.B_iso_max                                ? 
_refine.overall_SU_R_Cruickshank_DPI             ? 
_refine.overall_SU_R_free                        ? 
_refine.ls_wR_factor_R_free                      ? 
_refine.ls_wR_factor_R_work                      ? 
_refine.overall_FOM_free_R_set                   ? 
_refine.overall_FOM_work_R_set                   ? 
_refine.pdbx_refine_id                           'X-RAY DIFFRACTION' 
_refine.pdbx_TLS_residual_ADP_flag               'LIKELY RESIDUAL' 
_refine.pdbx_diffrn_id                           1 
_refine.pdbx_overall_phase_error                 ? 
_refine.pdbx_overall_SU_R_free_Cruickshank_DPI   ? 
_refine.pdbx_overall_SU_R_Blow_DPI               ? 
_refine.pdbx_overall_SU_R_free_Blow_DPI          ? 
# 
_refine_hist.pdbx_refine_id                   'X-RAY DIFFRACTION' 
_refine_hist.cycle_id                         LAST 
_refine_hist.pdbx_number_atoms_protein        1526 
_refine_hist.pdbx_number_atoms_nucleic_acid   0 
_refine_hist.pdbx_number_atoms_ligand         1 
_refine_hist.number_atoms_solvent             128 
_refine_hist.number_atoms_total               1655 
_refine_hist.d_res_high                       1.71 
_refine_hist.d_res_low                        46.88 
# 
loop_
_refine_ls_restr.type 
_refine_ls_restr.dev_ideal 
_refine_ls_restr.dev_ideal_target 
_refine_ls_restr.weight 
_refine_ls_restr.number 
_refine_ls_restr.pdbx_refine_id 
_refine_ls_restr.pdbx_restraint_function 
r_bond_refined_d             0.018  0.022  ? 1632 'X-RAY DIFFRACTION' ? 
r_bond_other_d               ?      ?      ? ?    'X-RAY DIFFRACTION' ? 
r_angle_refined_deg          1.680  1.982  ? 2222 'X-RAY DIFFRACTION' ? 
r_angle_other_deg            ?      ?      ? ?    'X-RAY DIFFRACTION' ? 
r_dihedral_angle_1_deg       6.012  5.000  ? 210  'X-RAY DIFFRACTION' ? 
r_dihedral_angle_2_deg       36.324 25.422 ? 83   'X-RAY DIFFRACTION' ? 
r_dihedral_angle_3_deg       14.498 15.000 ? 281  'X-RAY DIFFRACTION' ? 
r_dihedral_angle_4_deg       25.232 15.000 ? 10   'X-RAY DIFFRACTION' ? 
r_chiral_restr               0.124  0.200  ? 243  'X-RAY DIFFRACTION' ? 
r_gen_planes_refined         0.008  0.020  ? 1288 'X-RAY DIFFRACTION' ? 
r_gen_planes_other           ?      ?      ? ?    'X-RAY DIFFRACTION' ? 
r_nbd_refined                0.226  0.200  ? 671  'X-RAY DIFFRACTION' ? 
r_nbd_other                  ?      ?      ? ?    'X-RAY DIFFRACTION' ? 
r_nbtor_refined              0.313  0.200  ? 1137 'X-RAY DIFFRACTION' ? 
r_nbtor_other                ?      ?      ? ?    'X-RAY DIFFRACTION' ? 
r_xyhbond_nbd_refined        0.187  0.200  ? 110  'X-RAY DIFFRACTION' ? 
r_xyhbond_nbd_other          ?      ?      ? ?    'X-RAY DIFFRACTION' ? 
r_metal_ion_refined          ?      ?      ? ?    'X-RAY DIFFRACTION' ? 
r_metal_ion_other            ?      ?      ? ?    'X-RAY DIFFRACTION' ? 
r_symmetry_vdw_refined       0.170  0.200  ? 23   'X-RAY DIFFRACTION' ? 
r_symmetry_vdw_other         ?      ?      ? ?    'X-RAY DIFFRACTION' ? 
r_symmetry_hbond_refined     0.237  0.200  ? 6    'X-RAY DIFFRACTION' ? 
r_symmetry_hbond_other       ?      ?      ? ?    'X-RAY DIFFRACTION' ? 
r_symmetry_metal_ion_refined ?      ?      ? ?    'X-RAY DIFFRACTION' ? 
r_symmetry_metal_ion_other   ?      ?      ? ?    'X-RAY DIFFRACTION' ? 
r_mcbond_it                  1.421  1.500  ? 1054 'X-RAY DIFFRACTION' ? 
r_mcbond_other               ?      ?      ? ?    'X-RAY DIFFRACTION' ? 
r_mcangle_it                 1.849  2.000  ? 1656 'X-RAY DIFFRACTION' ? 
r_scbond_it                  3.404  3.000  ? 656  'X-RAY DIFFRACTION' ? 
r_scangle_it                 4.894  4.500  ? 566  'X-RAY DIFFRACTION' ? 
r_rigid_bond_restr           ?      ?      ? ?    'X-RAY DIFFRACTION' ? 
r_sphericity_free            ?      ?      ? ?    'X-RAY DIFFRACTION' ? 
r_sphericity_bonded          ?      ?      ? ?    'X-RAY DIFFRACTION' ? 
# 
_refine_ls_shell.pdbx_total_number_of_bins_used   20 
_refine_ls_shell.d_res_high                       1.710 
_refine_ls_shell.d_res_low                        1.754 
_refine_ls_shell.number_reflns_R_work             1115 
_refine_ls_shell.R_factor_R_work                  0.205 
_refine_ls_shell.percent_reflns_obs               68.79 
_refine_ls_shell.R_factor_R_free                  0.236 
_refine_ls_shell.R_factor_R_free_error            ? 
_refine_ls_shell.percent_reflns_R_free            ? 
_refine_ls_shell.number_reflns_R_free             126 
_refine_ls_shell.number_reflns_all                ? 
_refine_ls_shell.R_factor_all                     ? 
_refine_ls_shell.number_reflns_obs                1258 
_refine_ls_shell.redundancy_reflns_obs            ? 
_refine_ls_shell.pdbx_refine_id                   'X-RAY DIFFRACTION' 
# 
_struct.entry_id                  2QRR 
_struct.title                     
'Crystal structure of the soluble domain of the ABC transporter, ATP-binding protein from Vibrio parahaemolyticus' 
_struct.pdbx_model_details        ? 
_struct.pdbx_CASP_flag            ? 
_struct.pdbx_model_type_details   ? 
# 
_struct_keywords.entry_id        2QRR 
_struct_keywords.pdbx_keywords   HYDROLASE 
_struct_keywords.text            
;alpha-beta structure, Structural Genomics, PSI-2, Protein Structure Initiative, Midwest Center for Structural Genomics, MCSG, Amino-acid transport, ATP-binding, Hydrolase, Inner membrane, Membrane, Nucleotide-binding, Transport
;
# 
loop_
_struct_asym.id 
_struct_asym.pdbx_blank_PDB_chainid_flag 
_struct_asym.pdbx_modified 
_struct_asym.entity_id 
_struct_asym.details 
A N N 1 ? 
B N N 1 ? 
C N N 2 ? 
D N N 3 ? 
E N N 3 ? 
# 
_struct_ref.id                         1 
_struct_ref.db_name                    UNP 
_struct_ref.db_code                    METN_VIBPA 
_struct_ref.pdbx_db_accession          Q87RS1 
_struct_ref.entity_id                  1 
_struct_ref.pdbx_seq_one_letter_code   
;LSIPEDYQARLQPNRVEGSYPLVRMEFTGATVDAPLMSQISRKYNIDVSILSSDLDYAGGVKFGMMVAELFGNEQDDSAA
IEYLREHNVKVEVLGYVL
;
_struct_ref.pdbx_align_begin           247 
_struct_ref.pdbx_db_isoform            ? 
# 
loop_
_struct_ref_seq.align_id 
_struct_ref_seq.ref_id 
_struct_ref_seq.pdbx_PDB_id_code 
_struct_ref_seq.pdbx_strand_id 
_struct_ref_seq.seq_align_beg 
_struct_ref_seq.pdbx_seq_align_beg_ins_code 
_struct_ref_seq.seq_align_end 
_struct_ref_seq.pdbx_seq_align_end_ins_code 
_struct_ref_seq.pdbx_db_accession 
_struct_ref_seq.db_align_beg 
_struct_ref_seq.pdbx_db_align_beg_ins_code 
_struct_ref_seq.db_align_end 
_struct_ref_seq.pdbx_db_align_end_ins_code 
_struct_ref_seq.pdbx_auth_seq_align_beg 
_struct_ref_seq.pdbx_auth_seq_align_end 
1 1 2QRR A 4 ? 101 ? Q87RS1 247 ? 344 ? 1 98 
2 1 2QRR B 4 ? 101 ? Q87RS1 247 ? 344 ? 1 98 
# 
loop_
_struct_ref_seq_dif.align_id 
_struct_ref_seq_dif.pdbx_pdb_id_code 
_struct_ref_seq_dif.mon_id 
_struct_ref_seq_dif.pdbx_pdb_strand_id 
_struct_ref_seq_dif.seq_num 
_struct_ref_seq_dif.pdbx_pdb_ins_code 
_struct_ref_seq_dif.pdbx_seq_db_name 
_struct_ref_seq_dif.pdbx_seq_db_accession_code 
_struct_ref_seq_dif.db_mon_id 
_struct_ref_seq_dif.pdbx_seq_db_seq_num 
_struct_ref_seq_dif.details 
_struct_ref_seq_dif.pdbx_auth_seq_num 
_struct_ref_seq_dif.pdbx_ordinal 
1 2QRR SER A 1  ? UNP Q87RS1 ?   ?   'expression tag' -2 1 
1 2QRR ASN A 2  ? UNP Q87RS1 ?   ?   'expression tag' -1 2 
1 2QRR ALA A 3  ? UNP Q87RS1 ?   ?   'expression tag' 0  3 
1 2QRR ASN A 90 ? UNP Q87RS1 HIS 333 'SEE REMARK 999' 87 4 
2 2QRR SER B 1  ? UNP Q87RS1 ?   ?   'expression tag' -2 5 
2 2QRR ASN B 2  ? UNP Q87RS1 ?   ?   'expression tag' -1 6 
2 2QRR ALA B 3  ? UNP Q87RS1 ?   ?   'expression tag' 0  7 
2 2QRR ASN B 90 ? UNP Q87RS1 HIS 333 'SEE REMARK 999' 87 8 
# 
_pdbx_struct_assembly.id                   1 
_pdbx_struct_assembly.details              author_and_software_defined_assembly 
_pdbx_struct_assembly.method_details       PISA 
_pdbx_struct_assembly.oligomeric_details   dimeric 
_pdbx_struct_assembly.oligomeric_count     2 
# 
_pdbx_struct_assembly_prop.biol_id   1 
_pdbx_struct_assembly_prop.type      'ABSA (A^2)' 
_pdbx_struct_assembly_prop.value     2080 
_pdbx_struct_assembly_prop.details   ? 
# 
_pdbx_struct_assembly_gen.assembly_id       1 
_pdbx_struct_assembly_gen.oper_expression   1 
_pdbx_struct_assembly_gen.asym_id_list      A,B,C,D,E 
# 
_pdbx_struct_oper_list.id                   1 
_pdbx_struct_oper_list.type                 'identity operation' 
_pdbx_struct_oper_list.name                 1_555 
_pdbx_struct_oper_list.symmetry_operation   x,y,z 
_pdbx_struct_oper_list.matrix[1][1]         1.0000000000 
_pdbx_struct_oper_list.matrix[1][2]         0.0000000000 
_pdbx_struct_oper_list.matrix[1][3]         0.0000000000 
_pdbx_struct_oper_list.vector[1]            0.0000000000 
_pdbx_struct_oper_list.matrix[2][1]         0.0000000000 
_pdbx_struct_oper_list.matrix[2][2]         1.0000000000 
_pdbx_struct_oper_list.matrix[2][3]         0.0000000000 
_pdbx_struct_oper_list.vector[2]            0.0000000000 
_pdbx_struct_oper_list.matrix[3][1]         0.0000000000 
_pdbx_struct_oper_list.matrix[3][2]         0.0000000000 
_pdbx_struct_oper_list.matrix[3][3]         1.0000000000 
_pdbx_struct_oper_list.vector[3]            0.0000000000 
# 
_struct_biol.id   1 
# 
loop_
_struct_conf.conf_type_id 
_struct_conf.id 
_struct_conf.pdbx_PDB_helix_id 
_struct_conf.beg_label_comp_id 
_struct_conf.beg_label_asym_id 
_struct_conf.beg_label_seq_id 
_struct_conf.pdbx_beg_PDB_ins_code 
_struct_conf.end_label_comp_id 
_struct_conf.end_label_asym_id 
_struct_conf.end_label_seq_id 
_struct_conf.pdbx_end_PDB_ins_code 
_struct_conf.beg_auth_comp_id 
_struct_conf.beg_auth_asym_id 
_struct_conf.beg_auth_seq_id 
_struct_conf.end_auth_comp_id 
_struct_conf.end_auth_asym_id 
_struct_conf.end_auth_seq_id 
_struct_conf.pdbx_PDB_helix_class 
_struct_conf.details 
_struct_conf.pdbx_PDB_helix_length 
HELX_P HELX_P1 1 PRO A 7  ? ARG A 13 ? PRO A 4  ARG A 10 1 ? 7  
HELX_P HELX_P2 2 PRO A 38 ? TYR A 47 ? PRO A 35 TYR A 44 1 ? 10 
HELX_P HELX_P3 3 ASN A 76 ? ASN A 90 ? ASN A 73 ASN A 87 1 ? 15 
HELX_P HELX_P4 4 PRO B 7  ? ARG B 13 ? PRO B 4  ARG B 10 1 ? 7  
HELX_P HELX_P5 5 PRO B 38 ? TYR B 47 ? PRO B 35 TYR B 44 1 ? 10 
HELX_P HELX_P6 6 ASN B 76 ? ASN B 90 ? ASN B 73 ASN B 87 1 ? 15 
# 
_struct_conf_type.id          HELX_P 
_struct_conf_type.criteria    ? 
_struct_conf_type.reference   ? 
# 
loop_
_struct_conn.id 
_struct_conn.conn_type_id 
_struct_conn.pdbx_leaving_atom_flag 
_struct_conn.pdbx_PDB_id 
_struct_conn.ptnr1_label_asym_id 
_struct_conn.ptnr1_label_comp_id 
_struct_conn.ptnr1_label_seq_id 
_struct_conn.ptnr1_label_atom_id 
_struct_conn.pdbx_ptnr1_label_alt_id 
_struct_conn.pdbx_ptnr1_PDB_ins_code 
_struct_conn.pdbx_ptnr1_standard_comp_id 
_struct_conn.ptnr1_symmetry 
_struct_conn.ptnr2_label_asym_id 
_struct_conn.ptnr2_label_comp_id 
_struct_conn.ptnr2_label_seq_id 
_struct_conn.ptnr2_label_atom_id 
_struct_conn.pdbx_ptnr2_label_alt_id 
_struct_conn.pdbx_ptnr2_PDB_ins_code 
_struct_conn.ptnr1_auth_asym_id 
_struct_conn.ptnr1_auth_comp_id 
_struct_conn.ptnr1_auth_seq_id 
_struct_conn.ptnr2_auth_asym_id 
_struct_conn.ptnr2_auth_comp_id 
_struct_conn.ptnr2_auth_seq_id 
_struct_conn.ptnr2_symmetry 
_struct_conn.pdbx_ptnr3_label_atom_id 
_struct_conn.pdbx_ptnr3_label_seq_id 
_struct_conn.pdbx_ptnr3_label_comp_id 
_struct_conn.pdbx_ptnr3_label_asym_id 
_struct_conn.pdbx_ptnr3_label_alt_id 
_struct_conn.pdbx_ptnr3_PDB_ins_code 
_struct_conn.details 
_struct_conn.pdbx_dist_value 
_struct_conn.pdbx_value_order 
_struct_conn.pdbx_role 
covale1  covale both ? A ARG 27 C ? ? ? 1_555 A MSE 28 N ? ? A ARG 24 A MSE 25 1_555 ? ? ? ? ? ? ? 1.339 ? ? 
covale2  covale both ? A MSE 28 C ? ? ? 1_555 A GLU 29 N ? ? A MSE 25 A GLU 26 1_555 ? ? ? ? ? ? ? 1.345 ? ? 
covale3  covale both ? A LEU 39 C ? ? ? 1_555 A MSE 40 N ? ? A LEU 36 A MSE 37 1_555 ? ? ? ? ? ? ? 1.345 ? ? 
covale4  covale both ? A MSE 40 C ? ? ? 1_555 A SER 41 N ? ? A MSE 37 A SER 38 1_555 ? ? ? ? ? ? ? 1.339 ? ? 
covale5  covale both ? A GLY 67 C ? ? ? 1_555 A MSE 68 N ? ? A GLY 64 A MSE 65 1_555 ? ? ? ? ? ? ? 1.327 ? ? 
covale6  covale both ? A MSE 68 C ? ? ? 1_555 A MSE 69 N ? ? A MSE 65 A MSE 66 1_555 ? ? ? ? ? ? ? 1.322 ? ? 
covale7  covale both ? A MSE 69 C ? ? ? 1_555 A VAL 70 N ? ? A MSE 66 A VAL 67 1_555 ? ? ? ? ? ? ? 1.327 ? ? 
covale8  covale both ? B ARG 27 C ? ? ? 1_555 B MSE 28 N ? ? B ARG 24 B MSE 25 1_555 ? ? ? ? ? ? ? 1.329 ? ? 
covale9  covale both ? B MSE 28 C ? ? ? 1_555 B GLU 29 N ? ? B MSE 25 B GLU 26 1_555 ? ? ? ? ? ? ? 1.328 ? ? 
covale10 covale both ? B LEU 39 C ? ? ? 1_555 B MSE 40 N ? ? B LEU 36 B MSE 37 1_555 ? ? ? ? ? ? ? 1.321 ? ? 
covale11 covale both ? B MSE 40 C ? ? ? 1_555 B SER 41 N ? ? B MSE 37 B SER 38 1_555 ? ? ? ? ? ? ? 1.331 ? ? 
covale12 covale both ? B GLY 67 C ? ? ? 1_555 B MSE 68 N ? ? B GLY 64 B MSE 65 1_555 ? ? ? ? ? ? ? 1.338 ? ? 
covale13 covale both ? B MSE 68 C ? ? ? 1_555 B MSE 69 N ? ? B MSE 65 B MSE 66 1_555 ? ? ? ? ? ? ? 1.323 ? ? 
covale14 covale both ? B MSE 69 C ? ? ? 1_555 B VAL 70 N ? ? B MSE 66 B VAL 67 1_555 ? ? ? ? ? ? ? 1.344 ? ? 
# 
_struct_conn_type.id          covale 
_struct_conn_type.criteria    ? 
_struct_conn_type.reference   ? 
# 
loop_
_pdbx_modification_feature.ordinal 
_pdbx_modification_feature.label_comp_id 
_pdbx_modification_feature.label_asym_id 
_pdbx_modification_feature.label_seq_id 
_pdbx_modification_feature.label_alt_id 
_pdbx_modification_feature.modified_residue_label_comp_id 
_pdbx_modification_feature.modified_residue_label_asym_id 
_pdbx_modification_feature.modified_residue_label_seq_id 
_pdbx_modification_feature.modified_residue_label_alt_id 
_pdbx_modification_feature.auth_comp_id 
_pdbx_modification_feature.auth_asym_id 
_pdbx_modification_feature.auth_seq_id 
_pdbx_modification_feature.PDB_ins_code 
_pdbx_modification_feature.symmetry 
_pdbx_modification_feature.modified_residue_auth_comp_id 
_pdbx_modification_feature.modified_residue_auth_asym_id 
_pdbx_modification_feature.modified_residue_auth_seq_id 
_pdbx_modification_feature.modified_residue_PDB_ins_code 
_pdbx_modification_feature.modified_residue_symmetry 
_pdbx_modification_feature.comp_id_linking_atom 
_pdbx_modification_feature.modified_residue_id_linking_atom 
_pdbx_modification_feature.modified_residue_id 
_pdbx_modification_feature.ref_pcm_id 
_pdbx_modification_feature.ref_comp_id 
_pdbx_modification_feature.type 
_pdbx_modification_feature.category 
1 MSE A 28 ? . . . . MSE A 25 ? 1_555 . . . . . . . MET 1 MSE Selenomethionine 'Named protein modification' 
2 MSE A 40 ? . . . . MSE A 37 ? 1_555 . . . . . . . MET 1 MSE Selenomethionine 'Named protein modification' 
3 MSE A 68 ? . . . . MSE A 65 ? 1_555 . . . . . . . MET 1 MSE Selenomethionine 'Named protein modification' 
4 MSE A 69 ? . . . . MSE A 66 ? 1_555 . . . . . . . MET 1 MSE Selenomethionine 'Named protein modification' 
5 MSE B 28 ? . . . . MSE B 25 ? 1_555 . . . . . . . MET 1 MSE Selenomethionine 'Named protein modification' 
6 MSE B 40 ? . . . . MSE B 37 ? 1_555 . . . . . . . MET 1 MSE Selenomethionine 'Named protein modification' 
7 MSE B 68 ? . . . . MSE B 65 ? 1_555 . . . . . . . MET 1 MSE Selenomethionine 'Named protein modification' 
8 MSE B 69 ? . . . . MSE B 66 ? 1_555 . . . . . . . MET 1 MSE Selenomethionine 'Named protein modification' 
# 
_struct_sheet.id               A 
_struct_sheet.type             ? 
_struct_sheet.number_strands   10 
_struct_sheet.details          ? 
# 
loop_
_struct_sheet_order.sheet_id 
_struct_sheet_order.range_id_1 
_struct_sheet_order.range_id_2 
_struct_sheet_order.offset 
_struct_sheet_order.sense 
A 1 2  ? anti-parallel 
A 2 3  ? anti-parallel 
A 3 4  ? anti-parallel 
A 4 5  ? anti-parallel 
A 5 6  ? anti-parallel 
A 6 7  ? anti-parallel 
A 7 8  ? anti-parallel 
A 8 9  ? anti-parallel 
A 9 10 ? anti-parallel 
# 
loop_
_struct_sheet_range.sheet_id 
_struct_sheet_range.id 
_struct_sheet_range.beg_label_comp_id 
_struct_sheet_range.beg_label_asym_id 
_struct_sheet_range.beg_label_seq_id 
_struct_sheet_range.pdbx_beg_PDB_ins_code 
_struct_sheet_range.end_label_comp_id 
_struct_sheet_range.end_label_asym_id 
_struct_sheet_range.end_label_seq_id 
_struct_sheet_range.pdbx_end_PDB_ins_code 
_struct_sheet_range.beg_auth_comp_id 
_struct_sheet_range.beg_auth_asym_id 
_struct_sheet_range.beg_auth_seq_id 
_struct_sheet_range.end_auth_comp_id 
_struct_sheet_range.end_auth_asym_id 
_struct_sheet_range.end_auth_seq_id 
A 1  LEU A 14 ? GLN A 15  ? LEU A 11 GLN A 12 
A 2  LYS A 93 ? VAL A 100 ? LYS A 90 VAL A 97 
A 3  TYR A 23 ? PHE A 30  ? TYR A 20 PHE A 27 
A 4  VAL A 64 ? PHE A 74  ? VAL A 61 PHE A 71 
A 5  ASP A 50 ? ALA A 61  ? ASP A 47 ALA A 58 
A 6  ASP B 50 ? ALA B 61  ? ASP B 47 ALA B 58 
A 7  VAL B 64 ? PHE B 74  ? VAL B 61 PHE B 71 
A 8  TYR B 23 ? PHE B 30  ? TYR B 20 PHE B 27 
A 9  LYS B 93 ? VAL B 100 ? LYS B 90 VAL B 97 
A 10 LEU B 14 ? GLN B 15  ? LEU B 11 GLN B 12 
# 
loop_
_pdbx_struct_sheet_hbond.sheet_id 
_pdbx_struct_sheet_hbond.range_id_1 
_pdbx_struct_sheet_hbond.range_id_2 
_pdbx_struct_sheet_hbond.range_1_label_atom_id 
_pdbx_struct_sheet_hbond.range_1_label_comp_id 
_pdbx_struct_sheet_hbond.range_1_label_asym_id 
_pdbx_struct_sheet_hbond.range_1_label_seq_id 
_pdbx_struct_sheet_hbond.range_1_PDB_ins_code 
_pdbx_struct_sheet_hbond.range_1_auth_atom_id 
_pdbx_struct_sheet_hbond.range_1_auth_comp_id 
_pdbx_struct_sheet_hbond.range_1_auth_asym_id 
_pdbx_struct_sheet_hbond.range_1_auth_seq_id 
_pdbx_struct_sheet_hbond.range_2_label_atom_id 
_pdbx_struct_sheet_hbond.range_2_label_comp_id 
_pdbx_struct_sheet_hbond.range_2_label_asym_id 
_pdbx_struct_sheet_hbond.range_2_label_seq_id 
_pdbx_struct_sheet_hbond.range_2_PDB_ins_code 
_pdbx_struct_sheet_hbond.range_2_auth_atom_id 
_pdbx_struct_sheet_hbond.range_2_auth_comp_id 
_pdbx_struct_sheet_hbond.range_2_auth_asym_id 
_pdbx_struct_sheet_hbond.range_2_auth_seq_id 
A 1 2  N GLN A 15  ? N GLN A 12 O TYR A 99  ? O TYR A 96 
A 2 3  O VAL A 100 ? O VAL A 97 N TYR A 23  ? N TYR A 20 
A 3 4  N MSE A 28  ? N MSE A 25 O MSE A 69  ? O MSE A 66 
A 4 5  O GLU A 72  ? O GLU A 69 N SER A 52  ? N SER A 49 
A 5 6  N SER A 56  ? N SER A 53 O LEU B 58  ? O LEU B 55 
A 6 7  N SER B 52  ? N SER B 49 O GLU B 72  ? O GLU B 69 
A 7 8  O GLY B 67  ? O GLY B 64 N PHE B 30  ? N PHE B 27 
A 8 9  N TYR B 23  ? N TYR B 20 O VAL B 100 ? O VAL B 97 
A 9 10 O TYR B 99  ? O TYR B 96 N GLN B 15  ? N GLN B 12 
# 
_pdbx_entry_details.entry_id                   2QRR 
_pdbx_entry_details.compound_details           ? 
_pdbx_entry_details.source_details             ? 
_pdbx_entry_details.nonpolymer_details         ? 
_pdbx_entry_details.sequence_details           ? 
_pdbx_entry_details.has_ligand_of_interest     ? 
_pdbx_entry_details.has_protein_modification   Y 
# 
loop_
_pdbx_validate_close_contact.id 
_pdbx_validate_close_contact.PDB_model_num 
_pdbx_validate_close_contact.auth_atom_id_1 
_pdbx_validate_close_contact.auth_asym_id_1 
_pdbx_validate_close_contact.auth_comp_id_1 
_pdbx_validate_close_contact.auth_seq_id_1 
_pdbx_validate_close_contact.PDB_ins_code_1 
_pdbx_validate_close_contact.label_alt_id_1 
_pdbx_validate_close_contact.auth_atom_id_2 
_pdbx_validate_close_contact.auth_asym_id_2 
_pdbx_validate_close_contact.auth_comp_id_2 
_pdbx_validate_close_contact.auth_seq_id_2 
_pdbx_validate_close_contact.PDB_ins_code_2 
_pdbx_validate_close_contact.label_alt_id_2 
_pdbx_validate_close_contact.dist 
1 1 NE2 A GLN 12 ? ? O   A HOH 160 ? ? 2.14 
2 1 NH2 A ARG 15 ? ? OD2 A ASP 77  ? ? 2.19 
# 
_pdbx_validate_torsion.id              1 
_pdbx_validate_torsion.PDB_model_num   1 
_pdbx_validate_torsion.auth_comp_id    ASP 
_pdbx_validate_torsion.auth_asym_id    B 
_pdbx_validate_torsion.auth_seq_id     54 
_pdbx_validate_torsion.PDB_ins_code    ? 
_pdbx_validate_torsion.label_alt_id    B 
_pdbx_validate_torsion.phi             -146.47 
_pdbx_validate_torsion.psi             32.41 
# 
_pdbx_SG_project.id                    1 
_pdbx_SG_project.project_name          'PSI, Protein Structure Initiative' 
_pdbx_SG_project.full_name_of_center   'Midwest Center for Structural Genomics' 
_pdbx_SG_project.initial_of_center     MCSG 
# 
loop_
_pdbx_struct_mod_residue.id 
_pdbx_struct_mod_residue.label_asym_id 
_pdbx_struct_mod_residue.label_comp_id 
_pdbx_struct_mod_residue.label_seq_id 
_pdbx_struct_mod_residue.auth_asym_id 
_pdbx_struct_mod_residue.auth_comp_id 
_pdbx_struct_mod_residue.auth_seq_id 
_pdbx_struct_mod_residue.PDB_ins_code 
_pdbx_struct_mod_residue.parent_comp_id 
_pdbx_struct_mod_residue.details 
1 A MSE 28 A MSE 25 ? MET SELENOMETHIONINE 
2 A MSE 40 A MSE 37 ? MET SELENOMETHIONINE 
3 A MSE 68 A MSE 65 ? MET SELENOMETHIONINE 
4 A MSE 69 A MSE 66 ? MET SELENOMETHIONINE 
5 B MSE 28 B MSE 25 ? MET SELENOMETHIONINE 
6 B MSE 40 B MSE 37 ? MET SELENOMETHIONINE 
7 B MSE 68 B MSE 65 ? MET SELENOMETHIONINE 
8 B MSE 69 B MSE 66 ? MET SELENOMETHIONINE 
# 
loop_
_pdbx_refine_tls.id 
_pdbx_refine_tls.details 
_pdbx_refine_tls.method 
_pdbx_refine_tls.origin_x 
_pdbx_refine_tls.origin_y 
_pdbx_refine_tls.origin_z 
_pdbx_refine_tls.T[1][1] 
_pdbx_refine_tls.T[2][2] 
_pdbx_refine_tls.T[3][3] 
_pdbx_refine_tls.T[1][2] 
_pdbx_refine_tls.T[1][3] 
_pdbx_refine_tls.T[2][3] 
_pdbx_refine_tls.L[1][1] 
_pdbx_refine_tls.L[2][2] 
_pdbx_refine_tls.L[3][3] 
_pdbx_refine_tls.L[1][2] 
_pdbx_refine_tls.L[1][3] 
_pdbx_refine_tls.L[2][3] 
_pdbx_refine_tls.S[1][1] 
_pdbx_refine_tls.S[1][2] 
_pdbx_refine_tls.S[1][3] 
_pdbx_refine_tls.S[2][1] 
_pdbx_refine_tls.S[2][2] 
_pdbx_refine_tls.S[2][3] 
_pdbx_refine_tls.S[3][1] 
_pdbx_refine_tls.S[3][2] 
_pdbx_refine_tls.S[3][3] 
_pdbx_refine_tls.pdbx_refine_id 
1 ? refined -4.1775 -1.3138 -8.9967 -0.0259 -0.0553 -0.0115 0.0054  -0.0145 -0.0016 1.7468 0.5690 1.5722 -0.1943 -0.0210 0.6721  -0.0658 0.0487  -0.0508 -0.0620 0.0145 0.0354 -0.0919 -0.0033 0.0513 'X-RAY DIFFRACTION' 
2 ? refined 3.9332  1.9463  8.5258  -0.0266 -0.0358 -0.0190 -0.0255 -0.0158 0.0163  0.9555 0.2558 2.2370 0.1084  0.0271  -0.1130 -0.0912 -0.0610 -0.0423 0.0600  0.0040 0.0213 -0.1849 0.1621  0.0872 'X-RAY DIFFRACTION' 
# 
loop_
_pdbx_refine_tls_group.id 
_pdbx_refine_tls_group.refine_tls_id 
_pdbx_refine_tls_group.beg_auth_asym_id 
_pdbx_refine_tls_group.beg_auth_seq_id 
_pdbx_refine_tls_group.beg_label_asym_id 
_pdbx_refine_tls_group.beg_label_seq_id 
_pdbx_refine_tls_group.end_auth_asym_id 
_pdbx_refine_tls_group.end_auth_seq_id 
_pdbx_refine_tls_group.end_label_asym_id 
_pdbx_refine_tls_group.end_label_seq_id 
_pdbx_refine_tls_group.selection 
_pdbx_refine_tls_group.pdbx_refine_id 
_pdbx_refine_tls_group.selection_details 
1 1 A 2 A 5 A 98 A 101 ? 'X-RAY DIFFRACTION' ? 
2 2 B 1 B 4 B 98 B 101 ? 'X-RAY DIFFRACTION' ? 
# 
_pdbx_database_remark.id     999 
_pdbx_database_remark.text   
;
SEQUENCE
AUTHORS CONFIRM THE PRESENCE OF ASN RESIDUE AT THE SEQUENCE
POSITION 333 (RESIDUE NUMBER 87 IN COORDINATES) AND STATE
THAT IT IS UNCLEAR WHETHER IT IS A MISTAKE FROM PCR OR A
MISTAKE IN ORIGINAL SEQUENCING (IN SEQUENCE ANNOTATION IN
THE UNIPROT DATABASE).
;
# 
loop_
_pdbx_unobs_or_zero_occ_residues.id 
_pdbx_unobs_or_zero_occ_residues.PDB_model_num 
_pdbx_unobs_or_zero_occ_residues.polymer_flag 
_pdbx_unobs_or_zero_occ_residues.occupancy_flag 
_pdbx_unobs_or_zero_occ_residues.auth_asym_id 
_pdbx_unobs_or_zero_occ_residues.auth_comp_id 
_pdbx_unobs_or_zero_occ_residues.auth_seq_id 
_pdbx_unobs_or_zero_occ_residues.PDB_ins_code 
_pdbx_unobs_or_zero_occ_residues.label_asym_id 
_pdbx_unobs_or_zero_occ_residues.label_comp_id 
_pdbx_unobs_or_zero_occ_residues.label_seq_id 
1 1 Y 1 A SER -2 ? A SER 1 
2 1 Y 1 A ASN -1 ? A ASN 2 
3 1 Y 1 A ALA 0  ? A ALA 3 
4 1 Y 1 A LEU 1  ? A LEU 4 
5 1 Y 1 B SER -2 ? B SER 1 
6 1 Y 1 B ASN -1 ? B ASN 2 
7 1 Y 1 B ALA 0  ? B ALA 3 
# 
loop_
_chem_comp_atom.comp_id 
_chem_comp_atom.atom_id 
_chem_comp_atom.type_symbol 
_chem_comp_atom.pdbx_aromatic_flag 
_chem_comp_atom.pdbx_stereo_config 
_chem_comp_atom.pdbx_ordinal 
ALA N    N  N N 1   
ALA CA   C  N S 2   
ALA C    C  N N 3   
ALA O    O  N N 4   
ALA CB   C  N N 5   
ALA OXT  O  N N 6   
ALA H    H  N N 7   
ALA H2   H  N N 8   
ALA HA   H  N N 9   
ALA HB1  H  N N 10  
ALA HB2  H  N N 11  
ALA HB3  H  N N 12  
ALA HXT  H  N N 13  
ARG N    N  N N 14  
ARG CA   C  N S 15  
ARG C    C  N N 16  
ARG O    O  N N 17  
ARG CB   C  N N 18  
ARG CG   C  N N 19  
ARG CD   C  N N 20  
ARG NE   N  N N 21  
ARG CZ   C  N N 22  
ARG NH1  N  N N 23  
ARG NH2  N  N N 24  
ARG OXT  O  N N 25  
ARG H    H  N N 26  
ARG H2   H  N N 27  
ARG HA   H  N N 28  
ARG HB2  H  N N 29  
ARG HB3  H  N N 30  
ARG HG2  H  N N 31  
ARG HG3  H  N N 32  
ARG HD2  H  N N 33  
ARG HD3  H  N N 34  
ARG HE   H  N N 35  
ARG HH11 H  N N 36  
ARG HH12 H  N N 37  
ARG HH21 H  N N 38  
ARG HH22 H  N N 39  
ARG HXT  H  N N 40  
ASN N    N  N N 41  
ASN CA   C  N S 42  
ASN C    C  N N 43  
ASN O    O  N N 44  
ASN CB   C  N N 45  
ASN CG   C  N N 46  
ASN OD1  O  N N 47  
ASN ND2  N  N N 48  
ASN OXT  O  N N 49  
ASN H    H  N N 50  
ASN H2   H  N N 51  
ASN HA   H  N N 52  
ASN HB2  H  N N 53  
ASN HB3  H  N N 54  
ASN HD21 H  N N 55  
ASN HD22 H  N N 56  
ASN HXT  H  N N 57  
ASP N    N  N N 58  
ASP CA   C  N S 59  
ASP C    C  N N 60  
ASP O    O  N N 61  
ASP CB   C  N N 62  
ASP CG   C  N N 63  
ASP OD1  O  N N 64  
ASP OD2  O  N N 65  
ASP OXT  O  N N 66  
ASP H    H  N N 67  
ASP H2   H  N N 68  
ASP HA   H  N N 69  
ASP HB2  H  N N 70  
ASP HB3  H  N N 71  
ASP HD2  H  N N 72  
ASP HXT  H  N N 73  
CL  CL   CL N N 74  
GLN N    N  N N 75  
GLN CA   C  N S 76  
GLN C    C  N N 77  
GLN O    O  N N 78  
GLN CB   C  N N 79  
GLN CG   C  N N 80  
GLN CD   C  N N 81  
GLN OE1  O  N N 82  
GLN NE2  N  N N 83  
GLN OXT  O  N N 84  
GLN H    H  N N 85  
GLN H2   H  N N 86  
GLN HA   H  N N 87  
GLN HB2  H  N N 88  
GLN HB3  H  N N 89  
GLN HG2  H  N N 90  
GLN HG3  H  N N 91  
GLN HE21 H  N N 92  
GLN HE22 H  N N 93  
GLN HXT  H  N N 94  
GLU N    N  N N 95  
GLU CA   C  N S 96  
GLU C    C  N N 97  
GLU O    O  N N 98  
GLU CB   C  N N 99  
GLU CG   C  N N 100 
GLU CD   C  N N 101 
GLU OE1  O  N N 102 
GLU OE2  O  N N 103 
GLU OXT  O  N N 104 
GLU H    H  N N 105 
GLU H2   H  N N 106 
GLU HA   H  N N 107 
GLU HB2  H  N N 108 
GLU HB3  H  N N 109 
GLU HG2  H  N N 110 
GLU HG3  H  N N 111 
GLU HE2  H  N N 112 
GLU HXT  H  N N 113 
GLY N    N  N N 114 
GLY CA   C  N N 115 
GLY C    C  N N 116 
GLY O    O  N N 117 
GLY OXT  O  N N 118 
GLY H    H  N N 119 
GLY H2   H  N N 120 
GLY HA2  H  N N 121 
GLY HA3  H  N N 122 
GLY HXT  H  N N 123 
HIS N    N  N N 124 
HIS CA   C  N S 125 
HIS C    C  N N 126 
HIS O    O  N N 127 
HIS CB   C  N N 128 
HIS CG   C  Y N 129 
HIS ND1  N  Y N 130 
HIS CD2  C  Y N 131 
HIS CE1  C  Y N 132 
HIS NE2  N  Y N 133 
HIS OXT  O  N N 134 
HIS H    H  N N 135 
HIS H2   H  N N 136 
HIS HA   H  N N 137 
HIS HB2  H  N N 138 
HIS HB3  H  N N 139 
HIS HD1  H  N N 140 
HIS HD2  H  N N 141 
HIS HE1  H  N N 142 
HIS HE2  H  N N 143 
HIS HXT  H  N N 144 
HOH O    O  N N 145 
HOH H1   H  N N 146 
HOH H2   H  N N 147 
ILE N    N  N N 148 
ILE CA   C  N S 149 
ILE C    C  N N 150 
ILE O    O  N N 151 
ILE CB   C  N S 152 
ILE CG1  C  N N 153 
ILE CG2  C  N N 154 
ILE CD1  C  N N 155 
ILE OXT  O  N N 156 
ILE H    H  N N 157 
ILE H2   H  N N 158 
ILE HA   H  N N 159 
ILE HB   H  N N 160 
ILE HG12 H  N N 161 
ILE HG13 H  N N 162 
ILE HG21 H  N N 163 
ILE HG22 H  N N 164 
ILE HG23 H  N N 165 
ILE HD11 H  N N 166 
ILE HD12 H  N N 167 
ILE HD13 H  N N 168 
ILE HXT  H  N N 169 
LEU N    N  N N 170 
LEU CA   C  N S 171 
LEU C    C  N N 172 
LEU O    O  N N 173 
LEU CB   C  N N 174 
LEU CG   C  N N 175 
LEU CD1  C  N N 176 
LEU CD2  C  N N 177 
LEU OXT  O  N N 178 
LEU H    H  N N 179 
LEU H2   H  N N 180 
LEU HA   H  N N 181 
LEU HB2  H  N N 182 
LEU HB3  H  N N 183 
LEU HG   H  N N 184 
LEU HD11 H  N N 185 
LEU HD12 H  N N 186 
LEU HD13 H  N N 187 
LEU HD21 H  N N 188 
LEU HD22 H  N N 189 
LEU HD23 H  N N 190 
LEU HXT  H  N N 191 
LYS N    N  N N 192 
LYS CA   C  N S 193 
LYS C    C  N N 194 
LYS O    O  N N 195 
LYS CB   C  N N 196 
LYS CG   C  N N 197 
LYS CD   C  N N 198 
LYS CE   C  N N 199 
LYS NZ   N  N N 200 
LYS OXT  O  N N 201 
LYS H    H  N N 202 
LYS H2   H  N N 203 
LYS HA   H  N N 204 
LYS HB2  H  N N 205 
LYS HB3  H  N N 206 
LYS HG2  H  N N 207 
LYS HG3  H  N N 208 
LYS HD2  H  N N 209 
LYS HD3  H  N N 210 
LYS HE2  H  N N 211 
LYS HE3  H  N N 212 
LYS HZ1  H  N N 213 
LYS HZ2  H  N N 214 
LYS HZ3  H  N N 215 
LYS HXT  H  N N 216 
MSE N    N  N N 217 
MSE CA   C  N S 218 
MSE C    C  N N 219 
MSE O    O  N N 220 
MSE OXT  O  N N 221 
MSE CB   C  N N 222 
MSE CG   C  N N 223 
MSE SE   SE N N 224 
MSE CE   C  N N 225 
MSE H    H  N N 226 
MSE H2   H  N N 227 
MSE HA   H  N N 228 
MSE HXT  H  N N 229 
MSE HB2  H  N N 230 
MSE HB3  H  N N 231 
MSE HG2  H  N N 232 
MSE HG3  H  N N 233 
MSE HE1  H  N N 234 
MSE HE2  H  N N 235 
MSE HE3  H  N N 236 
PHE N    N  N N 237 
PHE CA   C  N S 238 
PHE C    C  N N 239 
PHE O    O  N N 240 
PHE CB   C  N N 241 
PHE CG   C  Y N 242 
PHE CD1  C  Y N 243 
PHE CD2  C  Y N 244 
PHE CE1  C  Y N 245 
PHE CE2  C  Y N 246 
PHE CZ   C  Y N 247 
PHE OXT  O  N N 248 
PHE H    H  N N 249 
PHE H2   H  N N 250 
PHE HA   H  N N 251 
PHE HB2  H  N N 252 
PHE HB3  H  N N 253 
PHE HD1  H  N N 254 
PHE HD2  H  N N 255 
PHE HE1  H  N N 256 
PHE HE2  H  N N 257 
PHE HZ   H  N N 258 
PHE HXT  H  N N 259 
PRO N    N  N N 260 
PRO CA   C  N S 261 
PRO C    C  N N 262 
PRO O    O  N N 263 
PRO CB   C  N N 264 
PRO CG   C  N N 265 
PRO CD   C  N N 266 
PRO OXT  O  N N 267 
PRO H    H  N N 268 
PRO HA   H  N N 269 
PRO HB2  H  N N 270 
PRO HB3  H  N N 271 
PRO HG2  H  N N 272 
PRO HG3  H  N N 273 
PRO HD2  H  N N 274 
PRO HD3  H  N N 275 
PRO HXT  H  N N 276 
SER N    N  N N 277 
SER CA   C  N S 278 
SER C    C  N N 279 
SER O    O  N N 280 
SER CB   C  N N 281 
SER OG   O  N N 282 
SER OXT  O  N N 283 
SER H    H  N N 284 
SER H2   H  N N 285 
SER HA   H  N N 286 
SER HB2  H  N N 287 
SER HB3  H  N N 288 
SER HG   H  N N 289 
SER HXT  H  N N 290 
THR N    N  N N 291 
THR CA   C  N S 292 
THR C    C  N N 293 
THR O    O  N N 294 
THR CB   C  N R 295 
THR OG1  O  N N 296 
THR CG2  C  N N 297 
THR OXT  O  N N 298 
THR H    H  N N 299 
THR H2   H  N N 300 
THR HA   H  N N 301 
THR HB   H  N N 302 
THR HG1  H  N N 303 
THR HG21 H  N N 304 
THR HG22 H  N N 305 
THR HG23 H  N N 306 
THR HXT  H  N N 307 
TYR N    N  N N 308 
TYR CA   C  N S 309 
TYR C    C  N N 310 
TYR O    O  N N 311 
TYR CB   C  N N 312 
TYR CG   C  Y N 313 
TYR CD1  C  Y N 314 
TYR CD2  C  Y N 315 
TYR CE1  C  Y N 316 
TYR CE2  C  Y N 317 
TYR CZ   C  Y N 318 
TYR OH   O  N N 319 
TYR OXT  O  N N 320 
TYR H    H  N N 321 
TYR H2   H  N N 322 
TYR HA   H  N N 323 
TYR HB2  H  N N 324 
TYR HB3  H  N N 325 
TYR HD1  H  N N 326 
TYR HD2  H  N N 327 
TYR HE1  H  N N 328 
TYR HE2  H  N N 329 
TYR HH   H  N N 330 
TYR HXT  H  N N 331 
VAL N    N  N N 332 
VAL CA   C  N S 333 
VAL C    C  N N 334 
VAL O    O  N N 335 
VAL CB   C  N N 336 
VAL CG1  C  N N 337 
VAL CG2  C  N N 338 
VAL OXT  O  N N 339 
VAL H    H  N N 340 
VAL H2   H  N N 341 
VAL HA   H  N N 342 
VAL HB   H  N N 343 
VAL HG11 H  N N 344 
VAL HG12 H  N N 345 
VAL HG13 H  N N 346 
VAL HG21 H  N N 347 
VAL HG22 H  N N 348 
VAL HG23 H  N N 349 
VAL HXT  H  N N 350 
# 
loop_
_chem_comp_bond.comp_id 
_chem_comp_bond.atom_id_1 
_chem_comp_bond.atom_id_2 
_chem_comp_bond.value_order 
_chem_comp_bond.pdbx_aromatic_flag 
_chem_comp_bond.pdbx_stereo_config 
_chem_comp_bond.pdbx_ordinal 
ALA N   CA   sing N N 1   
ALA N   H    sing N N 2   
ALA N   H2   sing N N 3   
ALA CA  C    sing N N 4   
ALA CA  CB   sing N N 5   
ALA CA  HA   sing N N 6   
ALA C   O    doub N N 7   
ALA C   OXT  sing N N 8   
ALA CB  HB1  sing N N 9   
ALA CB  HB2  sing N N 10  
ALA CB  HB3  sing N N 11  
ALA OXT HXT  sing N N 12  
ARG N   CA   sing N N 13  
ARG N   H    sing N N 14  
ARG N   H2   sing N N 15  
ARG CA  C    sing N N 16  
ARG CA  CB   sing N N 17  
ARG CA  HA   sing N N 18  
ARG C   O    doub N N 19  
ARG C   OXT  sing N N 20  
ARG CB  CG   sing N N 21  
ARG CB  HB2  sing N N 22  
ARG CB  HB3  sing N N 23  
ARG CG  CD   sing N N 24  
ARG CG  HG2  sing N N 25  
ARG CG  HG3  sing N N 26  
ARG CD  NE   sing N N 27  
ARG CD  HD2  sing N N 28  
ARG CD  HD3  sing N N 29  
ARG NE  CZ   sing N N 30  
ARG NE  HE   sing N N 31  
ARG CZ  NH1  sing N N 32  
ARG CZ  NH2  doub N N 33  
ARG NH1 HH11 sing N N 34  
ARG NH1 HH12 sing N N 35  
ARG NH2 HH21 sing N N 36  
ARG NH2 HH22 sing N N 37  
ARG OXT HXT  sing N N 38  
ASN N   CA   sing N N 39  
ASN N   H    sing N N 40  
ASN N   H2   sing N N 41  
ASN CA  C    sing N N 42  
ASN CA  CB   sing N N 43  
ASN CA  HA   sing N N 44  
ASN C   O    doub N N 45  
ASN C   OXT  sing N N 46  
ASN CB  CG   sing N N 47  
ASN CB  HB2  sing N N 48  
ASN CB  HB3  sing N N 49  
ASN CG  OD1  doub N N 50  
ASN CG  ND2  sing N N 51  
ASN ND2 HD21 sing N N 52  
ASN ND2 HD22 sing N N 53  
ASN OXT HXT  sing N N 54  
ASP N   CA   sing N N 55  
ASP N   H    sing N N 56  
ASP N   H2   sing N N 57  
ASP CA  C    sing N N 58  
ASP CA  CB   sing N N 59  
ASP CA  HA   sing N N 60  
ASP C   O    doub N N 61  
ASP C   OXT  sing N N 62  
ASP CB  CG   sing N N 63  
ASP CB  HB2  sing N N 64  
ASP CB  HB3  sing N N 65  
ASP CG  OD1  doub N N 66  
ASP CG  OD2  sing N N 67  
ASP OD2 HD2  sing N N 68  
ASP OXT HXT  sing N N 69  
GLN N   CA   sing N N 70  
GLN N   H    sing N N 71  
GLN N   H2   sing N N 72  
GLN CA  C    sing N N 73  
GLN CA  CB   sing N N 74  
GLN CA  HA   sing N N 75  
GLN C   O    doub N N 76  
GLN C   OXT  sing N N 77  
GLN CB  CG   sing N N 78  
GLN CB  HB2  sing N N 79  
GLN CB  HB3  sing N N 80  
GLN CG  CD   sing N N 81  
GLN CG  HG2  sing N N 82  
GLN CG  HG3  sing N N 83  
GLN CD  OE1  doub N N 84  
GLN CD  NE2  sing N N 85  
GLN NE2 HE21 sing N N 86  
GLN NE2 HE22 sing N N 87  
GLN OXT HXT  sing N N 88  
GLU N   CA   sing N N 89  
GLU N   H    sing N N 90  
GLU N   H2   sing N N 91  
GLU CA  C    sing N N 92  
GLU CA  CB   sing N N 93  
GLU CA  HA   sing N N 94  
GLU C   O    doub N N 95  
GLU C   OXT  sing N N 96  
GLU CB  CG   sing N N 97  
GLU CB  HB2  sing N N 98  
GLU CB  HB3  sing N N 99  
GLU CG  CD   sing N N 100 
GLU CG  HG2  sing N N 101 
GLU CG  HG3  sing N N 102 
GLU CD  OE1  doub N N 103 
GLU CD  OE2  sing N N 104 
GLU OE2 HE2  sing N N 105 
GLU OXT HXT  sing N N 106 
GLY N   CA   sing N N 107 
GLY N   H    sing N N 108 
GLY N   H2   sing N N 109 
GLY CA  C    sing N N 110 
GLY CA  HA2  sing N N 111 
GLY CA  HA3  sing N N 112 
GLY C   O    doub N N 113 
GLY C   OXT  sing N N 114 
GLY OXT HXT  sing N N 115 
HIS N   CA   sing N N 116 
HIS N   H    sing N N 117 
HIS N   H2   sing N N 118 
HIS CA  C    sing N N 119 
HIS CA  CB   sing N N 120 
HIS CA  HA   sing N N 121 
HIS C   O    doub N N 122 
HIS C   OXT  sing N N 123 
HIS CB  CG   sing N N 124 
HIS CB  HB2  sing N N 125 
HIS CB  HB3  sing N N 126 
HIS CG  ND1  sing Y N 127 
HIS CG  CD2  doub Y N 128 
HIS ND1 CE1  doub Y N 129 
HIS ND1 HD1  sing N N 130 
HIS CD2 NE2  sing Y N 131 
HIS CD2 HD2  sing N N 132 
HIS CE1 NE2  sing Y N 133 
HIS CE1 HE1  sing N N 134 
HIS NE2 HE2  sing N N 135 
HIS OXT HXT  sing N N 136 
HOH O   H1   sing N N 137 
HOH O   H2   sing N N 138 
ILE N   CA   sing N N 139 
ILE N   H    sing N N 140 
ILE N   H2   sing N N 141 
ILE CA  C    sing N N 142 
ILE CA  CB   sing N N 143 
ILE CA  HA   sing N N 144 
ILE C   O    doub N N 145 
ILE C   OXT  sing N N 146 
ILE CB  CG1  sing N N 147 
ILE CB  CG2  sing N N 148 
ILE CB  HB   sing N N 149 
ILE CG1 CD1  sing N N 150 
ILE CG1 HG12 sing N N 151 
ILE CG1 HG13 sing N N 152 
ILE CG2 HG21 sing N N 153 
ILE CG2 HG22 sing N N 154 
ILE CG2 HG23 sing N N 155 
ILE CD1 HD11 sing N N 156 
ILE CD1 HD12 sing N N 157 
ILE CD1 HD13 sing N N 158 
ILE OXT HXT  sing N N 159 
LEU N   CA   sing N N 160 
LEU N   H    sing N N 161 
LEU N   H2   sing N N 162 
LEU CA  C    sing N N 163 
LEU CA  CB   sing N N 164 
LEU CA  HA   sing N N 165 
LEU C   O    doub N N 166 
LEU C   OXT  sing N N 167 
LEU CB  CG   sing N N 168 
LEU CB  HB2  sing N N 169 
LEU CB  HB3  sing N N 170 
LEU CG  CD1  sing N N 171 
LEU CG  CD2  sing N N 172 
LEU CG  HG   sing N N 173 
LEU CD1 HD11 sing N N 174 
LEU CD1 HD12 sing N N 175 
LEU CD1 HD13 sing N N 176 
LEU CD2 HD21 sing N N 177 
LEU CD2 HD22 sing N N 178 
LEU CD2 HD23 sing N N 179 
LEU OXT HXT  sing N N 180 
LYS N   CA   sing N N 181 
LYS N   H    sing N N 182 
LYS N   H2   sing N N 183 
LYS CA  C    sing N N 184 
LYS CA  CB   sing N N 185 
LYS CA  HA   sing N N 186 
LYS C   O    doub N N 187 
LYS C   OXT  sing N N 188 
LYS CB  CG   sing N N 189 
LYS CB  HB2  sing N N 190 
LYS CB  HB3  sing N N 191 
LYS CG  CD   sing N N 192 
LYS CG  HG2  sing N N 193 
LYS CG  HG3  sing N N 194 
LYS CD  CE   sing N N 195 
LYS CD  HD2  sing N N 196 
LYS CD  HD3  sing N N 197 
LYS CE  NZ   sing N N 198 
LYS CE  HE2  sing N N 199 
LYS CE  HE3  sing N N 200 
LYS NZ  HZ1  sing N N 201 
LYS NZ  HZ2  sing N N 202 
LYS NZ  HZ3  sing N N 203 
LYS OXT HXT  sing N N 204 
MSE N   CA   sing N N 205 
MSE N   H    sing N N 206 
MSE N   H2   sing N N 207 
MSE CA  C    sing N N 208 
MSE CA  CB   sing N N 209 
MSE CA  HA   sing N N 210 
MSE C   O    doub N N 211 
MSE C   OXT  sing N N 212 
MSE OXT HXT  sing N N 213 
MSE CB  CG   sing N N 214 
MSE CB  HB2  sing N N 215 
MSE CB  HB3  sing N N 216 
MSE CG  SE   sing N N 217 
MSE CG  HG2  sing N N 218 
MSE CG  HG3  sing N N 219 
MSE SE  CE   sing N N 220 
MSE CE  HE1  sing N N 221 
MSE CE  HE2  sing N N 222 
MSE CE  HE3  sing N N 223 
PHE N   CA   sing N N 224 
PHE N   H    sing N N 225 
PHE N   H2   sing N N 226 
PHE CA  C    sing N N 227 
PHE CA  CB   sing N N 228 
PHE CA  HA   sing N N 229 
PHE C   O    doub N N 230 
PHE C   OXT  sing N N 231 
PHE CB  CG   sing N N 232 
PHE CB  HB2  sing N N 233 
PHE CB  HB3  sing N N 234 
PHE CG  CD1  doub Y N 235 
PHE CG  CD2  sing Y N 236 
PHE CD1 CE1  sing Y N 237 
PHE CD1 HD1  sing N N 238 
PHE CD2 CE2  doub Y N 239 
PHE CD2 HD2  sing N N 240 
PHE CE1 CZ   doub Y N 241 
PHE CE1 HE1  sing N N 242 
PHE CE2 CZ   sing Y N 243 
PHE CE2 HE2  sing N N 244 
PHE CZ  HZ   sing N N 245 
PHE OXT HXT  sing N N 246 
PRO N   CA   sing N N 247 
PRO N   CD   sing N N 248 
PRO N   H    sing N N 249 
PRO CA  C    sing N N 250 
PRO CA  CB   sing N N 251 
PRO CA  HA   sing N N 252 
PRO C   O    doub N N 253 
PRO C   OXT  sing N N 254 
PRO CB  CG   sing N N 255 
PRO CB  HB2  sing N N 256 
PRO CB  HB3  sing N N 257 
PRO CG  CD   sing N N 258 
PRO CG  HG2  sing N N 259 
PRO CG  HG3  sing N N 260 
PRO CD  HD2  sing N N 261 
PRO CD  HD3  sing N N 262 
PRO OXT HXT  sing N N 263 
SER N   CA   sing N N 264 
SER N   H    sing N N 265 
SER N   H2   sing N N 266 
SER CA  C    sing N N 267 
SER CA  CB   sing N N 268 
SER CA  HA   sing N N 269 
SER C   O    doub N N 270 
SER C   OXT  sing N N 271 
SER CB  OG   sing N N 272 
SER CB  HB2  sing N N 273 
SER CB  HB3  sing N N 274 
SER OG  HG   sing N N 275 
SER OXT HXT  sing N N 276 
THR N   CA   sing N N 277 
THR N   H    sing N N 278 
THR N   H2   sing N N 279 
THR CA  C    sing N N 280 
THR CA  CB   sing N N 281 
THR CA  HA   sing N N 282 
THR C   O    doub N N 283 
THR C   OXT  sing N N 284 
THR CB  OG1  sing N N 285 
THR CB  CG2  sing N N 286 
THR CB  HB   sing N N 287 
THR OG1 HG1  sing N N 288 
THR CG2 HG21 sing N N 289 
THR CG2 HG22 sing N N 290 
THR CG2 HG23 sing N N 291 
THR OXT HXT  sing N N 292 
TYR N   CA   sing N N 293 
TYR N   H    sing N N 294 
TYR N   H2   sing N N 295 
TYR CA  C    sing N N 296 
TYR CA  CB   sing N N 297 
TYR CA  HA   sing N N 298 
TYR C   O    doub N N 299 
TYR C   OXT  sing N N 300 
TYR CB  CG   sing N N 301 
TYR CB  HB2  sing N N 302 
TYR CB  HB3  sing N N 303 
TYR CG  CD1  doub Y N 304 
TYR CG  CD2  sing Y N 305 
TYR CD1 CE1  sing Y N 306 
TYR CD1 HD1  sing N N 307 
TYR CD2 CE2  doub Y N 308 
TYR CD2 HD2  sing N N 309 
TYR CE1 CZ   doub Y N 310 
TYR CE1 HE1  sing N N 311 
TYR CE2 CZ   sing Y N 312 
TYR CE2 HE2  sing N N 313 
TYR CZ  OH   sing N N 314 
TYR OH  HH   sing N N 315 
TYR OXT HXT  sing N N 316 
VAL N   CA   sing N N 317 
VAL N   H    sing N N 318 
VAL N   H2   sing N N 319 
VAL CA  C    sing N N 320 
VAL CA  CB   sing N N 321 
VAL CA  HA   sing N N 322 
VAL C   O    doub N N 323 
VAL C   OXT  sing N N 324 
VAL CB  CG1  sing N N 325 
VAL CB  CG2  sing N N 326 
VAL CB  HB   sing N N 327 
VAL CG1 HG11 sing N N 328 
VAL CG1 HG12 sing N N 329 
VAL CG1 HG13 sing N N 330 
VAL CG2 HG21 sing N N 331 
VAL CG2 HG22 sing N N 332 
VAL CG2 HG23 sing N N 333 
VAL OXT HXT  sing N N 334 
# 
_atom_sites.entry_id                    2QRR 
_atom_sites.fract_transf_matrix[1][1]   -0.00026589 
_atom_sites.fract_transf_matrix[1][2]   -0.01081926 
_atom_sites.fract_transf_matrix[1][3]   0.00213374 
_atom_sites.fract_transf_matrix[2][1]   0.02046315 
_atom_sites.fract_transf_matrix[2][2]   0.00036021 
_atom_sites.fract_transf_matrix[2][3]   0.00437638 
_atom_sites.fract_transf_matrix[3][1]   -0.00415209 
_atom_sites.fract_transf_matrix[3][2]   -0.00633435 
_atom_sites.fract_transf_matrix[3][3]   0.01993576 
_atom_sites.fract_transf_vector[1]      0.171864 
_atom_sites.fract_transf_vector[2]      0.407932 
_atom_sites.fract_transf_vector[3]      0.182172 
# 
loop_
_atom_type.symbol 
C  
CL 
N  
O  
SE 
# 
loop_
_atom_site.group_PDB 
_atom_site.id 
_atom_site.type_symbol 
_atom_site.label_atom_id 
_atom_site.label_alt_id 
_atom_site.label_comp_id 
_atom_site.label_asym_id 
_atom_site.label_entity_id 
_atom_site.label_seq_id 
_atom_site.pdbx_PDB_ins_code 
_atom_site.Cartn_x 
_atom_site.Cartn_y 
_atom_site.Cartn_z 
_atom_site.occupancy 
_atom_site.B_iso_or_equiv 
_atom_site.pdbx_formal_charge 
_atom_site.auth_seq_id 
_atom_site.auth_comp_id 
_atom_site.auth_asym_id 
_atom_site.auth_atom_id 
_atom_site.pdbx_PDB_model_num 
ATOM   1    N  N   . SER A 1 5   ? -8.682  -15.145 -7.011  1.00 55.81 ? 2   SER A N   1 
ATOM   2    C  CA  . SER A 1 5   ? -9.185  -14.849 -5.627  1.00 55.51 ? 2   SER A CA  1 
ATOM   3    C  C   . SER A 1 5   ? -9.710  -13.412 -5.485  1.00 54.95 ? 2   SER A C   1 
ATOM   4    O  O   . SER A 1 5   ? -8.956  -12.490 -5.173  1.00 54.83 ? 2   SER A O   1 
ATOM   5    C  CB  . SER A 1 5   ? -8.097  -15.141 -4.575  1.00 55.71 ? 2   SER A CB  1 
ATOM   6    O  OG  . SER A 1 5   ? -6.890  -14.426 -4.848  1.00 55.38 ? 2   SER A OG  1 
ATOM   7    N  N   . ILE A 1 6   ? -11.015 -13.246 -5.706  1.00 54.66 ? 3   ILE A N   1 
ATOM   8    C  CA  . ILE A 1 6   ? -11.681 -11.943 -5.636  1.00 53.41 ? 3   ILE A CA  1 
ATOM   9    C  C   . ILE A 1 6   ? -12.885 -12.073 -4.692  1.00 52.65 ? 3   ILE A C   1 
ATOM   10   O  O   . ILE A 1 6   ? -13.696 -12.978 -4.854  1.00 52.50 ? 3   ILE A O   1 
ATOM   11   C  CB  . ILE A 1 6   ? -12.176 -11.480 -7.066  1.00 54.10 ? 3   ILE A CB  1 
ATOM   12   C  CG1 . ILE A 1 6   ? -11.114 -11.699 -8.181  1.00 53.67 ? 3   ILE A CG1 1 
ATOM   13   C  CG2 . ILE A 1 6   ? -12.774 -10.076 -7.039  1.00 54.16 ? 3   ILE A CG2 1 
ATOM   14   C  CD1 . ILE A 1 6   ? -9.797  -10.962 -8.042  1.00 53.91 ? 3   ILE A CD1 1 
ATOM   15   N  N   . PRO A 1 7   ? -13.012 -11.176 -3.688  1.00 51.69 ? 4   PRO A N   1 
ATOM   16   C  CA  . PRO A 1 7   ? -14.122 -11.299 -2.730  1.00 51.00 ? 4   PRO A CA  1 
ATOM   17   C  C   . PRO A 1 7   ? -15.492 -11.224 -3.400  1.00 50.70 ? 4   PRO A C   1 
ATOM   18   O  O   . PRO A 1 7   ? -15.677 -10.420 -4.329  1.00 51.03 ? 4   PRO A O   1 
ATOM   19   C  CB  . PRO A 1 7   ? -13.906 -10.102 -1.796  1.00 50.94 ? 4   PRO A CB  1 
ATOM   20   C  CG  . PRO A 1 7   ? -12.443 -9.796  -1.914  1.00 51.07 ? 4   PRO A CG  1 
ATOM   21   C  CD  . PRO A 1 7   ? -12.138 -10.037 -3.367  1.00 51.85 ? 4   PRO A CD  1 
ATOM   22   N  N   . GLU A 1 8   ? -16.441 -12.036 -2.922  1.00 49.52 ? 5   GLU A N   1 
ATOM   23   C  CA  . GLU A 1 8   ? -17.718 -12.247 -3.605  1.00 48.96 ? 5   GLU A CA  1 
ATOM   24   C  C   . GLU A 1 8   ? -18.615 -11.016 -3.709  1.00 47.22 ? 5   GLU A C   1 
ATOM   25   O  O   . GLU A 1 8   ? -19.450 -10.911 -4.627  1.00 47.08 ? 5   GLU A O   1 
ATOM   26   C  CB  . GLU A 1 8   ? -18.501 -13.432 -2.989  1.00 49.10 ? 5   GLU A CB  1 
ATOM   27   C  CG  . GLU A 1 8   ? -19.051 -13.198 -1.569  1.00 50.69 ? 5   GLU A CG  1 
ATOM   28   C  CD  . GLU A 1 8   ? -19.711 -14.448 -0.965  1.00 51.34 ? 5   GLU A CD  1 
ATOM   29   O  OE1 . GLU A 1 8   ? -19.344 -15.585 -1.362  1.00 56.16 ? 5   GLU A OE1 1 
ATOM   30   O  OE2 . GLU A 1 8   ? -20.597 -14.300 -0.088  1.00 53.77 ? 5   GLU A OE2 1 
ATOM   31   N  N   . ASP A 1 9   ? -18.487 -10.104 -2.755  1.00 45.77 ? 6   ASP A N   1 
ATOM   32   C  CA  . ASP A 1 9   ? -19.275 -8.888  -2.810  1.00 44.34 ? 6   ASP A CA  1 
ATOM   33   C  C   . ASP A 1 9   ? -18.700 -7.938  -3.859  1.00 42.07 ? 6   ASP A C   1 
ATOM   34   O  O   . ASP A 1 9   ? -19.439 -7.152  -4.456  1.00 42.19 ? 6   ASP A O   1 
ATOM   35   C  CB  . ASP A 1 9   ? -19.419 -8.231  -1.423  1.00 45.08 ? 6   ASP A CB  1 
ATOM   36   C  CG  . ASP A 1 9   ? -18.317 -8.656  -0.438  1.00 47.60 ? 6   ASP A CG  1 
ATOM   37   O  OD1 . ASP A 1 9   ? -18.653 -9.144  0.678   1.00 51.40 ? 6   ASP A OD1 1 
ATOM   38   O  OD2 . ASP A 1 9   ? -17.131 -8.514  -0.779  1.00 47.51 ? 6   ASP A OD2 1 
ATOM   39   N  N   . TYR A 1 10  ? -17.394 -8.023  -4.108  1.00 39.49 ? 7   TYR A N   1 
ATOM   40   C  CA  . TYR A 1 10  ? -16.815 -7.266  -5.227  1.00 37.10 ? 7   TYR A CA  1 
ATOM   41   C  C   . TYR A 1 10  ? -17.156 -7.916  -6.590  1.00 36.44 ? 7   TYR A C   1 
ATOM   42   O  O   . TYR A 1 10  ? -17.518 -7.236  -7.531  1.00 35.28 ? 7   TYR A O   1 
ATOM   43   C  CB  . TYR A 1 10  ? -15.297 -7.070  -5.063  1.00 35.84 ? 7   TYR A CB  1 
ATOM   44   C  CG  . TYR A 1 10  ? -14.996 -5.920  -4.131  1.00 35.09 ? 7   TYR A CG  1 
ATOM   45   C  CD1 . TYR A 1 10  ? -14.911 -6.123  -2.752  1.00 33.77 ? 7   TYR A CD1 1 
ATOM   46   C  CD2 . TYR A 1 10  ? -14.812 -4.628  -4.624  1.00 30.88 ? 7   TYR A CD2 1 
ATOM   47   C  CE1 . TYR A 1 10  ? -14.647 -5.050  -1.875  1.00 33.72 ? 7   TYR A CE1 1 
ATOM   48   C  CE2 . TYR A 1 10  ? -14.561 -3.551  -3.750  1.00 32.26 ? 7   TYR A CE2 1 
ATOM   49   C  CZ  . TYR A 1 10  ? -14.483 -3.769  -2.390  1.00 34.98 ? 7   TYR A CZ  1 
ATOM   50   O  OH  . TYR A 1 10  ? -14.236 -2.706  -1.534  1.00 35.73 ? 7   TYR A OH  1 
ATOM   51   N  N   . GLN A 1 11  ? -17.040 -9.235  -6.673  1.00 37.20 ? 8   GLN A N   1 
ATOM   52   C  CA  . GLN A 1 11  ? -17.543 -9.982  -7.849  1.00 37.95 ? 8   GLN A CA  1 
ATOM   53   C  C   . GLN A 1 11  ? -18.942 -9.586  -8.295  1.00 37.30 ? 8   GLN A C   1 
ATOM   54   O  O   . GLN A 1 11  ? -19.154 -9.265  -9.475  1.00 36.61 ? 8   GLN A O   1 
ATOM   55   C  CB  . GLN A 1 11  ? -17.475 -11.496 -7.610  1.00 38.34 ? 8   GLN A CB  1 
ATOM   56   C  CG  . GLN A 1 11  ? -16.059 -12.053 -7.566  1.00 40.43 ? 8   GLN A CG  1 
ATOM   57   C  CD  . GLN A 1 11  ? -16.014 -13.579 -7.330  1.00 40.85 ? 8   GLN A CD  1 
ATOM   58   O  OE1 . GLN A 1 11  ? -17.054 -14.224 -7.128  1.00 47.35 ? 8   GLN A OE1 1 
ATOM   59   N  NE2 . GLN A 1 11  ? -14.795 -14.148 -7.328  1.00 45.00 ? 8   GLN A NE2 1 
ATOM   60   N  N   . ALA A 1 12  ? -19.904 -9.592  -7.361  1.00 36.18 ? 9   ALA A N   1 
ATOM   61   C  CA  . ALA A 1 12  ? -21.293 -9.310  -7.690  1.00 35.21 ? 9   ALA A CA  1 
ATOM   62   C  C   . ALA A 1 12  ? -21.428 -7.949  -8.314  1.00 34.41 ? 9   ALA A C   1 
ATOM   63   O  O   . ALA A 1 12  ? -22.355 -7.712  -9.088  1.00 34.90 ? 9   ALA A O   1 
ATOM   64   C  CB  . ALA A 1 12  ? -22.163 -9.394  -6.446  1.00 36.12 ? 9   ALA A CB  1 
ATOM   65   N  N   . ARG A 1 13  ? -20.498 -7.060  -7.975  1.00 32.33 ? 10  ARG A N   1 
ATOM   66   C  CA  . ARG A 1 13  ? -20.520 -5.673  -8.420  1.00 31.12 ? 10  ARG A CA  1 
ATOM   67   C  C   . ARG A 1 13  ? -19.565 -5.423  -9.597  1.00 28.71 ? 10  ARG A C   1 
ATOM   68   O  O   . ARG A 1 13  ? -19.510 -4.291  -10.101 1.00 28.91 ? 10  ARG A O   1 
ATOM   69   C  CB  . ARG A 1 13  ? -20.153 -4.741  -7.249  1.00 30.74 ? 10  ARG A CB  1 
ATOM   70   C  CG  . ARG A 1 13  ? -21.311 -4.518  -6.252  1.00 33.35 ? 10  ARG A CG  1 
ATOM   71   C  CD  . ARG A 1 13  ? -21.038 -3.280  -5.366  1.00 35.64 ? 10  ARG A CD  1 
ATOM   72   N  NE  . ARG A 1 13  ? -19.940 -3.508  -4.435  1.00 41.99 ? 10  ARG A NE  1 
ATOM   73   C  CZ  . ARG A 1 13  ? -19.103 -2.563  -3.985  1.00 46.27 ? 10  ARG A CZ  1 
ATOM   74   N  NH1 . ARG A 1 13  ? -19.201 -1.293  -4.382  1.00 47.99 ? 10  ARG A NH1 1 
ATOM   75   N  NH2 . ARG A 1 13  ? -18.145 -2.896  -3.135  1.00 48.29 ? 10  ARG A NH2 1 
ATOM   76   N  N   . LEU A 1 14  ? -18.823 -6.456  -10.004 1.00 27.54 ? 11  LEU A N   1 
ATOM   77   C  CA  . LEU A 1 14  ? -17.763 -6.300  -11.032 1.00 26.36 ? 11  LEU A CA  1 
ATOM   78   C  C   . LEU A 1 14  ? -18.366 -6.336  -12.450 1.00 26.66 ? 11  LEU A C   1 
ATOM   79   O  O   . LEU A 1 14  ? -19.006 -7.322  -12.800 1.00 27.74 ? 11  LEU A O   1 
ATOM   80   C  CB  . LEU A 1 14  ? -16.721 -7.411  -10.929 1.00 26.72 ? 11  LEU A CB  1 
ATOM   81   C  CG  . LEU A 1 14  ? -15.394 -7.144  -11.645 1.00 26.41 ? 11  LEU A CG  1 
ATOM   82   C  CD1 . LEU A 1 14  ? -14.667 -5.882  -11.062 1.00 27.79 ? 11  LEU A CD1 1 
ATOM   83   C  CD2 . LEU A 1 14  ? -14.440 -8.329  -11.515 1.00 27.66 ? 11  LEU A CD2 1 
ATOM   84   N  N   . GLN A 1 15  ? -18.161 -5.266  -13.234 1.00 25.71 ? 12  GLN A N   1 
ATOM   85   C  CA  . GLN A 1 15  ? -18.644 -5.251  -14.654 1.00 27.01 ? 12  GLN A CA  1 
ATOM   86   C  C   . GLN A 1 15  ? -17.458 -5.267  -15.606 1.00 25.59 ? 12  GLN A C   1 
ATOM   87   O  O   . GLN A 1 15  ? -16.393 -4.736  -15.267 1.00 24.66 ? 12  GLN A O   1 
ATOM   88   C  CB  . GLN A 1 15  ? -19.340 -3.935  -15.024 1.00 27.11 ? 12  GLN A CB  1 
ATOM   89   C  CG  . GLN A 1 15  ? -19.819 -3.094  -13.990 1.00 34.27 ? 12  GLN A CG  1 
ATOM   90   C  CD  . GLN A 1 15  ? -21.106 -2.523  -14.421 1.00 40.35 ? 12  GLN A CD  1 
ATOM   91   O  OE1 . GLN A 1 15  ? -21.180 -1.797  -15.419 1.00 44.64 ? 12  GLN A OE1 1 
ATOM   92   N  NE2 . GLN A 1 15  ? -22.158 -2.877  -13.715 1.00 45.16 ? 12  GLN A NE2 1 
ATOM   93   N  N   . PRO A 1 16  ? -17.633 -5.828  -16.826 1.00 25.06 ? 13  PRO A N   1 
ATOM   94   C  CA  . PRO A 1 16  ? -16.537 -5.852  -17.800 1.00 26.73 ? 13  PRO A CA  1 
ATOM   95   C  C   . PRO A 1 16  ? -16.148 -4.461  -18.280 1.00 28.32 ? 13  PRO A C   1 
ATOM   96   O  O   . PRO A 1 16  ? -14.968 -4.212  -18.540 1.00 29.99 ? 13  PRO A O   1 
ATOM   97   C  CB  . PRO A 1 16  ? -17.114 -6.663  -19.002 1.00 26.05 ? 13  PRO A CB  1 
ATOM   98   C  CG  . PRO A 1 16  ? -18.368 -7.278  -18.486 1.00 27.55 ? 13  PRO A CG  1 
ATOM   99   C  CD  . PRO A 1 16  ? -18.866 -6.452  -17.342 1.00 26.18 ? 13  PRO A CD  1 
ATOM   100  N  N   . ASN A 1 17  ? -17.134 -3.573  -18.395 1.00 30.94 ? 14  ASN A N   1 
ATOM   101  C  CA  . ASN A 1 17  ? -16.845 -2.233  -18.928 1.00 33.06 ? 14  ASN A CA  1 
ATOM   102  C  C   . ASN A 1 17  ? -17.158 -1.102  -17.992 1.00 32.83 ? 14  ASN A C   1 
ATOM   103  O  O   . ASN A 1 17  ? -17.985 -1.213  -17.078 1.00 33.54 ? 14  ASN A O   1 
ATOM   104  C  CB  . ASN A 1 17  ? -17.513 -1.970  -20.271 1.00 33.69 ? 14  ASN A CB  1 
ATOM   105  C  CG  . ASN A 1 17  ? -17.092 -2.946  -21.355 1.00 36.37 ? 14  ASN A CG  1 
ATOM   106  O  OD1 . ASN A 1 17  ? -15.904 -3.230  -21.582 1.00 38.48 ? 14  ASN A OD1 1 
ATOM   107  N  ND2 . ASN A 1 17  ? -18.088 -3.467  -22.038 1.00 40.43 ? 14  ASN A ND2 1 
ATOM   108  N  N   . ARG A 1 18  ? -16.475 0.002   -18.240 1.00 32.60 ? 15  ARG A N   1 
ATOM   109  C  CA  . ARG A 1 18  ? -16.564 1.133   -17.382 1.00 32.97 ? 15  ARG A CA  1 
ATOM   110  C  C   . ARG A 1 18  ? -17.890 1.851   -17.637 1.00 34.48 ? 15  ARG A C   1 
ATOM   111  O  O   . ARG A 1 18  ? -18.164 2.274   -18.757 1.00 35.15 ? 15  ARG A O   1 
ATOM   112  C  CB  . ARG A 1 18  ? -15.397 2.049   -17.664 1.00 33.01 ? 15  ARG A CB  1 
ATOM   113  C  CG  . ARG A 1 18  ? -15.296 3.161   -16.682 1.00 33.39 ? 15  ARG A CG  1 
ATOM   114  C  CD  . ARG A 1 18  ? -14.154 4.065   -17.034 1.00 40.09 ? 15  ARG A CD  1 
ATOM   115  N  NE  . ARG A 1 18  ? -13.650 4.667   -15.816 1.00 44.85 ? 15  ARG A NE  1 
ATOM   116  C  CZ  . ARG A 1 18  ? -12.396 4.588   -15.378 1.00 44.07 ? 15  ARG A CZ  1 
ATOM   117  N  NH1 . ARG A 1 18  ? -11.441 3.971   -16.085 1.00 45.18 ? 15  ARG A NH1 1 
ATOM   118  N  NH2 . ARG A 1 18  ? -12.107 5.174   -14.240 1.00 47.14 ? 15  ARG A NH2 1 
ATOM   119  N  N   . VAL A 1 19  ? -18.721 1.897   -16.608 1.00 35.30 ? 16  VAL A N   1 
ATOM   120  C  CA  . VAL A 1 19  ? -19.969 2.657   -16.626 1.00 36.35 ? 16  VAL A CA  1 
ATOM   121  C  C   . VAL A 1 19  ? -19.866 3.834   -15.674 1.00 36.53 ? 16  VAL A C   1 
ATOM   122  O  O   . VAL A 1 19  ? -19.011 3.866   -14.776 1.00 34.53 ? 16  VAL A O   1 
ATOM   123  C  CB  . VAL A 1 19  ? -21.204 1.788   -16.256 1.00 36.47 ? 16  VAL A CB  1 
ATOM   124  C  CG1 . VAL A 1 19  ? -21.424 0.727   -17.297 1.00 38.16 ? 16  VAL A CG1 1 
ATOM   125  C  CG2 . VAL A 1 19  ? -21.060 1.154   -14.854 1.00 37.82 ? 16  VAL A CG2 1 
ATOM   126  N  N   . GLU A 1 20  ? -20.772 4.798   -15.856 1.00 36.27 ? 17  GLU A N   1 
ATOM   127  C  CA  . GLU A 1 20  ? -20.867 5.921   -14.931 1.00 36.93 ? 17  GLU A CA  1 
ATOM   128  C  C   . GLU A 1 20  ? -20.938 5.452   -13.476 1.00 36.00 ? 17  GLU A C   1 
ATOM   129  O  O   . GLU A 1 20  ? -21.731 4.581   -13.121 1.00 36.82 ? 17  GLU A O   1 
ATOM   130  C  CB  . GLU A 1 20  ? -22.074 6.820   -15.269 1.00 37.22 ? 17  GLU A CB  1 
ATOM   131  C  CG  . GLU A 1 20  ? -22.054 8.164   -14.514 1.00 41.93 ? 17  GLU A CG  1 
ATOM   132  C  CD  . GLU A 1 20  ? -20.779 8.979   -14.784 1.00 48.56 ? 17  GLU A CD  1 
ATOM   133  O  OE1 . GLU A 1 20  ? -20.144 9.450   -13.809 1.00 49.43 ? 17  GLU A OE1 1 
ATOM   134  O  OE2 . GLU A 1 20  ? -20.395 9.124   -15.974 1.00 53.10 ? 17  GLU A OE2 1 
ATOM   135  N  N   . GLY A 1 21  ? -20.079 6.015   -12.646 1.00 34.86 ? 18  GLY A N   1 
ATOM   136  C  CA  . GLY A 1 21  ? -20.103 5.734   -11.218 1.00 32.18 ? 18  GLY A CA  1 
ATOM   137  C  C   . GLY A 1 21  ? -19.330 4.502   -10.803 1.00 31.02 ? 18  GLY A C   1 
ATOM   138  O  O   . GLY A 1 21  ? -19.398 4.118   -9.642  1.00 31.64 ? 18  GLY A O   1 
ATOM   139  N  N   . SER A 1 22  ? -18.608 3.884   -11.741 1.00 28.75 ? 19  SER A N   1 
ATOM   140  C  CA  . SER A 1 22  ? -17.795 2.682   -11.406 1.00 28.07 ? 19  SER A CA  1 
ATOM   141  C  C   . SER A 1 22  ? -16.314 3.021   -11.401 1.00 26.91 ? 19  SER A C   1 
ATOM   142  O  O   . SER A 1 22  ? -15.906 4.037   -11.953 1.00 28.93 ? 19  SER A O   1 
ATOM   143  C  CB  . SER A 1 22  ? -18.056 1.526   -12.411 1.00 27.10 ? 19  SER A CB  1 
ATOM   144  O  OG  . SER A 1 22  ? -17.585 1.898   -13.698 1.00 27.23 ? 19  SER A OG  1 
ATOM   145  N  N   . TYR A 1 23  ? -15.505 2.160   -10.792 1.00 26.41 ? 20  TYR A N   1 
ATOM   146  C  CA  . TYR A 1 23  ? -14.060 2.380   -10.685 1.00 25.79 ? 20  TYR A CA  1 
ATOM   147  C  C   . TYR A 1 23  ? -13.330 1.101   -11.002 1.00 23.64 ? 20  TYR A C   1 
ATOM   148  O  O   . TYR A 1 23  ? -13.835 0.048   -10.653 1.00 24.16 ? 20  TYR A O   1 
ATOM   149  C  CB  . TYR A 1 23  ? -13.686 2.787   -9.232  1.00 27.08 ? 20  TYR A CB  1 
ATOM   150  C  CG  . TYR A 1 23  ? -14.374 4.085   -8.855  1.00 28.34 ? 20  TYR A CG  1 
ATOM   151  C  CD1 . TYR A 1 23  ? -13.857 5.302   -9.294  1.00 31.03 ? 20  TYR A CD1 1 
ATOM   152  C  CD2 . TYR A 1 23  ? -15.578 4.083   -8.173  1.00 33.88 ? 20  TYR A CD2 1 
ATOM   153  C  CE1 . TYR A 1 23  ? -14.491 6.514   -8.982  1.00 34.15 ? 20  TYR A CE1 1 
ATOM   154  C  CE2 . TYR A 1 23  ? -16.248 5.307   -7.873  1.00 32.60 ? 20  TYR A CE2 1 
ATOM   155  C  CZ  . TYR A 1 23  ? -15.687 6.501   -8.291  1.00 34.59 ? 20  TYR A CZ  1 
ATOM   156  O  OH  . TYR A 1 23  ? -16.316 7.720   -8.010  1.00 34.73 ? 20  TYR A OH  1 
ATOM   157  N  N   . PRO A 1 24  ? -12.111 1.174   -11.583 1.00 22.73 ? 21  PRO A N   1 
ATOM   158  C  CA  . PRO A 1 24  ? -11.381 -0.040  -11.908 1.00 23.33 ? 21  PRO A CA  1 
ATOM   159  C  C   . PRO A 1 24  ? -10.934 -0.842  -10.674 1.00 23.08 ? 21  PRO A C   1 
ATOM   160  O  O   . PRO A 1 24  ? -10.476 -0.249  -9.665  1.00 23.40 ? 21  PRO A O   1 
ATOM   161  C  CB  . PRO A 1 24  ? -10.147 0.456   -12.697 1.00 23.18 ? 21  PRO A CB  1 
ATOM   162  C  CG  . PRO A 1 24  ? -10.085 1.914   -12.456 1.00 24.30 ? 21  PRO A CG  1 
ATOM   163  C  CD  . PRO A 1 24  ? -11.406 2.406   -12.012 1.00 23.50 ? 21  PRO A CD  1 
ATOM   164  N  N   . LEU A 1 25  ? -11.142 -2.155  -10.742 1.00 21.96 ? 22  LEU A N   1 
ATOM   165  C  CA  . LEU A 1 25  ? -10.555 -3.106  -9.805  1.00 21.76 ? 22  LEU A CA  1 
ATOM   166  C  C   . LEU A 1 25  ? -9.371  -3.712  -10.523 1.00 21.86 ? 22  LEU A C   1 
ATOM   167  O  O   . LEU A 1 25  ? -9.538  -4.339  -11.604 1.00 22.05 ? 22  LEU A O   1 
ATOM   168  C  CB  . LEU A 1 25  ? -11.568 -4.211  -9.420  1.00 21.65 ? 22  LEU A CB  1 
ATOM   169  C  CG  . LEU A 1 25  ? -11.115 -5.168  -8.316  1.00 22.98 ? 22  LEU A CG  1 
ATOM   170  C  CD1 . LEU A 1 25  ? -11.093 -4.424  -7.000  1.00 23.24 ? 22  LEU A CD1 1 
ATOM   171  C  CD2 . LEU A 1 25  ? -12.048 -6.381  -8.152  1.00 22.80 ? 22  LEU A CD2 1 
ATOM   172  N  N   . VAL A 1 26  ? -8.196  -3.572  -9.927  1.00 21.85 ? 23  VAL A N   1 
ATOM   173  C  CA  . VAL A 1 26  ? -6.967  -4.085  -10.515 1.00 20.13 ? 23  VAL A CA  1 
ATOM   174  C  C   . VAL A 1 26  ? -6.303  -5.195  -9.691  1.00 20.94 ? 23  VAL A C   1 
ATOM   175  O  O   . VAL A 1 26  ? -6.360  -5.171  -8.467  1.00 21.71 ? 23  VAL A O   1 
ATOM   176  C  CB  . VAL A 1 26  ? -5.924  -2.969  -10.807 1.00 21.48 ? 23  VAL A CB  1 
ATOM   177  C  CG1 . VAL A 1 26  ? -6.515  -1.931  -11.767 1.00 22.04 ? 23  VAL A CG1 1 
ATOM   178  C  CG2 . VAL A 1 26  ? -5.431  -2.276  -9.505  1.00 23.32 ? 23  VAL A CG2 1 
ATOM   179  N  N   . ARG A 1 27  ? -5.579  -6.096  -10.374 1.00 21.14 ? 24  ARG A N   1 
ATOM   180  C  CA  . ARG A 1 27  ? -4.654  -6.996  -9.655  1.00 21.34 ? 24  ARG A CA  1 
ATOM   181  C  C   . ARG A 1 27  ? -3.262  -6.606  -10.157 1.00 23.36 ? 24  ARG A C   1 
ATOM   182  O  O   . ARG A 1 27  ? -3.025  -6.600  -11.342 1.00 23.19 ? 24  ARG A O   1 
ATOM   183  C  CB  . ARG A 1 27  ? -4.909  -8.472  -9.976  1.00 24.90 ? 24  ARG A CB  1 
ATOM   184  C  CG  . ARG A 1 27  ? -4.017  -9.381  -9.100  1.00 25.53 ? 24  ARG A CG  1 
ATOM   185  C  CD  . ARG A 1 27  ? -4.617  -10.793 -9.051  1.00 33.02 ? 24  ARG A CD  1 
ATOM   186  N  NE  . ARG A 1 27  ? -5.048  -11.269 -10.374 1.00 36.84 ? 24  ARG A NE  1 
ATOM   187  C  CZ  . ARG A 1 27  ? -5.948  -12.233 -10.563 1.00 40.98 ? 24  ARG A CZ  1 
ATOM   188  N  NH1 . ARG A 1 27  ? -6.527  -12.824 -9.523  1.00 44.13 ? 24  ARG A NH1 1 
ATOM   189  N  NH2 . ARG A 1 27  ? -6.283  -12.613 -11.796 1.00 42.23 ? 24  ARG A NH2 1 
HETATM 190  N  N   . MSE A 1 28  ? -2.353  -6.291  -9.225  1.00 22.42 ? 25  MSE A N   1 
HETATM 191  C  CA  . MSE A 1 28  ? -1.020  -5.765  -9.535  1.00 23.85 ? 25  MSE A CA  1 
HETATM 192  C  C   . MSE A 1 28  ? -0.005  -6.793  -9.073  1.00 24.70 ? 25  MSE A C   1 
HETATM 193  O  O   . MSE A 1 28  ? -0.107  -7.257  -7.948  1.00 24.44 ? 25  MSE A O   1 
HETATM 194  C  CB  . MSE A 1 28  ? -0.813  -4.462  -8.758  1.00 24.96 ? 25  MSE A CB  1 
HETATM 195  C  CG  . MSE A 1 28  ? -1.648  -3.320  -9.338  1.00 24.02 ? 25  MSE A CG  1 
HETATM 196  SE SE  . MSE A 1 28  ? -1.581  -1.784  -8.160  0.80 31.63 ? 25  MSE A SE  1 
HETATM 197  C  CE  . MSE A 1 28  ? -2.614  -2.481  -6.576  1.00 26.07 ? 25  MSE A CE  1 
ATOM   198  N  N   . GLU A 1 29  ? 0.934   -7.185  -9.952  1.00 24.28 ? 26  GLU A N   1 
ATOM   199  C  CA  . GLU A 1 29  ? 1.952   -8.171  -9.603  1.00 24.18 ? 26  GLU A CA  1 
ATOM   200  C  C   . GLU A 1 29  ? 3.308   -7.468  -9.600  1.00 23.24 ? 26  GLU A C   1 
ATOM   201  O  O   . GLU A 1 29  ? 3.609   -6.680  -10.497 1.00 21.51 ? 26  GLU A O   1 
ATOM   202  C  CB  . GLU A 1 29  ? 2.025   -9.321  -10.623 1.00 24.26 ? 26  GLU A CB  1 
ATOM   203  C  CG  . GLU A 1 29  ? 0.840   -10.298 -10.605 1.00 28.89 ? 26  GLU A CG  1 
ATOM   204  C  CD  . GLU A 1 29  ? 1.029   -11.490 -11.588 1.00 29.95 ? 26  GLU A CD  1 
ATOM   205  O  OE1 . GLU A 1 29  ? 1.850   -11.412 -12.540 1.00 32.77 ? 26  GLU A OE1 1 
ATOM   206  O  OE2 . GLU A 1 29  ? 0.338   -12.495 -11.410 1.00 36.46 ? 26  GLU A OE2 1 
ATOM   207  N  N   . PHE A 1 30  ? 4.096   -7.767  -8.563  1.00 22.54 ? 27  PHE A N   1 
ATOM   208  C  CA  . PHE A 1 30  ? 5.389   -7.179  -8.309  1.00 22.40 ? 27  PHE A CA  1 
ATOM   209  C  C   . PHE A 1 30  ? 6.434   -8.268  -8.348  1.00 21.25 ? 27  PHE A C   1 
ATOM   210  O  O   . PHE A 1 30  ? 6.217   -9.332  -7.779  1.00 20.84 ? 27  PHE A O   1 
ATOM   211  C  CB  . PHE A 1 30  ? 5.370   -6.610  -6.887  1.00 23.99 ? 27  PHE A CB  1 
ATOM   212  C  CG  . PHE A 1 30  ? 4.434   -5.416  -6.754  1.00 22.10 ? 27  PHE A CG  1 
ATOM   213  C  CD1 . PHE A 1 30  ? 4.941   -4.128  -6.825  1.00 26.98 ? 27  PHE A CD1 1 
ATOM   214  C  CD2 . PHE A 1 30  ? 3.041   -5.618  -6.548  1.00 20.81 ? 27  PHE A CD2 1 
ATOM   215  C  CE1 . PHE A 1 30  ? 4.077   -3.037  -6.710  1.00 28.40 ? 27  PHE A CE1 1 
ATOM   216  C  CE2 . PHE A 1 30  ? 2.164   -4.537  -6.434  1.00 24.73 ? 27  PHE A CE2 1 
ATOM   217  C  CZ  . PHE A 1 30  ? 2.718   -3.239  -6.526  1.00 23.80 ? 27  PHE A CZ  1 
ATOM   218  N  N   . THR A 1 31  ? 7.531   -8.014  -9.053  1.00 22.15 ? 28  THR A N   1 
ATOM   219  C  CA  . THR A 1 31  ? 8.603   -9.016  -9.203  1.00 22.83 ? 28  THR A CA  1 
ATOM   220  C  C   . THR A 1 31  ? 9.921   -8.265  -9.053  1.00 23.85 ? 28  THR A C   1 
ATOM   221  O  O   . THR A 1 31  ? 9.953   -7.029  -8.859  1.00 23.00 ? 28  THR A O   1 
ATOM   222  C  CB  . THR A 1 31  ? 8.601   -9.682  -10.624 1.00 23.30 ? 28  THR A CB  1 
ATOM   223  O  OG1 . THR A 1 31  ? 8.880   -8.654  -11.589 1.00 24.58 ? 28  THR A OG1 1 
ATOM   224  C  CG2 . THR A 1 31  ? 7.249   -10.294 -10.990 1.00 23.20 ? 28  THR A CG2 1 
ATOM   225  N  N   . GLY A 1 32  ? 11.021  -9.003  -9.166  1.00 24.03 ? 29  GLY A N   1 
ATOM   226  C  CA  . GLY A 1 32  ? 12.350  -8.397  -9.019  1.00 25.56 ? 29  GLY A CA  1 
ATOM   227  C  C   . GLY A 1 32  ? 12.690  -7.529  -10.225 1.00 25.44 ? 29  GLY A C   1 
ATOM   228  O  O   . GLY A 1 32  ? 13.727  -6.853  -10.191 1.00 27.25 ? 29  GLY A O   1 
ATOM   229  N  N   . ALA A 1 33  ? 11.850  -7.553  -11.265 1.00 25.57 ? 30  ALA A N   1 
ATOM   230  C  CA  . ALA A 1 33  ? 11.930  -6.616  -12.407 1.00 26.63 ? 30  ALA A CA  1 
ATOM   231  C  C   . ALA A 1 33  ? 11.217  -5.250  -12.182 1.00 26.62 ? 30  ALA A C   1 
ATOM   232  O  O   . ALA A 1 33  ? 11.500  -4.262  -12.885 1.00 26.03 ? 30  ALA A O   1 
ATOM   233  C  CB  . ALA A 1 33  ? 11.404  -7.253  -13.646 1.00 27.39 ? 30  ALA A CB  1 
ATOM   234  N  N   . THR A 1 34  ? 10.279  -5.225  -11.234 1.00 25.69 ? 31  THR A N   1 
ATOM   235  C  CA  . THR A 1 34  ? 9.552   -3.999  -10.866 1.00 25.36 ? 31  THR A CA  1 
ATOM   236  C  C   . THR A 1 34  ? 10.537  -2.953  -10.326 1.00 26.63 ? 31  THR A C   1 
ATOM   237  O  O   . THR A 1 34  ? 11.468  -3.270  -9.532  1.00 26.28 ? 31  THR A O   1 
ATOM   238  C  CB  . THR A 1 34  ? 8.544   -4.311  -9.792  1.00 25.67 ? 31  THR A CB  1 
ATOM   239  O  OG1 . THR A 1 34  ? 7.658   -5.301  -10.288 1.00 26.83 ? 31  THR A OG1 1 
ATOM   240  C  CG2 . THR A 1 34  ? 7.726   -3.005  -9.411  1.00 26.08 ? 31  THR A CG2 1 
ATOM   241  N  N   . VAL A 1 35  ? 10.384  -1.716  -10.778 1.00 26.46 ? 32  VAL A N   1 
ATOM   242  C  CA  . VAL A 1 35  ? 11.267  -0.652  -10.292 1.00 28.47 ? 32  VAL A CA  1 
ATOM   243  C  C   . VAL A 1 35  ? 11.168  -0.584  -8.752  1.00 28.71 ? 32  VAL A C   1 
ATOM   244  O  O   . VAL A 1 35  ? 10.084  -0.719  -8.156  1.00 27.45 ? 32  VAL A O   1 
ATOM   245  C  CB  . VAL A 1 35  ? 10.954  0.701   -11.026 1.00 27.89 ? 32  VAL A CB  1 
ATOM   246  C  CG1 . VAL A 1 35  ? 11.658  1.900   -10.335 1.00 30.81 ? 32  VAL A CG1 1 
ATOM   247  C  CG2 . VAL A 1 35  ? 11.353  0.585   -12.480 1.00 31.09 ? 32  VAL A CG2 1 
ATOM   248  N  N   . ASP A 1 36  ? 12.313  -0.413  -8.100  1.00 30.46 ? 33  ASP A N   1 
ATOM   249  C  CA  . ASP A 1 36  ? 12.343  -0.278  -6.671  1.00 31.02 ? 33  ASP A CA  1 
ATOM   250  C  C   . ASP A 1 36  ? 11.958  1.161   -6.250  1.00 30.52 ? 33  ASP A C   1 
ATOM   251  O  O   . ASP A 1 36  ? 12.814  2.046   -6.148  1.00 31.22 ? 33  ASP A O   1 
ATOM   252  C  CB  . ASP A 1 36  ? 13.768  -0.613  -6.216  1.00 32.86 ? 33  ASP A CB  1 
ATOM   253  C  CG  . ASP A 1 36  ? 13.912  -0.649  -4.713  1.00 36.52 ? 33  ASP A CG  1 
ATOM   254  O  OD1 . ASP A 1 36  ? 12.882  -0.740  -3.989  1.00 39.35 ? 33  ASP A OD1 1 
ATOM   255  O  OD2 . ASP A 1 36  ? 15.090  -0.595  -4.278  1.00 39.26 ? 33  ASP A OD2 1 
ATOM   256  N  N   . ALA A 1 37  ? 10.672  1.388   -6.011  1.00 28.10 ? 34  ALA A N   1 
ATOM   257  C  CA  . ALA A 1 37  ? 10.166  2.752   -5.730  1.00 27.36 ? 34  ALA A CA  1 
ATOM   258  C  C   . ALA A 1 37  ? 8.852   2.570   -4.986  1.00 25.76 ? 34  ALA A C   1 
ATOM   259  O  O   . ALA A 1 37  ? 8.215   1.523   -5.123  1.00 27.52 ? 34  ALA A O   1 
ATOM   260  C  CB  . ALA A 1 37  ? 9.912   3.507   -7.053  1.00 26.85 ? 34  ALA A CB  1 
ATOM   261  N  N   . PRO A 1 38  ? 8.440   3.577   -4.196  1.00 25.20 ? 35  PRO A N   1 
ATOM   262  C  CA  . PRO A 1 38  ? 7.172   3.615   -3.500  1.00 23.77 ? 35  PRO A CA  1 
ATOM   263  C  C   . PRO A 1 38  ? 6.074   3.967   -4.527  1.00 24.04 ? 35  PRO A C   1 
ATOM   264  O  O   . PRO A 1 38  ? 5.497   5.057   -4.518  1.00 24.63 ? 35  PRO A O   1 
ATOM   265  C  CB  . PRO A 1 38  ? 7.364   4.745   -2.471  1.00 24.40 ? 35  PRO A CB  1 
ATOM   266  C  CG  . PRO A 1 38  ? 8.333   5.674   -3.122  1.00 24.33 ? 35  PRO A CG  1 
ATOM   267  C  CD  . PRO A 1 38  ? 9.252   4.788   -3.949  1.00 24.76 ? 35  PRO A CD  1 
ATOM   268  N  N   . LEU A 1 39  ? 5.754   3.022   -5.368  1.00 23.55 ? 36  LEU A N   1 
ATOM   269  C  CA  . LEU A 1 39  ? 4.847   3.315   -6.482  1.00 22.82 ? 36  LEU A CA  1 
ATOM   270  C  C   . LEU A 1 39  ? 3.411   3.666   -6.082  1.00 23.29 ? 36  LEU A C   1 
ATOM   271  O  O   . LEU A 1 39  ? 2.789   4.479   -6.781  1.00 21.67 ? 36  LEU A O   1 
ATOM   272  C  CB  . LEU A 1 39  ? 4.856   2.125   -7.448  1.00 22.92 ? 36  LEU A CB  1 
ATOM   273  C  CG  . LEU A 1 39  ? 6.195   1.914   -8.158  1.00 24.40 ? 36  LEU A CG  1 
ATOM   274  C  CD1 . LEU A 1 39  ? 6.174   0.522   -8.861  1.00 27.06 ? 36  LEU A CD1 1 
ATOM   275  C  CD2 . LEU A 1 39  ? 6.500   2.998   -9.151  1.00 27.81 ? 36  LEU A CD2 1 
HETATM 276  N  N   . MSE A 1 40  ? 2.846   2.982   -5.071  1.00 22.51 ? 37  MSE A N   1 
HETATM 277  C  CA  . MSE A 1 40  ? 1.482   3.317   -4.629  1.00 22.63 ? 37  MSE A CA  1 
HETATM 278  C  C   . MSE A 1 40  ? 1.460   4.746   -4.091  1.00 21.30 ? 37  MSE A C   1 
HETATM 279  O  O   . MSE A 1 40  ? 0.551   5.485   -4.407  1.00 22.98 ? 37  MSE A O   1 
HETATM 280  C  CB  . MSE A 1 40  ? 0.914   2.371   -3.559  1.00 24.15 ? 37  MSE A CB  1 
HETATM 281  C  CG  . MSE A 1 40  ? 0.930   0.909   -3.891  1.00 26.25 ? 37  MSE A CG  1 
HETATM 282  SE SE  . MSE A 1 40  ? -0.242  0.607   -5.433  0.78 35.16 ? 37  MSE A SE  1 
HETATM 283  C  CE  . MSE A 1 40  ? 1.230   0.468   -6.743  1.00 30.88 ? 37  MSE A CE  1 
ATOM   284  N  N   . SER A 1 41  ? 2.497   5.124   -3.333  1.00 20.76 ? 38  SER A N   1 
ATOM   285  C  CA  . SER A 1 41  ? 2.589   6.517   -2.857  1.00 20.07 ? 38  SER A CA  1 
ATOM   286  C  C   . SER A 1 41  ? 2.649   7.455   -4.053  1.00 20.89 ? 38  SER A C   1 
ATOM   287  O  O   . SER A 1 41  ? 2.004   8.509   -4.047  1.00 21.35 ? 38  SER A O   1 
ATOM   288  C  CB  . SER A 1 41  ? 3.800   6.721   -1.905  1.00 20.76 ? 38  SER A CB  1 
ATOM   289  O  OG  . SER A 1 41  ? 3.572   6.040   -0.661  1.00 23.62 ? 38  SER A OG  1 
ATOM   290  N  N   . GLN A 1 42  ? 3.462   7.113   -5.036  1.00 21.64 ? 39  GLN A N   1 
ATOM   291  C  CA  . GLN A 1 42  ? 3.665   8.062   -6.180  1.00 22.37 ? 39  GLN A CA  1 
ATOM   292  C  C   . GLN A 1 42  ? 2.407   8.253   -6.987  1.00 22.05 ? 39  GLN A C   1 
ATOM   293  O  O   . GLN A 1 42  ? 2.061   9.414   -7.347  1.00 21.83 ? 39  GLN A O   1 
ATOM   294  C  CB  . GLN A 1 42  ? 4.845   7.633   -7.055  1.00 20.75 ? 39  GLN A CB  1 
ATOM   295  C  CG  . GLN A 1 42  ? 6.139   7.724   -6.297  1.00 23.00 ? 39  GLN A CG  1 
ATOM   296  C  CD  . GLN A 1 42  ? 7.267   7.097   -7.030  1.00 26.32 ? 39  GLN A CD  1 
ATOM   297  O  OE1 . GLN A 1 42  ? 7.064   6.416   -8.035  1.00 27.80 ? 39  GLN A OE1 1 
ATOM   298  N  NE2 . GLN A 1 42  ? 8.485   7.347   -6.566  1.00 28.12 ? 39  GLN A NE2 1 
ATOM   299  N  N   . ILE A 1 43  ? 1.668   7.167   -7.269  1.00 21.94 ? 40  ILE A N   1 
ATOM   300  C  CA  . ILE A 1 43  ? 0.394   7.397   -8.044  1.00 21.44 ? 40  ILE A CA  1 
ATOM   301  C  C   . ILE A 1 43  ? -0.685  8.097   -7.213  1.00 21.51 ? 40  ILE A C   1 
ATOM   302  O  O   . ILE A 1 43  ? -1.547  8.786   -7.757  1.00 21.94 ? 40  ILE A O   1 
ATOM   303  C  CB  . ILE A 1 43  ? -0.176  6.127   -8.681  1.00 21.48 ? 40  ILE A CB  1 
ATOM   304  C  CG1 . ILE A 1 43  ? -0.591  5.085   -7.635  1.00 21.87 ? 40  ILE A CG1 1 
ATOM   305  C  CG2 . ILE A 1 43  ? 0.850   5.539   -9.678  1.00 22.07 ? 40  ILE A CG2 1 
ATOM   306  C  CD1 . ILE A 1 43  ? -1.491  3.899   -8.273  1.00 22.46 ? 40  ILE A CD1 1 
ATOM   307  N  N   . SER A 1 44  ? -0.623  7.934   -5.882  1.00 21.23 ? 41  SER A N   1 
ATOM   308  C  CA  . SER A 1 44  ? -1.580  8.586   -4.946  1.00 21.41 ? 41  SER A CA  1 
ATOM   309  C  C   . SER A 1 44  ? -1.413  10.086  -5.047  1.00 21.61 ? 41  SER A C   1 
ATOM   310  O  O   . SER A 1 44  ? -2.402  10.852  -4.992  1.00 24.66 ? 41  SER A O   1 
ATOM   311  C  CB  . SER A 1 44  ? -1.324  8.175   -3.506  1.00 22.23 ? 41  SER A CB  1 
ATOM   312  O  OG  . SER A 1 44  ? -1.678  6.787   -3.455  1.00 21.75 ? 41  SER A OG  1 
ATOM   313  N  N   . ARG A 1 45  ? -0.157  10.481  -5.154  1.00 20.22 ? 42  ARG A N   1 
ATOM   314  C  CA  . ARG A 1 45  ? 0.177   11.938  -5.202  1.00 23.59 ? 42  ARG A CA  1 
ATOM   315  C  C   . ARG A 1 45  ? 0.042   12.464  -6.628  1.00 23.25 ? 42  ARG A C   1 
ATOM   316  O  O   . ARG A 1 45  ? -0.546  13.534  -6.871  1.00 22.96 ? 42  ARG A O   1 
ATOM   317  C  CB  . ARG A 1 45  ? 1.596   12.195  -4.683  1.00 24.33 ? 42  ARG A CB  1 
ATOM   318  C  CG  . ARG A 1 45  ? 1.678   12.480  -3.165  1.00 28.53 ? 42  ARG A CG  1 
ATOM   319  C  CD  . ARG A 1 45  ? 3.120   12.865  -2.688  1.00 26.96 ? 42  ARG A CD  1 
ATOM   320  N  NE  . ARG A 1 45  ? 4.143   12.053  -3.320  1.00 29.88 ? 42  ARG A NE  1 
ATOM   321  C  CZ  . ARG A 1 45  ? 4.747   11.033  -2.729  1.00 30.33 ? 42  ARG A CZ  1 
ATOM   322  N  NH1 . ARG A 1 45  ? 4.415   10.691  -1.470  1.00 27.23 ? 42  ARG A NH1 1 
ATOM   323  N  NH2 . ARG A 1 45  ? 5.668   10.366  -3.394  1.00 29.92 ? 42  ARG A NH2 1 
ATOM   324  N  N   . LYS A 1 46  ? 0.644   11.775  -7.569  1.00 20.65 ? 43  LYS A N   1 
ATOM   325  C  CA  . LYS A 1 46  ? 0.822   12.310  -8.928  1.00 22.96 ? 43  LYS A CA  1 
ATOM   326  C  C   . LYS A 1 46  ? -0.465  12.344  -9.725  1.00 21.76 ? 43  LYS A C   1 
ATOM   327  O  O   . LYS A 1 46  ? -0.677  13.232  -10.525 1.00 23.21 ? 43  LYS A O   1 
ATOM   328  C  CB  . LYS A 1 46  ? 1.851   11.459  -9.712  1.00 22.76 ? 43  LYS A CB  1 
ATOM   329  C  CG  . LYS A 1 46  ? 3.281   11.714  -9.299  1.00 23.42 ? 43  LYS A CG  1 
ATOM   330  C  CD  . LYS A 1 46  ? 4.262   10.793  -10.054 1.00 26.69 ? 43  LYS A CD  1 
ATOM   331  C  CE  . LYS A 1 46  ? 5.674   11.349  -9.939  1.00 32.17 ? 43  LYS A CE  1 
ATOM   332  N  NZ  . LYS A 1 46  ? 6.635   10.451  -10.736 1.00 33.73 ? 43  LYS A NZ  1 
ATOM   333  N  N   . TYR A 1 47  ? -1.323  11.351  -9.511  1.00 22.16 ? 44  TYR A N   1 
ATOM   334  C  CA  . TYR A 1 47  ? -2.549  11.173  -10.276 1.00 24.03 ? 44  TYR A CA  1 
ATOM   335  C  C   . TYR A 1 47  ? -3.782  11.239  -9.419  1.00 23.99 ? 44  TYR A C   1 
ATOM   336  O  O   . TYR A 1 47  ? -4.853  10.978  -9.915  1.00 26.79 ? 44  TYR A O   1 
ATOM   337  C  CB  . TYR A 1 47  ? -2.532  9.846   -11.085 1.00 23.56 ? 44  TYR A CB  1 
ATOM   338  C  CG  . TYR A 1 47  ? -1.321  9.764   -11.951 1.00 25.20 ? 44  TYR A CG  1 
ATOM   339  C  CD1 . TYR A 1 47  ? -1.198  10.576  -13.089 1.00 29.24 ? 44  TYR A CD1 1 
ATOM   340  C  CD2 . TYR A 1 47  ? -0.274  8.899   -11.628 1.00 26.22 ? 44  TYR A CD2 1 
ATOM   341  C  CE1 . TYR A 1 47  ? -0.060  10.513  -13.893 1.00 29.87 ? 44  TYR A CE1 1 
ATOM   342  C  CE2 . TYR A 1 47  ? 0.879   8.840   -12.399 1.00 25.90 ? 44  TYR A CE2 1 
ATOM   343  C  CZ  . TYR A 1 47  ? 0.971   9.642   -13.536 1.00 27.13 ? 44  TYR A CZ  1 
ATOM   344  O  OH  . TYR A 1 47  ? 2.091   9.604   -14.329 1.00 29.67 ? 44  TYR A OH  1 
ATOM   345  N  N   A ASN A 1 48  ? -3.640  11.573  -8.141  0.50 24.84 ? 45  ASN A N   1 
ATOM   346  N  N   B ASN A 1 48  ? -3.615  11.698  -8.172  0.50 24.87 ? 45  ASN A N   1 
ATOM   347  C  CA  A ASN A 1 48  ? -4.815  11.833  -7.337  0.50 25.00 ? 45  ASN A CA  1 
ATOM   348  C  CA  B ASN A 1 48  ? -4.672  11.821  -7.140  0.50 24.87 ? 45  ASN A CA  1 
ATOM   349  C  C   A ASN A 1 48  ? -5.577  10.534  -7.321  0.50 25.35 ? 45  ASN A C   1 
ATOM   350  C  C   B ASN A 1 48  ? -5.525  10.582  -6.979  0.50 25.31 ? 45  ASN A C   1 
ATOM   351  O  O   A ASN A 1 48  ? -6.765  10.519  -7.647  0.50 25.73 ? 45  ASN A O   1 
ATOM   352  O  O   B ASN A 1 48  ? -6.730  10.657  -6.794  0.50 26.11 ? 45  ASN A O   1 
ATOM   353  C  CB  A ASN A 1 48  ? -5.653  12.942  -8.004  0.50 25.87 ? 45  ASN A CB  1 
ATOM   354  C  CB  B ASN A 1 48  ? -5.525  13.100  -7.266  0.50 25.47 ? 45  ASN A CB  1 
ATOM   355  C  CG  A ASN A 1 48  ? -4.806  13.870  -8.888  0.50 28.01 ? 45  ASN A CG  1 
ATOM   356  C  CG  B ASN A 1 48  ? -6.487  13.279  -6.076  0.50 26.14 ? 45  ASN A CG  1 
ATOM   357  O  OD1 A ASN A 1 48  ? -5.220  14.287  -9.996  0.50 30.76 ? 45  ASN A OD1 1 
ATOM   358  O  OD1 B ASN A 1 48  ? -6.101  13.093  -4.908  0.50 28.17 ? 45  ASN A OD1 1 
ATOM   359  N  ND2 A ASN A 1 48  ? -3.597  14.164  -8.420  0.50 31.00 ? 45  ASN A ND2 1 
ATOM   360  N  ND2 B ASN A 1 48  ? -7.748  13.583  -6.375  0.50 29.45 ? 45  ASN A ND2 1 
ATOM   361  N  N   . ILE A 1 49  ? -4.862  9.432   -7.039  1.00 24.99 ? 46  ILE A N   1 
ATOM   362  C  CA  . ILE A 1 49  ? -5.541  8.138   -6.917  1.00 25.09 ? 46  ILE A CA  1 
ATOM   363  C  C   . ILE A 1 49  ? -5.651  7.772   -5.467  1.00 24.73 ? 46  ILE A C   1 
ATOM   364  O  O   . ILE A 1 49  ? -4.662  7.845   -4.726  1.00 24.38 ? 46  ILE A O   1 
ATOM   365  C  CB  . ILE A 1 49  ? -4.831  6.981   -7.677  1.00 26.09 ? 46  ILE A CB  1 
ATOM   366  C  CG1 . ILE A 1 49  ? -4.591  7.292   -9.150  1.00 25.90 ? 46  ILE A CG1 1 
ATOM   367  C  CG2 . ILE A 1 49  ? -5.627  5.622   -7.469  1.00 25.08 ? 46  ILE A CG2 1 
ATOM   368  C  CD1 . ILE A 1 49  ? -5.797  7.589   -10.033 1.00 28.32 ? 46  ILE A CD1 1 
ATOM   369  N  N   . ASP A 1 50  ? -6.861  7.389   -5.048  1.00 24.53 ? 47  ASP A N   1 
ATOM   370  C  CA  . ASP A 1 50  ? -7.006  6.686   -3.775  1.00 24.69 ? 47  ASP A CA  1 
ATOM   371  C  C   . ASP A 1 50  ? -6.988  5.200   -4.055  1.00 25.79 ? 47  ASP A C   1 
ATOM   372  O  O   . ASP A 1 50  ? -7.912  4.664   -4.709  1.00 26.98 ? 47  ASP A O   1 
ATOM   373  C  CB  . ASP A 1 50  ? -8.297  7.064   -3.091  1.00 24.79 ? 47  ASP A CB  1 
ATOM   374  C  CG  . ASP A 1 50  ? -8.176  8.394   -2.295  1.00 27.75 ? 47  ASP A CG  1 
ATOM   375  O  OD1 . ASP A 1 50  ? -7.028  8.756   -1.893  1.00 28.99 ? 47  ASP A OD1 1 
ATOM   376  O  OD2 . ASP A 1 50  ? -9.223  8.992   -2.013  1.00 29.97 ? 47  ASP A OD2 1 
ATOM   377  N  N   . VAL A 1 51  ? -5.935  4.557   -3.575  1.00 23.78 ? 48  VAL A N   1 
ATOM   378  C  CA  . VAL A 1 51  ? -5.718  3.139   -3.787  1.00 24.40 ? 48  VAL A CA  1 
ATOM   379  C  C   . VAL A 1 51  ? -6.389  2.432   -2.617  1.00 25.30 ? 48  VAL A C   1 
ATOM   380  O  O   . VAL A 1 51  ? -5.868  2.419   -1.454  1.00 25.02 ? 48  VAL A O   1 
ATOM   381  C  CB  . VAL A 1 51  ? -4.210  2.800   -3.814  1.00 24.49 ? 48  VAL A CB  1 
ATOM   382  C  CG1 . VAL A 1 51  ? -3.993  1.301   -4.052  1.00 24.33 ? 48  VAL A CG1 1 
ATOM   383  C  CG2 . VAL A 1 51  ? -3.426  3.710   -4.877  1.00 23.68 ? 48  VAL A CG2 1 
ATOM   384  N  N   . SER A 1 52  ? -7.545  1.843   -2.900  1.00 24.16 ? 49  SER A N   1 
ATOM   385  C  CA  . SER A 1 52  ? -8.296  1.144   -1.901  1.00 23.86 ? 49  SER A CA  1 
ATOM   386  C  C   . SER A 1 52  ? -7.887  -0.316  -1.938  1.00 25.30 ? 49  SER A C   1 
ATOM   387  O  O   . SER A 1 52  ? -8.340  -1.095  -2.797  1.00 24.60 ? 49  SER A O   1 
ATOM   388  C  CB  . SER A 1 52  ? -9.799  1.336   -2.132  1.00 26.41 ? 49  SER A CB  1 
ATOM   389  O  OG  . SER A 1 52  ? -10.542 0.634   -1.132  1.00 28.45 ? 49  SER A OG  1 
ATOM   390  N  N   . ILE A 1 53  ? -6.995  -0.666  -1.021  1.00 24.02 ? 50  ILE A N   1 
ATOM   391  C  CA  . ILE A 1 53  ? -6.394  -2.011  -0.995  1.00 26.61 ? 50  ILE A CA  1 
ATOM   392  C  C   . ILE A 1 53  ? -7.359  -2.998  -0.394  1.00 27.60 ? 50  ILE A C   1 
ATOM   393  O  O   . ILE A 1 53  ? -7.892  -2.766  0.702   1.00 29.40 ? 50  ILE A O   1 
ATOM   394  C  CB  . ILE A 1 53  ? -5.030  -2.042  -0.227  1.00 25.83 ? 50  ILE A CB  1 
ATOM   395  C  CG1 . ILE A 1 53  ? -4.025  -1.047  -0.812  1.00 28.36 ? 50  ILE A CG1 1 
ATOM   396  C  CG2 . ILE A 1 53  ? -4.517  -3.491  -0.131  1.00 25.89 ? 50  ILE A CG2 1 
ATOM   397  C  CD1 . ILE A 1 53  ? -2.893  -0.615  0.195   1.00 29.85 ? 50  ILE A CD1 1 
ATOM   398  N  N   . LEU A 1 54  ? -7.635  -4.059  -1.143  1.00 25.98 ? 51  LEU A N   1 
ATOM   399  C  CA  . LEU A 1 54  ? -8.534  -5.135  -0.711  1.00 26.28 ? 51  LEU A CA  1 
ATOM   400  C  C   . LEU A 1 54  ? -7.704  -6.280  -0.133  1.00 26.12 ? 51  LEU A C   1 
ATOM   401  O  O   . LEU A 1 54  ? -8.033  -6.807  0.941   1.00 26.47 ? 51  LEU A O   1 
ATOM   402  C  CB  . LEU A 1 54  ? -9.371  -5.668  -1.856  1.00 28.21 ? 51  LEU A CB  1 
ATOM   403  C  CG  . LEU A 1 54  ? -10.328 -4.746  -2.606  1.00 31.33 ? 51  LEU A CG  1 
ATOM   404  C  CD1 . LEU A 1 54  ? -11.247 -5.652  -3.465  1.00 34.28 ? 51  LEU A CD1 1 
ATOM   405  C  CD2 . LEU A 1 54  ? -11.104 -3.856  -1.626  1.00 37.32 ? 51  LEU A CD2 1 
ATOM   406  N  N   . SER A 1 55  ? -6.643  -6.682  -0.840  1.00 25.01 ? 52  SER A N   1 
ATOM   407  C  CA  . SER A 1 55  ? -5.841  -7.863  -0.384  1.00 24.30 ? 52  SER A CA  1 
ATOM   408  C  C   . SER A 1 55  ? -4.435  -7.716  -0.927  1.00 24.22 ? 52  SER A C   1 
ATOM   409  O  O   . SER A 1 55  ? -4.205  -6.970  -1.886  1.00 23.97 ? 52  SER A O   1 
ATOM   410  C  CB  . SER A 1 55  ? -6.440  -9.199  -0.859  1.00 26.66 ? 52  SER A CB  1 
ATOM   411  O  OG  . SER A 1 55  ? -6.410  -9.345  -2.284  1.00 27.23 ? 52  SER A OG  1 
ATOM   412  N  N   . SER A 1 56  ? -3.501  -8.318  -0.218  1.00 23.71 ? 53  SER A N   1 
ATOM   413  C  CA  . SER A 1 56  ? -2.139  -8.311  -0.686  1.00 26.94 ? 53  SER A CA  1 
ATOM   414  C  C   . SER A 1 56  ? -1.462  -9.532  -0.147  1.00 27.55 ? 53  SER A C   1 
ATOM   415  O  O   . SER A 1 56  ? -1.815  -10.073 0.926   1.00 29.31 ? 53  SER A O   1 
ATOM   416  C  CB  . SER A 1 56  ? -1.447  -7.083  -0.140  1.00 28.18 ? 53  SER A CB  1 
ATOM   417  O  OG  . SER A 1 56  ? -0.123  -6.919  -0.746  1.00 34.76 ? 53  SER A OG  1 
ATOM   418  N  N   A ASP A 1 57  ? -0.462  -9.997  -0.878  0.50 26.85 ? 54  ASP A N   1 
ATOM   419  N  N   B ASP A 1 57  ? -0.500  -9.994  -0.910  0.50 26.57 ? 54  ASP A N   1 
ATOM   420  C  CA  A ASP A 1 57  ? 0.378   -11.103 -0.417  0.50 27.06 ? 54  ASP A CA  1 
ATOM   421  C  CA  B ASP A 1 57  ? 0.366   -11.054 -0.482  0.50 26.54 ? 54  ASP A CA  1 
ATOM   422  C  C   A ASP A 1 57  ? 1.799   -10.818 -0.916  0.50 26.79 ? 54  ASP A C   1 
ATOM   423  C  C   B ASP A 1 57  ? 1.653   -10.587 -1.124  0.50 25.76 ? 54  ASP A C   1 
ATOM   424  O  O   A ASP A 1 57  ? 2.339   -11.524 -1.768  0.50 29.20 ? 54  ASP A O   1 
ATOM   425  O  O   B ASP A 1 57  ? 1.922   -10.904 -2.280  0.50 26.04 ? 54  ASP A O   1 
ATOM   426  C  CB  A ASP A 1 57  ? -0.159  -12.461 -0.907  0.50 26.78 ? 54  ASP A CB  1 
ATOM   427  C  CB  B ASP A 1 57  ? -0.089  -12.392 -1.057  0.50 26.54 ? 54  ASP A CB  1 
ATOM   428  C  CG  A ASP A 1 57  ? 0.207   -12.771 -2.363  0.50 28.51 ? 54  ASP A CG  1 
ATOM   429  C  CG  B ASP A 1 57  ? 0.532   -13.578 -0.346  0.50 28.76 ? 54  ASP A CG  1 
ATOM   430  O  OD1 A ASP A 1 57  ? -0.054  -13.900 -2.828  0.50 29.65 ? 54  ASP A OD1 1 
ATOM   431  O  OD1 B ASP A 1 57  ? 1.535   -13.398 0.353   0.50 30.12 ? 54  ASP A OD1 1 
ATOM   432  O  OD2 A ASP A 1 57  ? 0.739   -11.886 -3.059  0.50 28.66 ? 54  ASP A OD2 1 
ATOM   433  O  OD2 B ASP A 1 57  ? -0.023  -14.687 -0.449  0.50 33.59 ? 54  ASP A OD2 1 
ATOM   434  N  N   . LEU A 1 58  ? 2.376   -9.759  -0.390  1.00 25.75 ? 55  LEU A N   1 
ATOM   435  C  CA  . LEU A 1 58  ? 3.723   -9.285  -0.802  1.00 25.69 ? 55  LEU A CA  1 
ATOM   436  C  C   . LEU A 1 58  ? 4.732   -9.771  0.221   1.00 26.94 ? 55  LEU A C   1 
ATOM   437  O  O   . LEU A 1 58  ? 4.476   -9.795  1.435   1.00 25.06 ? 55  LEU A O   1 
ATOM   438  C  CB  . LEU A 1 58  ? 3.743   -7.774  -0.820  1.00 25.24 ? 55  LEU A CB  1 
ATOM   439  C  CG  . LEU A 1 58  ? 2.956   -7.114  -1.958  1.00 26.79 ? 55  LEU A CG  1 
ATOM   440  C  CD1 . LEU A 1 58  ? 2.779   -5.645  -1.571  1.00 27.84 ? 55  LEU A CD1 1 
ATOM   441  C  CD2 . LEU A 1 58  ? 3.718   -7.231  -3.270  1.00 30.13 ? 55  LEU A CD2 1 
ATOM   442  N  N   . ASP A 1 59  ? 5.921   -10.129 -0.258  1.00 26.21 ? 56  ASP A N   1 
ATOM   443  C  CA  . ASP A 1 59  ? 6.946   -10.662 0.641   1.00 28.96 ? 56  ASP A CA  1 
ATOM   444  C  C   . ASP A 1 59  ? 8.249   -10.047 0.185   1.00 28.32 ? 56  ASP A C   1 
ATOM   445  O  O   . ASP A 1 59  ? 8.304   -9.481  -0.895  1.00 27.87 ? 56  ASP A O   1 
ATOM   446  C  CB  . ASP A 1 59  ? 6.990   -12.184 0.552   1.00 29.49 ? 56  ASP A CB  1 
ATOM   447  C  CG  . ASP A 1 59  ? 7.748   -12.840 1.721   1.00 36.79 ? 56  ASP A CG  1 
ATOM   448  O  OD1 . ASP A 1 59  ? 8.107   -12.169 2.729   1.00 43.32 ? 56  ASP A OD1 1 
ATOM   449  O  OD2 . ASP A 1 59  ? 7.957   -14.057 1.632   1.00 41.38 ? 56  ASP A OD2 1 
ATOM   450  N  N   . TYR A 1 60  ? 9.263   -10.068 1.043   1.00 27.62 ? 57  TYR A N   1 
ATOM   451  C  CA  . TYR A 1 60  ? 10.535  -9.560  0.671   1.00 27.91 ? 57  TYR A CA  1 
ATOM   452  C  C   . TYR A 1 60  ? 11.501  -10.643 1.140   1.00 27.72 ? 57  TYR A C   1 
ATOM   453  O  O   . TYR A 1 60  ? 11.540  -10.960 2.323   1.00 28.02 ? 57  TYR A O   1 
ATOM   454  C  CB  . TYR A 1 60  ? 10.804  -8.223  1.361   1.00 30.10 ? 57  TYR A CB  1 
ATOM   455  C  CG  . TYR A 1 60  ? 12.155  -7.656  1.018   1.00 33.99 ? 57  TYR A CG  1 
ATOM   456  C  CD1 . TYR A 1 60  ? 12.290  -6.607  0.122   1.00 38.15 ? 57  TYR A CD1 1 
ATOM   457  C  CD2 . TYR A 1 60  ? 13.305  -8.202  1.563   1.00 36.73 ? 57  TYR A CD2 1 
ATOM   458  C  CE1 . TYR A 1 60  ? 13.553  -6.097  -0.207  1.00 39.06 ? 57  TYR A CE1 1 
ATOM   459  C  CE2 . TYR A 1 60  ? 14.553  -7.711  1.245   1.00 39.74 ? 57  TYR A CE2 1 
ATOM   460  C  CZ  . TYR A 1 60  ? 14.667  -6.651  0.359   1.00 36.51 ? 57  TYR A CZ  1 
ATOM   461  O  OH  . TYR A 1 60  ? 15.938  -6.184  0.100   1.00 42.17 ? 57  TYR A OH  1 
ATOM   462  N  N   . ALA A 1 61  ? 12.196  -11.274 0.210   1.00 26.57 ? 58  ALA A N   1 
ATOM   463  C  CA  . ALA A 1 61  ? 13.143  -12.325 0.594   1.00 26.91 ? 58  ALA A CA  1 
ATOM   464  C  C   . ALA A 1 61  ? 14.224  -12.387 -0.436  1.00 26.32 ? 58  ALA A C   1 
ATOM   465  O  O   . ALA A 1 61  ? 14.009  -12.083 -1.620  1.00 27.04 ? 58  ALA A O   1 
ATOM   466  C  CB  . ALA A 1 61  ? 12.457  -13.702 0.760   1.00 26.88 ? 58  ALA A CB  1 
ATOM   467  N  N   . GLY A 1 62  ? 15.399  -12.763 0.009   1.00 26.65 ? 59  GLY A N   1 
ATOM   468  C  CA  . GLY A 1 62  ? 16.495  -12.894 -0.903  1.00 26.77 ? 59  GLY A CA  1 
ATOM   469  C  C   . GLY A 1 62  ? 16.695  -11.636 -1.716  1.00 27.48 ? 59  GLY A C   1 
ATOM   470  O  O   . GLY A 1 62  ? 17.062  -11.717 -2.888  1.00 27.26 ? 59  GLY A O   1 
ATOM   471  N  N   . GLY A 1 63  ? 16.444  -10.478 -1.102  1.00 27.61 ? 60  GLY A N   1 
ATOM   472  C  CA  . GLY A 1 63  ? 16.715  -9.196  -1.757  1.00 28.44 ? 60  GLY A CA  1 
ATOM   473  C  C   . GLY A 1 63  ? 15.687  -8.775  -2.790  1.00 28.60 ? 60  GLY A C   1 
ATOM   474  O  O   . GLY A 1 63  ? 15.896  -7.805  -3.523  1.00 29.55 ? 60  GLY A O   1 
ATOM   475  N  N   . VAL A 1 64  ? 14.550  -9.471  -2.829  1.00 27.31 ? 61  VAL A N   1 
ATOM   476  C  CA  . VAL A 1 64  ? 13.522  -9.166  -3.832  1.00 26.47 ? 61  VAL A CA  1 
ATOM   477  C  C   . VAL A 1 64  ? 12.172  -8.983  -3.174  1.00 25.98 ? 61  VAL A C   1 
ATOM   478  O  O   . VAL A 1 64  ? 11.790  -9.806  -2.351  1.00 24.33 ? 61  VAL A O   1 
ATOM   479  C  CB  . VAL A 1 64  ? 13.455  -10.341 -4.877  1.00 25.78 ? 61  VAL A CB  1 
ATOM   480  C  CG1 . VAL A 1 64  ? 12.281  -10.213 -5.871  1.00 26.58 ? 61  VAL A CG1 1 
ATOM   481  C  CG2 . VAL A 1 64  ? 14.787  -10.482 -5.631  1.00 25.45 ? 61  VAL A CG2 1 
ATOM   482  N  N   . LYS A 1 65  ? 11.421  -7.951  -3.598  1.00 25.54 ? 62  LYS A N   1 
ATOM   483  C  CA  . LYS A 1 65  ? 10.049  -7.797  -3.165  1.00 28.39 ? 62  LYS A CA  1 
ATOM   484  C  C   . LYS A 1 65  ? 9.130   -8.329  -4.275  1.00 28.16 ? 62  LYS A C   1 
ATOM   485  O  O   . LYS A 1 65  ? 9.254   -7.942  -5.440  1.00 28.96 ? 62  LYS A O   1 
ATOM   486  C  CB  . LYS A 1 65  ? 9.704   -6.333  -2.879  1.00 27.59 ? 62  LYS A CB  1 
ATOM   487  C  CG  . LYS A 1 65  ? 8.234   -6.126  -2.527  1.00 34.70 ? 62  LYS A CG  1 
ATOM   488  C  CD  . LYS A 1 65  ? 7.857   -4.700  -2.882  1.00 34.10 ? 62  LYS A CD  1 
ATOM   489  C  CE  . LYS A 1 65  ? 6.476   -4.358  -2.474  1.00 33.90 ? 62  LYS A CE  1 
ATOM   490  N  NZ  . LYS A 1 65  ? 6.375   -2.893  -2.836  1.00 37.50 ? 62  LYS A NZ  1 
ATOM   491  N  N   . PHE A 1 66  ? 8.218   -9.214  -3.902  1.00 27.50 ? 63  PHE A N   1 
ATOM   492  C  CA  . PHE A 1 66  ? 7.406   -9.929  -4.879  1.00 26.26 ? 63  PHE A CA  1 
ATOM   493  C  C   . PHE A 1 66  ? 6.051   -10.273 -4.315  1.00 26.03 ? 63  PHE A C   1 
ATOM   494  O  O   . PHE A 1 66  ? 5.897   -10.391 -3.103  1.00 26.14 ? 63  PHE A O   1 
ATOM   495  C  CB  . PHE A 1 66  ? 8.095   -11.223 -5.351  1.00 26.80 ? 63  PHE A CB  1 
ATOM   496  C  CG  . PHE A 1 66  ? 8.320   -12.257 -4.272  1.00 25.87 ? 63  PHE A CG  1 
ATOM   497  C  CD1 . PHE A 1 66  ? 7.525   -13.400 -4.208  1.00 26.98 ? 63  PHE A CD1 1 
ATOM   498  C  CD2 . PHE A 1 66  ? 9.356   -12.108 -3.341  1.00 26.46 ? 63  PHE A CD2 1 
ATOM   499  C  CE1 . PHE A 1 66  ? 7.766   -14.371 -3.245  1.00 32.15 ? 63  PHE A CE1 1 
ATOM   500  C  CE2 . PHE A 1 66  ? 9.591   -13.078 -2.372  1.00 25.82 ? 63  PHE A CE2 1 
ATOM   501  C  CZ  . PHE A 1 66  ? 8.798   -14.197 -2.311  1.00 27.79 ? 63  PHE A CZ  1 
ATOM   502  N  N   . GLY A 1 67  ? 5.066   -10.432 -5.204  1.00 24.34 ? 64  GLY A N   1 
ATOM   503  C  CA  . GLY A 1 67  ? 3.740   -10.791 -4.736  1.00 22.72 ? 64  GLY A CA  1 
ATOM   504  C  C   . GLY A 1 67  ? 2.697   -10.034 -5.519  1.00 23.08 ? 64  GLY A C   1 
ATOM   505  O  O   . GLY A 1 67  ? 2.966   -9.457  -6.573  1.00 23.45 ? 64  GLY A O   1 
HETATM 506  N  N   . MSE A 1 68  ? 1.493   -10.015 -4.959  1.00 23.79 ? 65  MSE A N   1 
HETATM 507  C  CA  . MSE A 1 68  ? 0.338   -9.465  -5.681  1.00 26.29 ? 65  MSE A CA  1 
HETATM 508  C  C   . MSE A 1 68  ? -0.477  -8.589  -4.722  1.00 25.12 ? 65  MSE A C   1 
HETATM 509  O  O   . MSE A 1 68  ? -0.443  -8.773  -3.505  1.00 25.94 ? 65  MSE A O   1 
HETATM 510  C  CB  . MSE A 1 68  ? -0.554  -10.587 -6.246  1.00 26.11 ? 65  MSE A CB  1 
HETATM 511  C  CG  . MSE A 1 68  ? 0.173   -11.461 -7.223  1.00 32.66 ? 65  MSE A CG  1 
HETATM 512  SE SE  . MSE A 1 68  ? -1.098  -12.455 -8.252  0.45 36.95 ? 65  MSE A SE  1 
HETATM 513  C  CE  . MSE A 1 68  ? 0.160   -13.866 -8.703  1.00 34.18 ? 65  MSE A CE  1 
HETATM 514  N  N   . MSE A 1 69  ? -1.206  -7.639  -5.284  1.00 24.08 ? 66  MSE A N   1 
HETATM 515  C  CA  . MSE A 1 69  ? -2.106  -6.811  -4.482  1.00 24.52 ? 66  MSE A CA  1 
HETATM 516  C  C   . MSE A 1 69  ? -3.382  -6.606  -5.329  1.00 24.32 ? 66  MSE A C   1 
HETATM 517  O  O   . MSE A 1 69  ? -3.289  -6.434  -6.559  1.00 25.52 ? 66  MSE A O   1 
HETATM 518  C  CB  . MSE A 1 69  ? -1.412  -5.460  -4.199  1.00 25.14 ? 66  MSE A CB  1 
HETATM 519  C  CG  . MSE A 1 69  ? -2.280  -4.507  -3.429  1.00 26.77 ? 66  MSE A CG  1 
HETATM 520  SE SE  . MSE A 1 69  ? -1.219  -2.908  -2.862  0.60 36.77 ? 66  MSE A SE  1 
HETATM 521  C  CE  . MSE A 1 69  ? -0.444  -3.586  -1.402  1.00 27.55 ? 66  MSE A CE  1 
ATOM   522  N  N   . VAL A 1 70  ? -4.553  -6.595  -4.703  1.00 21.39 ? 67  VAL A N   1 
ATOM   523  C  CA  . VAL A 1 70  ? -5.777  -6.295  -5.453  1.00 22.23 ? 67  VAL A CA  1 
ATOM   524  C  C   . VAL A 1 70  ? -6.324  -5.018  -4.853  1.00 22.34 ? 67  VAL A C   1 
ATOM   525  O  O   . VAL A 1 70  ? -6.315  -4.892  -3.629  1.00 21.67 ? 67  VAL A O   1 
ATOM   526  C  CB  . VAL A 1 70  ? -6.817  -7.411  -5.226  1.00 22.34 ? 67  VAL A CB  1 
ATOM   527  C  CG1 . VAL A 1 70  ? -8.223  -6.956  -5.769  1.00 22.98 ? 67  VAL A CG1 1 
ATOM   528  C  CG2 . VAL A 1 70  ? -6.384  -8.667  -5.972  1.00 26.14 ? 67  VAL A CG2 1 
ATOM   529  N  N   . ALA A 1 71  ? -6.710  -4.043  -5.684  1.00 21.48 ? 68  ALA A N   1 
ATOM   530  C  CA  . ALA A 1 71  ? -7.106  -2.728  -5.173  1.00 22.78 ? 68  ALA A CA  1 
ATOM   531  C  C   . ALA A 1 71  ? -8.128  -2.124  -6.101  1.00 22.53 ? 68  ALA A C   1 
ATOM   532  O  O   . ALA A 1 71  ? -8.106  -2.406  -7.291  1.00 22.87 ? 68  ALA A O   1 
ATOM   533  C  CB  . ALA A 1 71  ? -5.926  -1.761  -5.076  1.00 23.33 ? 68  ALA A CB  1 
ATOM   534  N  N   . GLU A 1 72  ? -9.021  -1.309  -5.531  1.00 21.65 ? 69  GLU A N   1 
ATOM   535  C  CA  . GLU A 1 72  ? -9.918  -0.528  -6.357  1.00 23.51 ? 69  GLU A CA  1 
ATOM   536  C  C   . GLU A 1 72  ? -9.317  0.873   -6.455  1.00 25.45 ? 69  GLU A C   1 
ATOM   537  O  O   . GLU A 1 72  ? -8.907  1.463   -5.411  1.00 25.00 ? 69  GLU A O   1 
ATOM   538  C  CB  . GLU A 1 72  ? -11.320 -0.529  -5.702  1.00 25.30 ? 69  GLU A CB  1 
ATOM   539  C  CG  . GLU A 1 72  ? -12.341 0.376   -6.425  1.00 26.82 ? 69  GLU A CG  1 
ATOM   540  C  CD  . GLU A 1 72  ? -13.806 0.271   -5.878  1.00 28.09 ? 69  GLU A CD  1 
ATOM   541  O  OE1 . GLU A 1 72  ? -14.034 -0.344  -4.807  1.00 28.35 ? 69  GLU A OE1 1 
ATOM   542  O  OE2 . GLU A 1 72  ? -14.711 0.824   -6.561  1.00 29.26 ? 69  GLU A OE2 1 
ATOM   543  N  N   . LEU A 1 73  ? -9.249  1.413   -7.680  1.00 24.55 ? 70  LEU A N   1 
ATOM   544  C  CA  . LEU A 1 73  ? -8.561  2.710   -7.894  1.00 25.43 ? 70  LEU A CA  1 
ATOM   545  C  C   . LEU A 1 73  ? -9.595  3.803   -8.020  1.00 25.18 ? 70  LEU A C   1 
ATOM   546  O  O   . LEU A 1 73  ? -10.342 3.838   -9.033  1.00 26.14 ? 70  LEU A O   1 
ATOM   547  C  CB  . LEU A 1 73  ? -7.653  2.681   -9.123  1.00 26.25 ? 70  LEU A CB  1 
ATOM   548  C  CG  . LEU A 1 73  ? -6.611  1.549   -9.156  1.00 26.86 ? 70  LEU A CG  1 
ATOM   549  C  CD1 . LEU A 1 73  ? -5.705  1.723   -10.401 1.00 31.19 ? 70  LEU A CD1 1 
ATOM   550  C  CD2 . LEU A 1 73  ? -5.823  1.537   -7.818  1.00 23.71 ? 70  LEU A CD2 1 
ATOM   551  N  N   . PHE A 1 74  ? -9.692  4.673   -7.007  1.00 25.00 ? 71  PHE A N   1 
ATOM   552  C  CA  . PHE A 1 74  ? -10.683 5.746   -7.036  1.00 27.36 ? 71  PHE A CA  1 
ATOM   553  C  C   . PHE A 1 74  ? -10.029 7.020   -7.582  1.00 28.00 ? 71  PHE A C   1 
ATOM   554  O  O   . PHE A 1 74  ? -9.073  7.537   -7.004  1.00 29.01 ? 71  PHE A O   1 
ATOM   555  C  CB  . PHE A 1 74  ? -11.198 6.010   -5.631  1.00 27.52 ? 71  PHE A CB  1 
ATOM   556  C  CG  . PHE A 1 74  ? -12.089 4.901   -5.086  1.00 29.20 ? 71  PHE A CG  1 
ATOM   557  C  CD1 . PHE A 1 74  ? -13.470 4.951   -5.318  1.00 35.54 ? 71  PHE A CD1 1 
ATOM   558  C  CD2 . PHE A 1 74  ? -11.583 3.915   -4.288  1.00 34.27 ? 71  PHE A CD2 1 
ATOM   559  C  CE1 . PHE A 1 74  ? -14.328 3.975   -4.798  1.00 37.75 ? 71  PHE A CE1 1 
ATOM   560  C  CE2 . PHE A 1 74  ? -12.427 2.912   -3.755  1.00 35.99 ? 71  PHE A CE2 1 
ATOM   561  C  CZ  . PHE A 1 74  ? -13.811 2.964   -4.007  1.00 32.70 ? 71  PHE A CZ  1 
ATOM   562  N  N   . GLY A 1 75  ? -10.548 7.523   -8.691  1.00 28.80 ? 72  GLY A N   1 
ATOM   563  C  CA  . GLY A 1 75  ? -10.029 8.758   -9.274  1.00 31.00 ? 72  GLY A CA  1 
ATOM   564  C  C   . GLY A 1 75  ? -10.911 9.008   -10.475 1.00 30.77 ? 72  GLY A C   1 
ATOM   565  O  O   . GLY A 1 75  ? -11.947 8.392   -10.599 1.00 33.50 ? 72  GLY A O   1 
ATOM   566  N  N   . ASN A 1 76  ? -10.522 9.879   -11.383 1.00 31.03 ? 73  ASN A N   1 
ATOM   567  C  CA  . ASN A 1 76  ? -11.301 9.910   -12.620 1.00 30.32 ? 73  ASN A CA  1 
ATOM   568  C  C   . ASN A 1 76  ? -10.658 9.033   -13.702 1.00 29.95 ? 73  ASN A C   1 
ATOM   569  O  O   . ASN A 1 76  ? -9.549  8.465   -13.510 1.00 29.34 ? 73  ASN A O   1 
ATOM   570  C  CB  . ASN A 1 76  ? -11.514 11.341  -13.062 1.00 31.35 ? 73  ASN A CB  1 
ATOM   571  C  CG  . ASN A 1 76  ? -10.224 12.049  -13.267 1.00 32.62 ? 73  ASN A CG  1 
ATOM   572  O  OD1 . ASN A 1 76  ? -9.333  11.521  -13.916 1.00 30.92 ? 73  ASN A OD1 1 
ATOM   573  N  ND2 . ASN A 1 76  ? -10.100 13.248  -12.712 1.00 35.48 ? 73  ASN A ND2 1 
ATOM   574  N  N   . GLU A 1 77  ? -11.353 8.897   -14.829 1.00 28.78 ? 74  GLU A N   1 
ATOM   575  C  CA  . GLU A 1 77  ? -10.894 8.012   -15.879 1.00 29.11 ? 74  GLU A CA  1 
ATOM   576  C  C   . GLU A 1 77  ? -9.534  8.427   -16.412 1.00 27.36 ? 74  GLU A C   1 
ATOM   577  O  O   . GLU A 1 77  ? -8.673  7.586   -16.673 1.00 27.82 ? 74  GLU A O   1 
ATOM   578  C  CB  . GLU A 1 77  ? -11.876 7.943   -17.052 1.00 29.73 ? 74  GLU A CB  1 
ATOM   579  C  CG  . GLU A 1 77  ? -11.430 6.852   -18.034 1.00 34.54 ? 74  GLU A CG  1 
ATOM   580  C  CD  . GLU A 1 77  ? -12.396 6.602   -19.179 1.00 41.23 ? 74  GLU A CD  1 
ATOM   581  O  OE1 . GLU A 1 77  ? -13.616 6.908   -19.054 1.00 43.55 ? 74  GLU A OE1 1 
ATOM   582  O  OE2 . GLU A 1 77  ? -11.914 6.069   -20.201 1.00 44.23 ? 74  GLU A OE2 1 
ATOM   583  N  N   . GLN A 1 78  ? -9.344  9.725   -16.618 1.00 26.03 ? 75  GLN A N   1 
ATOM   584  C  CA  . GLN A 1 78  ? -8.099  10.162  -17.154 1.00 25.51 ? 75  GLN A CA  1 
ATOM   585  C  C   . GLN A 1 78  ? -6.956  9.802   -16.181 1.00 25.25 ? 75  GLN A C   1 
ATOM   586  O  O   . GLN A 1 78  ? -5.886  9.326   -16.624 1.00 24.55 ? 75  GLN A O   1 
ATOM   587  C  CB  . GLN A 1 78  ? -8.135  11.658  -17.354 1.00 27.05 ? 75  GLN A CB  1 
ATOM   588  C  CG  . GLN A 1 78  ? -6.797  12.216  -17.768 1.00 32.77 ? 75  GLN A CG  1 
ATOM   589  C  CD  . GLN A 1 78  ? -6.856  13.677  -18.178 1.00 38.67 ? 75  GLN A CD  1 
ATOM   590  O  OE1 . GLN A 1 78  ? -7.879  14.166  -18.680 1.00 43.59 ? 75  GLN A OE1 1 
ATOM   591  N  NE2 . GLN A 1 78  ? -5.751  14.378  -17.974 1.00 40.78 ? 75  GLN A NE2 1 
ATOM   592  N  N   . ASP A 1 79  ? -7.186  10.083  -14.891 1.00 24.79 ? 76  ASP A N   1 
ATOM   593  C  CA  . ASP A 1 79  ? -6.177  9.895   -13.858 1.00 24.83 ? 76  ASP A CA  1 
ATOM   594  C  C   . ASP A 1 79  ? -5.891  8.403   -13.636 1.00 25.03 ? 76  ASP A C   1 
ATOM   595  O  O   . ASP A 1 79  ? -4.732  7.996   -13.558 1.00 24.63 ? 76  ASP A O   1 
ATOM   596  C  CB  . ASP A 1 79  ? -6.615  10.547  -12.549 1.00 25.51 ? 76  ASP A CB  1 
ATOM   597  C  CG  . ASP A 1 79  ? -6.520  12.069  -12.589 1.00 26.80 ? 76  ASP A CG  1 
ATOM   598  O  OD1 . ASP A 1 79  ? -5.989  12.612  -13.565 1.00 27.66 ? 76  ASP A OD1 1 
ATOM   599  O  OD2 . ASP A 1 79  ? -6.994  12.722  -11.631 1.00 28.97 ? 76  ASP A OD2 1 
ATOM   600  N  N   . ASP A 1 80  ? -6.933  7.585   -13.571 1.00 25.03 ? 77  ASP A N   1 
ATOM   601  C  CA  . ASP A 1 80  ? -6.662  6.157   -13.337 1.00 26.12 ? 77  ASP A CA  1 
ATOM   602  C  C   . ASP A 1 80  ? -5.990  5.477   -14.524 1.00 26.69 ? 77  ASP A C   1 
ATOM   603  O  O   . ASP A 1 80  ? -5.124  4.653   -14.347 1.00 25.47 ? 77  ASP A O   1 
ATOM   604  C  CB  . ASP A 1 80  ? -7.857  5.387   -12.749 1.00 28.88 ? 77  ASP A CB  1 
ATOM   605  C  CG  . ASP A 1 80  ? -8.942  5.077   -13.741 1.00 31.61 ? 77  ASP A CG  1 
ATOM   606  O  OD1 . ASP A 1 80  ? -8.661  4.543   -14.834 1.00 39.31 ? 77  ASP A OD1 1 
ATOM   607  O  OD2 . ASP A 1 80  ? -10.111 5.250   -13.337 1.00 36.94 ? 77  ASP A OD2 1 
ATOM   608  N  N   . SER A 1 81  ? -6.349  5.862   -15.747 1.00 26.51 ? 78  SER A N   1 
ATOM   609  C  CA  . SER A 1 81  ? -5.615  5.379   -16.926 1.00 27.05 ? 78  SER A CA  1 
ATOM   610  C  C   . SER A 1 81  ? -4.144  5.788   -16.904 1.00 26.81 ? 78  SER A C   1 
ATOM   611  O  O   . SER A 1 81  ? -3.264  4.954   -17.158 1.00 26.48 ? 78  SER A O   1 
ATOM   612  C  CB  . SER A 1 81  ? -6.295  5.888   -18.224 1.00 28.63 ? 78  SER A CB  1 
ATOM   613  O  OG  . SER A 1 81  ? -7.630  5.419   -18.256 1.00 33.31 ? 78  SER A OG  1 
ATOM   614  N  N   . ALA A 1 82  ? -3.867  7.049   -16.560 1.00 26.11 ? 79  ALA A N   1 
ATOM   615  C  CA  . ALA A 1 82  ? -2.491  7.551   -16.454 1.00 25.81 ? 79  ALA A CA  1 
ATOM   616  C  C   . ALA A 1 82  ? -1.675  6.802   -15.377 1.00 26.33 ? 79  ALA A C   1 
ATOM   617  O  O   . ALA A 1 82  ? -0.470  6.512   -15.571 1.00 25.86 ? 79  ALA A O   1 
ATOM   618  C  CB  . ALA A 1 82  ? -2.510  9.041   -16.113 1.00 27.27 ? 79  ALA A CB  1 
ATOM   619  N  N   . ALA A 1 83  ? -2.343  6.516   -14.262 1.00 24.32 ? 80  ALA A N   1 
ATOM   620  C  CA  . ALA A 1 83  ? -1.705  5.847   -13.123 1.00 24.59 ? 80  ALA A CA  1 
ATOM   621  C  C   . ALA A 1 83  ? -1.399  4.409   -13.517 1.00 24.16 ? 80  ALA A C   1 
ATOM   622  O  O   . ALA A 1 83  ? -0.359  3.878   -13.165 1.00 23.88 ? 80  ALA A O   1 
ATOM   623  C  CB  . ALA A 1 83  ? -2.621  5.879   -11.910 1.00 24.48 ? 80  ALA A CB  1 
ATOM   624  N  N   . ILE A 1 84  ? -2.336  3.754   -14.203 1.00 24.60 ? 81  ILE A N   1 
ATOM   625  C  CA  . ILE A 1 84  ? -2.099  2.358   -14.639 1.00 24.64 ? 81  ILE A CA  1 
ATOM   626  C  C   . ILE A 1 84  ? -0.917  2.295   -15.637 1.00 25.84 ? 81  ILE A C   1 
ATOM   627  O  O   . ILE A 1 84  ? -0.075  1.395   -15.583 1.00 26.03 ? 81  ILE A O   1 
ATOM   628  C  CB  . ILE A 1 84  ? -3.399  1.742   -15.197 1.00 24.99 ? 81  ILE A CB  1 
ATOM   629  C  CG1 . ILE A 1 84  ? -4.372  1.490   -14.052 1.00 25.87 ? 81  ILE A CG1 1 
ATOM   630  C  CG2 . ILE A 1 84  ? -3.120  0.462   -15.999 1.00 22.40 ? 81  ILE A CG2 1 
ATOM   631  C  CD1 . ILE A 1 84  ? -5.789  1.264   -14.533 1.00 26.20 ? 81  ILE A CD1 1 
ATOM   632  N  N   A GLU A 1 85  ? -0.808  3.259   -16.542 0.50 25.65 ? 82  GLU A N   1 
ATOM   633  N  N   B GLU A 1 85  ? -0.887  3.266   -16.551 0.50 25.84 ? 82  GLU A N   1 
ATOM   634  C  CA  A GLU A 1 85  ? 0.329   3.208   -17.462 0.50 25.58 ? 82  GLU A CA  1 
ATOM   635  C  CA  B GLU A 1 85  ? 0.214   3.433   -17.496 0.50 26.05 ? 82  GLU A CA  1 
ATOM   636  C  C   A GLU A 1 85  ? 1.642   3.555   -16.734 0.50 25.39 ? 82  GLU A C   1 
ATOM   637  C  C   B GLU A 1 85  ? 1.542   3.542   -16.725 0.50 25.64 ? 82  GLU A C   1 
ATOM   638  O  O   A GLU A 1 85  ? 2.694   3.027   -17.065 0.50 25.83 ? 82  GLU A O   1 
ATOM   639  O  O   B GLU A 1 85  ? 2.487   2.833   -17.021 0.50 26.02 ? 82  GLU A O   1 
ATOM   640  C  CB  A GLU A 1 85  ? 0.075   4.056   -18.711 0.50 26.10 ? 82  GLU A CB  1 
ATOM   641  C  CB  B GLU A 1 85  ? -0.063  4.677   -18.370 0.50 26.52 ? 82  GLU A CB  1 
ATOM   642  C  CG  A GLU A 1 85  ? -1.096  3.532   -19.569 0.50 27.65 ? 82  GLU A CG  1 
ATOM   643  C  CG  B GLU A 1 85  ? 1.123   5.578   -18.654 0.50 29.24 ? 82  GLU A CG  1 
ATOM   644  C  CD  A GLU A 1 85  ? -0.952  2.065   -19.960 0.50 26.40 ? 82  GLU A CD  1 
ATOM   645  C  CD  B GLU A 1 85  ? 0.759   7.064   -18.554 0.50 29.49 ? 82  GLU A CD  1 
ATOM   646  O  OE1 A GLU A 1 85  ? 0.062   1.720   -20.611 0.50 31.34 ? 82  GLU A OE1 1 
ATOM   647  O  OE1 B GLU A 1 85  ? 1.066   7.678   -17.487 0.50 22.87 ? 82  GLU A OE1 1 
ATOM   648  O  OE2 A GLU A 1 85  ? -1.859  1.269   -19.637 0.50 24.95 ? 82  GLU A OE2 1 
ATOM   649  O  OE2 B GLU A 1 85  ? 0.143   7.593   -19.535 0.50 31.14 ? 82  GLU A OE2 1 
ATOM   650  N  N   . TYR A 1 86  ? 1.579   4.418   -15.719 1.00 24.47 ? 83  TYR A N   1 
ATOM   651  C  CA  . TYR A 1 86  ? 2.769   4.700   -14.915 1.00 25.28 ? 83  TYR A CA  1 
ATOM   652  C  C   . TYR A 1 86  ? 3.269   3.423   -14.237 1.00 23.64 ? 83  TYR A C   1 
ATOM   653  O  O   . TYR A 1 86  ? 4.460   3.130   -14.251 1.00 24.59 ? 83  TYR A O   1 
ATOM   654  C  CB  . TYR A 1 86  ? 2.440   5.764   -13.867 1.00 25.63 ? 83  TYR A CB  1 
ATOM   655  C  CG  . TYR A 1 86  ? 3.585   6.172   -12.966 1.00 26.21 ? 83  TYR A CG  1 
ATOM   656  C  CD1 . TYR A 1 86  ? 4.499   7.146   -13.371 1.00 28.29 ? 83  TYR A CD1 1 
ATOM   657  C  CD2 . TYR A 1 86  ? 3.741   5.597   -11.718 1.00 24.17 ? 83  TYR A CD2 1 
ATOM   658  C  CE1 . TYR A 1 86  ? 5.542   7.543   -12.530 1.00 30.69 ? 83  TYR A CE1 1 
ATOM   659  C  CE2 . TYR A 1 86  ? 4.779   5.959   -10.865 1.00 28.74 ? 83  TYR A CE2 1 
ATOM   660  C  CZ  . TYR A 1 86  ? 5.692   6.926   -11.282 1.00 29.79 ? 83  TYR A CZ  1 
ATOM   661  O  OH  . TYR A 1 86  ? 6.726   7.308   -10.431 1.00 33.90 ? 83  TYR A OH  1 
ATOM   662  N  N   . LEU A 1 87  ? 2.336   2.662   -13.657 1.00 23.31 ? 84  LEU A N   1 
ATOM   663  C  CA  . LEU A 1 87  ? 2.712   1.406   -12.997 1.00 22.76 ? 84  LEU A CA  1 
ATOM   664  C  C   . LEU A 1 87  ? 3.283   0.436   -14.019 1.00 22.22 ? 84  LEU A C   1 
ATOM   665  O  O   . LEU A 1 87  ? 4.298   -0.202  -13.759 1.00 23.77 ? 84  LEU A O   1 
ATOM   666  C  CB  . LEU A 1 87  ? 1.504   0.757   -12.282 1.00 22.78 ? 84  LEU A CB  1 
ATOM   667  C  CG  . LEU A 1 87  ? 0.902   1.536   -11.115 1.00 21.42 ? 84  LEU A CG  1 
ATOM   668  C  CD1 . LEU A 1 87  ? -0.388  0.798   -10.612 1.00 23.16 ? 84  LEU A CD1 1 
ATOM   669  C  CD2 . LEU A 1 87  ? 1.961   1.749   -9.974  1.00 21.78 ? 84  LEU A CD2 1 
ATOM   670  N  N   . ARG A 1 88  ? 2.648   0.325   -15.187 1.00 23.66 ? 85  ARG A N   1 
ATOM   671  C  CA  . ARG A 1 88  ? 3.181   -0.556  -16.220 1.00 24.50 ? 85  ARG A CA  1 
ATOM   672  C  C   . ARG A 1 88  ? 4.557   -0.116  -16.696 1.00 25.69 ? 85  ARG A C   1 
ATOM   673  O  O   . ARG A 1 88  ? 5.415   -0.970  -16.964 1.00 27.26 ? 85  ARG A O   1 
ATOM   674  C  CB  . ARG A 1 88  ? 2.197   -0.671  -17.402 1.00 25.06 ? 85  ARG A CB  1 
ATOM   675  C  CG  . ARG A 1 88  ? 0.967   -1.462  -17.022 1.00 24.12 ? 85  ARG A CG  1 
ATOM   676  C  CD  . ARG A 1 88  ? -0.041  -1.487  -18.202 1.00 23.93 ? 85  ARG A CD  1 
ATOM   677  N  NE  . ARG A 1 88  ? -1.119  -2.401  -17.908 1.00 25.39 ? 85  ARG A NE  1 
ATOM   678  C  CZ  . ARG A 1 88  ? -2.353  -2.339  -18.385 1.00 26.19 ? 85  ARG A CZ  1 
ATOM   679  N  NH1 . ARG A 1 88  ? -2.758  -1.316  -19.154 1.00 27.33 ? 85  ARG A NH1 1 
ATOM   680  N  NH2 . ARG A 1 88  ? -3.225  -3.271  -18.014 1.00 28.72 ? 85  ARG A NH2 1 
ATOM   681  N  N   . GLU A 1 89  ? 4.788   1.203   -16.776 1.00 28.16 ? 86  GLU A N   1 
ATOM   682  C  CA  . GLU A 1 89  ? 6.107   1.759   -17.181 1.00 28.62 ? 86  GLU A CA  1 
ATOM   683  C  C   . GLU A 1 89  ? 7.193   1.378   -16.159 1.00 27.96 ? 86  GLU A C   1 
ATOM   684  O  O   . GLU A 1 89  ? 8.366   1.181   -16.515 1.00 27.40 ? 86  GLU A O   1 
ATOM   685  C  CB  . GLU A 1 89  ? 6.020   3.303   -17.354 1.00 30.44 ? 86  GLU A CB  1 
ATOM   686  C  CG  . GLU A 1 89  ? 7.321   4.106   -17.603 1.00 32.79 ? 86  GLU A CG  1 
ATOM   687  C  CD  . GLU A 1 89  ? 8.064   3.744   -18.894 1.00 43.18 ? 86  GLU A CD  1 
ATOM   688  O  OE1 . GLU A 1 89  ? 9.187   4.294   -19.092 1.00 44.30 ? 86  GLU A OE1 1 
ATOM   689  O  OE2 . GLU A 1 89  ? 7.537   2.945   -19.722 1.00 44.23 ? 86  GLU A OE2 1 
ATOM   690  N  N   . ASN A 1 90  ? 6.781   1.217   -14.908 1.00 25.86 ? 87  ASN A N   1 
ATOM   691  C  CA  . ASN A 1 90  ? 7.664   0.827   -13.815 1.00 24.97 ? 87  ASN A CA  1 
ATOM   692  C  C   . ASN A 1 90  ? 7.668   -0.700  -13.589 1.00 24.02 ? 87  ASN A C   1 
ATOM   693  O  O   . ASN A 1 90  ? 8.101   -1.170  -12.551 1.00 25.28 ? 87  ASN A O   1 
ATOM   694  C  CB  . ASN A 1 90  ? 7.240   1.566   -12.573 1.00 26.23 ? 87  ASN A CB  1 
ATOM   695  C  CG  . ASN A 1 90  ? 7.742   2.991   -12.582 1.00 26.81 ? 87  ASN A CG  1 
ATOM   696  O  OD1 . ASN A 1 90  ? 8.856   3.262   -12.116 1.00 31.70 ? 87  ASN A OD1 1 
ATOM   697  N  ND2 . ASN A 1 90  ? 6.964   3.899   -13.158 1.00 29.42 ? 87  ASN A ND2 1 
ATOM   698  N  N   . ASN A 1 91  ? 7.199   -1.460  -14.579 1.00 25.52 ? 88  ASN A N   1 
ATOM   699  C  CA  . ASN A 1 91  ? 7.193   -2.916  -14.531 1.00 24.59 ? 88  ASN A CA  1 
ATOM   700  C  C   . ASN A 1 91  ? 6.383   -3.568  -13.419 1.00 24.39 ? 88  ASN A C   1 
ATOM   701  O  O   . ASN A 1 91  ? 6.785   -4.609  -12.884 1.00 24.25 ? 88  ASN A O   1 
ATOM   702  C  CB  . ASN A 1 91  ? 8.622   -3.489  -14.556 1.00 26.05 ? 88  ASN A CB  1 
ATOM   703  C  CG  . ASN A 1 91  ? 9.434   -2.952  -15.728 1.00 29.88 ? 88  ASN A CG  1 
ATOM   704  O  OD1 . ASN A 1 91  ? 8.886   -2.678  -16.792 1.00 30.44 ? 88  ASN A OD1 1 
ATOM   705  N  ND2 . ASN A 1 91  ? 10.740  -2.818  -15.534 1.00 33.63 ? 88  ASN A ND2 1 
ATOM   706  N  N   . VAL A 1 92  ? 5.267   -2.942  -13.043 1.00 23.74 ? 89  VAL A N   1 
ATOM   707  C  CA  . VAL A 1 92  ? 4.214   -3.639  -12.322 1.00 23.30 ? 89  VAL A CA  1 
ATOM   708  C  C   . VAL A 1 92  ? 3.347   -4.239  -13.402 1.00 24.56 ? 89  VAL A C   1 
ATOM   709  O  O   . VAL A 1 92  ? 2.967   -3.558  -14.342 1.00 26.17 ? 89  VAL A O   1 
ATOM   710  C  CB  . VAL A 1 92  ? 3.373   -2.637  -11.462 1.00 23.57 ? 89  VAL A CB  1 
ATOM   711  C  CG1 . VAL A 1 92  ? 2.230   -3.340  -10.754 1.00 22.91 ? 89  VAL A CG1 1 
ATOM   712  C  CG2 . VAL A 1 92  ? 4.284   -1.868  -10.502 1.00 25.24 ? 89  VAL A CG2 1 
ATOM   713  N  N   . LYS A 1 93  ? 3.022   -5.529  -13.308 1.00 24.79 ? 90  LYS A N   1 
ATOM   714  C  CA  . LYS A 1 93  ? 2.002   -6.043  -14.236 1.00 25.50 ? 90  LYS A CA  1 
ATOM   715  C  C   . LYS A 1 93  ? 0.620   -5.710  -13.680 1.00 26.44 ? 90  LYS A C   1 
ATOM   716  O  O   . LYS A 1 93  ? 0.318   -6.066  -12.547 1.00 25.88 ? 90  LYS A O   1 
ATOM   717  C  CB  . LYS A 1 93  ? 2.120   -7.553  -14.346 1.00 27.90 ? 90  LYS A CB  1 
ATOM   718  C  CG  . LYS A 1 93  ? 3.286   -7.995  -15.154 1.00 34.44 ? 90  LYS A CG  1 
ATOM   719  C  CD  . LYS A 1 93  ? 2.893   -9.333  -15.877 1.00 39.02 ? 90  LYS A CD  1 
ATOM   720  C  CE  . LYS A 1 93  ? 4.105   -10.100 -16.354 1.00 43.05 ? 90  LYS A CE  1 
ATOM   721  N  NZ  . LYS A 1 93  ? 3.773   -11.564 -16.401 1.00 45.87 ? 90  LYS A NZ  1 
ATOM   722  N  N   . VAL A 1 94  ? -0.207  -5.032  -14.468 1.00 24.16 ? 91  VAL A N   1 
ATOM   723  C  CA  . VAL A 1 94  ? -1.532  -4.616  -13.977 1.00 23.53 ? 91  VAL A CA  1 
ATOM   724  C  C   . VAL A 1 94  ? -2.607  -5.306  -14.829 1.00 23.93 ? 91  VAL A C   1 
ATOM   725  O  O   . VAL A 1 94  ? -2.611  -5.175  -16.070 1.00 23.97 ? 91  VAL A O   1 
ATOM   726  C  CB  . VAL A 1 94  ? -1.704  -3.073  -14.070 1.00 24.24 ? 91  VAL A CB  1 
ATOM   727  C  CG1 . VAL A 1 94  ? -3.114  -2.632  -13.544 1.00 22.94 ? 91  VAL A CG1 1 
ATOM   728  C  CG2 . VAL A 1 94  ? -0.603  -2.350  -13.210 1.00 23.96 ? 91  VAL A CG2 1 
ATOM   729  N  N   . GLU A 1 95  ? -3.482  -6.070  -14.182 1.00 22.83 ? 92  GLU A N   1 
ATOM   730  C  CA  . GLU A 1 95  ? -4.653  -6.611  -14.847 1.00 24.28 ? 92  GLU A CA  1 
ATOM   731  C  C   . GLU A 1 95  ? -5.843  -5.770  -14.387 1.00 24.22 ? 92  GLU A C   1 
ATOM   732  O  O   . GLU A 1 95  ? -6.146  -5.691  -13.188 1.00 22.88 ? 92  GLU A O   1 
ATOM   733  C  CB  . GLU A 1 95  ? -4.916  -8.038  -14.367 1.00 25.11 ? 92  GLU A CB  1 
ATOM   734  C  CG  . GLU A 1 95  ? -3.897  -9.053  -14.674 1.00 30.99 ? 92  GLU A CG  1 
ATOM   735  C  CD  . GLU A 1 95  ? -4.118  -10.261 -13.727 1.00 37.00 ? 92  GLU A CD  1 
ATOM   736  O  OE1 . GLU A 1 95  ? -5.026  -11.076 -13.997 1.00 36.33 ? 92  GLU A OE1 1 
ATOM   737  O  OE2 . GLU A 1 95  ? -3.436  -10.338 -12.673 1.00 37.73 ? 92  GLU A OE2 1 
ATOM   738  N  N   . VAL A 1 96  ? -6.528  -5.127  -15.330 1.00 23.15 ? 93  VAL A N   1 
ATOM   739  C  CA  . VAL A 1 96  ? -7.770  -4.422  -14.977 1.00 23.57 ? 93  VAL A CA  1 
ATOM   740  C  C   . VAL A 1 96  ? -8.883  -5.467  -15.009 1.00 23.27 ? 93  VAL A C   1 
ATOM   741  O  O   . VAL A 1 96  ? -9.250  -5.952  -16.088 1.00 23.99 ? 93  VAL A O   1 
ATOM   742  C  CB  . VAL A 1 96  ? -8.031  -3.269  -15.975 1.00 24.11 ? 93  VAL A CB  1 
ATOM   743  C  CG1 . VAL A 1 96  ? -9.349  -2.628  -15.676 1.00 24.66 ? 93  VAL A CG1 1 
ATOM   744  C  CG2 . VAL A 1 96  ? -6.854  -2.287  -15.835 1.00 25.73 ? 93  VAL A CG2 1 
ATOM   745  N  N   . LEU A 1 97  ? -9.327  -5.930  -13.836 1.00 22.21 ? 94  LEU A N   1 
ATOM   746  C  CA  . LEU A 1 97  ? -10.269 -7.083  -13.796 1.00 23.02 ? 94  LEU A CA  1 
ATOM   747  C  C   . LEU A 1 97  ? -11.644 -6.644  -14.272 1.00 22.65 ? 94  LEU A C   1 
ATOM   748  O  O   . LEU A 1 97  ? -12.412 -7.412  -14.869 1.00 24.34 ? 94  LEU A O   1 
ATOM   749  C  CB  . LEU A 1 97  ? -10.348 -7.645  -12.374 1.00 23.28 ? 94  LEU A CB  1 
ATOM   750  C  CG  . LEU A 1 97  ? -8.997  -7.940  -11.770 1.00 24.31 ? 94  LEU A CG  1 
ATOM   751  C  CD1 . LEU A 1 97  ? -9.047  -8.138  -10.224 1.00 29.41 ? 94  LEU A CD1 1 
ATOM   752  C  CD2 . LEU A 1 97  ? -8.307  -9.096  -12.522 1.00 26.01 ? 94  LEU A CD2 1 
ATOM   753  N  N   . GLY A 1 98  ? -11.951 -5.374  -14.059 1.00 21.90 ? 95  GLY A N   1 
ATOM   754  C  CA  . GLY A 1 98  ? -13.296 -4.932  -14.408 1.00 21.73 ? 95  GLY A CA  1 
ATOM   755  C  C   . GLY A 1 98  ? -13.543 -3.673  -13.624 1.00 21.56 ? 95  GLY A C   1 
ATOM   756  O  O   . GLY A 1 98  ? -12.616 -3.129  -13.010 1.00 22.21 ? 95  GLY A O   1 
ATOM   757  N  N   . TYR A 1 99  ? -14.790 -3.204  -13.672 1.00 22.17 ? 96  TYR A N   1 
ATOM   758  C  CA  . TYR A 1 99  ? -15.157 -1.993  -13.005 1.00 22.42 ? 96  TYR A CA  1 
ATOM   759  C  C   . TYR A 1 99  ? -16.213 -2.251  -11.957 1.00 25.35 ? 96  TYR A C   1 
ATOM   760  O  O   . TYR A 1 99  ? -17.213 -2.920  -12.231 1.00 24.50 ? 96  TYR A O   1 
ATOM   761  C  CB  . TYR A 1 99  ? -15.634 -0.972  -14.070 1.00 22.35 ? 96  TYR A CB  1 
ATOM   762  C  CG  . TYR A 1 99  ? -14.510 -0.762  -15.060 1.00 24.91 ? 96  TYR A CG  1 
ATOM   763  C  CD1 . TYR A 1 99  ? -13.553 0.228   -14.857 1.00 26.48 ? 96  TYR A CD1 1 
ATOM   764  C  CD2 . TYR A 1 99  ? -14.365 -1.620  -16.176 1.00 25.97 ? 96  TYR A CD2 1 
ATOM   765  C  CE1 . TYR A 1 99  ? -12.477 0.376   -15.737 1.00 27.27 ? 96  TYR A CE1 1 
ATOM   766  C  CE2 . TYR A 1 99  ? -13.288 -1.492  -17.049 1.00 27.78 ? 96  TYR A CE2 1 
ATOM   767  C  CZ  . TYR A 1 99  ? -12.382 -0.474  -16.853 1.00 27.48 ? 96  TYR A CZ  1 
ATOM   768  O  OH  . TYR A 1 99  ? -11.329 -0.383  -17.746 1.00 29.62 ? 96  TYR A OH  1 
ATOM   769  N  N   . VAL A 1 100 ? -16.012 -1.667  -10.775 1.00 26.25 ? 97  VAL A N   1 
ATOM   770  C  CA  . VAL A 1 100 ? -16.873 -1.992  -9.637  1.00 28.52 ? 97  VAL A CA  1 
ATOM   771  C  C   . VAL A 1 100 ? -17.938 -0.921  -9.566  1.00 29.62 ? 97  VAL A C   1 
ATOM   772  O  O   . VAL A 1 100 ? -17.605 0.242   -9.429  1.00 27.08 ? 97  VAL A O   1 
ATOM   773  C  CB  . VAL A 1 100 ? -16.083 -1.987  -8.300  1.00 28.30 ? 97  VAL A CB  1 
ATOM   774  C  CG1 . VAL A 1 100 ? -17.049 -2.118  -7.121  1.00 30.08 ? 97  VAL A CG1 1 
ATOM   775  C  CG2 . VAL A 1 100 ? -15.027 -3.083  -8.296  1.00 29.66 ? 97  VAL A CG2 1 
ATOM   776  N  N   . LEU A 1 101 ? -19.205 -1.305  -9.687  1.00 31.96 ? 98  LEU A N   1 
ATOM   777  C  CA  . LEU A 1 101 ? -20.296 -0.330  -9.614  1.00 35.33 ? 98  LEU A CA  1 
ATOM   778  C  C   . LEU A 1 101 ? -21.016 -0.467  -8.277  1.00 36.61 ? 98  LEU A C   1 
ATOM   779  O  O   . LEU A 1 101 ? -21.624 -1.501  -7.983  1.00 38.01 ? 98  LEU A O   1 
ATOM   780  C  CB  . LEU A 1 101 ? -21.284 -0.501  -10.789 1.00 34.82 ? 98  LEU A CB  1 
ATOM   781  C  CG  . LEU A 1 101 ? -22.518 0.418   -10.788 1.00 36.30 ? 98  LEU A CG  1 
ATOM   782  C  CD1 . LEU A 1 101 ? -22.130 1.894   -10.980 1.00 37.57 ? 98  LEU A CD1 1 
ATOM   783  C  CD2 . LEU A 1 101 ? -23.576 -0.003  -11.842 1.00 36.58 ? 98  LEU A CD2 1 
ATOM   784  O  OXT . LEU A 1 101 ? -20.993 0.453   -7.456  1.00 38.16 ? 98  LEU A OXT 1 
ATOM   785  N  N   . LEU B 1 4   ? 5.469   -12.653 11.966  1.00 56.68 ? 1   LEU B N   1 
ATOM   786  C  CA  . LEU B 1 4   ? 6.121   -11.521 12.707  1.00 56.93 ? 1   LEU B CA  1 
ATOM   787  C  C   . LEU B 1 4   ? 7.577   -11.292 12.261  1.00 56.66 ? 1   LEU B C   1 
ATOM   788  O  O   . LEU B 1 4   ? 8.304   -10.473 12.840  1.00 57.04 ? 1   LEU B O   1 
ATOM   789  C  CB  . LEU B 1 4   ? 6.018   -11.718 14.236  1.00 56.86 ? 1   LEU B CB  1 
ATOM   790  C  CG  . LEU B 1 4   ? 4.606   -11.749 14.866  1.00 57.60 ? 1   LEU B CG  1 
ATOM   791  C  CD1 . LEU B 1 4   ? 4.635   -11.427 16.359  1.00 56.97 ? 1   LEU B CD1 1 
ATOM   792  C  CD2 . LEU B 1 4   ? 3.610   -10.805 14.151  1.00 58.31 ? 1   LEU B CD2 1 
ATOM   793  N  N   . SER B 1 5   ? 7.974   -11.978 11.192  1.00 56.04 ? 2   SER B N   1 
ATOM   794  C  CA  . SER B 1 5   ? 9.367   -11.966 10.752  1.00 55.04 ? 2   SER B CA  1 
ATOM   795  C  C   . SER B 1 5   ? 9.716   -10.693 9.966   1.00 53.68 ? 2   SER B C   1 
ATOM   796  O  O   . SER B 1 5   ? 8.844   -10.045 9.381   1.00 53.40 ? 2   SER B O   1 
ATOM   797  C  CB  . SER B 1 5   ? 9.717   -13.258 9.989   1.00 55.25 ? 2   SER B CB  1 
ATOM   798  O  OG  . SER B 1 5   ? 9.767   -13.067 8.587   1.00 56.21 ? 2   SER B OG  1 
ATOM   799  N  N   . ILE B 1 6   ? 10.999  -10.336 10.006  1.00 52.08 ? 3   ILE B N   1 
ATOM   800  C  CA  . ILE B 1 6   ? 11.556  -9.173  9.329   1.00 50.72 ? 3   ILE B CA  1 
ATOM   801  C  C   . ILE B 1 6   ? 12.828  -9.654  8.597   1.00 49.58 ? 3   ILE B C   1 
ATOM   802  O  O   . ILE B 1 6   ? 13.671  -10.323 9.206   1.00 50.00 ? 3   ILE B O   1 
ATOM   803  C  CB  . ILE B 1 6   ? 11.908  -8.037  10.369  1.00 50.92 ? 3   ILE B CB  1 
ATOM   804  C  CG1 . ILE B 1 6   ? 10.638  -7.350  10.908  1.00 51.28 ? 3   ILE B CG1 1 
ATOM   805  C  CG2 . ILE B 1 6   ? 12.866  -6.994  9.797   1.00 50.71 ? 3   ILE B CG2 1 
ATOM   806  C  CD1 . ILE B 1 6   ? 9.841   -6.567  9.861   1.00 51.90 ? 3   ILE B CD1 1 
ATOM   807  N  N   . PRO B 1 7   ? 12.963  -9.316  7.299   1.00 48.50 ? 4   PRO B N   1 
ATOM   808  C  CA  . PRO B 1 7   ? 14.068  -9.761  6.427   1.00 47.99 ? 4   PRO B CA  1 
ATOM   809  C  C   . PRO B 1 7   ? 15.455  -9.463  7.020   1.00 47.85 ? 4   PRO B C   1 
ATOM   810  O  O   . PRO B 1 7   ? 15.658  -8.395  7.600   1.00 47.33 ? 4   PRO B O   1 
ATOM   811  C  CB  . PRO B 1 7   ? 13.861  -8.944  5.148   1.00 47.88 ? 4   PRO B CB  1 
ATOM   812  C  CG  . PRO B 1 7   ? 12.374  -8.593  5.148   1.00 48.73 ? 4   PRO B CG  1 
ATOM   813  C  CD  . PRO B 1 7   ? 12.003  -8.441  6.594   1.00 48.04 ? 4   PRO B CD  1 
ATOM   814  N  N   A GLU B 1 8   ? 16.378  -10.409 6.856   0.50 47.63 ? 5   GLU B N   1 
ATOM   815  N  N   B GLU B 1 8   ? 16.395  -10.388 6.836   0.50 47.58 ? 5   GLU B N   1 
ATOM   816  C  CA  A GLU B 1 8   ? 17.726  -10.351 7.434   0.50 47.79 ? 5   GLU B CA  1 
ATOM   817  C  CA  B GLU B 1 8   ? 17.703  -10.338 7.505   0.50 47.64 ? 5   GLU B CA  1 
ATOM   818  C  C   A GLU B 1 8   ? 18.415  -8.997  7.284   0.50 47.69 ? 5   GLU B C   1 
ATOM   819  C  C   B GLU B 1 8   ? 18.597  -9.124  7.195   0.50 47.66 ? 5   GLU B C   1 
ATOM   820  O  O   A GLU B 1 8   ? 19.006  -8.470  8.237   0.50 47.51 ? 5   GLU B O   1 
ATOM   821  O  O   B GLU B 1 8   ? 19.508  -8.808  7.976   0.50 47.41 ? 5   GLU B O   1 
ATOM   822  C  CB  A GLU B 1 8   ? 18.633  -11.394 6.764   0.50 47.93 ? 5   GLU B CB  1 
ATOM   823  C  CB  B GLU B 1 8   ? 18.486  -11.638 7.249   0.50 47.86 ? 5   GLU B CB  1 
ATOM   824  C  CG  A GLU B 1 8   ? 18.305  -12.850 7.033   0.50 47.88 ? 5   GLU B CG  1 
ATOM   825  C  CG  B GLU B 1 8   ? 18.153  -12.784 8.205   0.50 47.55 ? 5   GLU B CG  1 
ATOM   826  C  CD  A GLU B 1 8   ? 19.174  -13.783 6.206   0.50 48.05 ? 5   GLU B CD  1 
ATOM   827  C  CD  B GLU B 1 8   ? 18.740  -12.587 9.591   0.50 47.91 ? 5   GLU B CD  1 
ATOM   828  O  OE1 A GLU B 1 8   ? 19.302  -13.551 4.985   0.50 47.41 ? 5   GLU B OE1 1 
ATOM   829  O  OE1 B GLU B 1 8   ? 18.553  -11.497 10.172  0.50 47.80 ? 5   GLU B OE1 1 
ATOM   830  O  OE2 A GLU B 1 8   ? 19.731  -14.745 6.775   0.50 48.43 ? 5   GLU B OE2 1 
ATOM   831  O  OE2 B GLU B 1 8   ? 19.388  -13.529 10.103  0.50 48.69 ? 5   GLU B OE2 1 
ATOM   832  N  N   . ASP B 1 9   ? 18.354  -8.456  6.068   1.00 47.40 ? 6   ASP B N   1 
ATOM   833  C  CA  . ASP B 1 9   ? 19.180  -7.319  5.683   1.00 46.98 ? 6   ASP B CA  1 
ATOM   834  C  C   . ASP B 1 9   ? 18.620  -6.078  6.304   1.00 45.44 ? 6   ASP B C   1 
ATOM   835  O  O   . ASP B 1 9   ? 19.378  -5.175  6.685   1.00 45.13 ? 6   ASP B O   1 
ATOM   836  C  CB  . ASP B 1 9   ? 19.271  -7.170  4.159   1.00 48.28 ? 6   ASP B CB  1 
ATOM   837  C  CG  . ASP B 1 9   ? 19.563  -8.487  3.454   1.00 50.82 ? 6   ASP B CG  1 
ATOM   838  O  OD1 . ASP B 1 9   ? 20.435  -9.272  3.938   1.00 53.94 ? 6   ASP B OD1 1 
ATOM   839  O  OD2 . ASP B 1 9   ? 18.910  -8.722  2.404   1.00 54.60 ? 6   ASP B OD2 1 
ATOM   840  N  N   . TYR B 1 10  ? 17.293  -6.042  6.416   1.00 42.83 ? 7   TYR B N   1 
ATOM   841  C  CA  . TYR B 1 10  ? 16.650  -4.976  7.161   1.00 41.77 ? 7   TYR B CA  1 
ATOM   842  C  C   . TYR B 1 10  ? 16.967  -5.071  8.648   1.00 40.68 ? 7   TYR B C   1 
ATOM   843  O  O   . TYR B 1 10  ? 17.321  -4.076  9.245   1.00 40.91 ? 7   TYR B O   1 
ATOM   844  C  CB  . TYR B 1 10  ? 15.140  -4.916  6.912   1.00 40.53 ? 7   TYR B CB  1 
ATOM   845  C  CG  . TYR B 1 10  ? 14.796  -4.181  5.640   1.00 40.13 ? 7   TYR B CG  1 
ATOM   846  C  CD1 . TYR B 1 10  ? 14.564  -2.803  5.649   1.00 38.26 ? 7   TYR B CD1 1 
ATOM   847  C  CD2 . TYR B 1 10  ? 14.714  -4.862  4.419   1.00 39.53 ? 7   TYR B CD2 1 
ATOM   848  C  CE1 . TYR B 1 10  ? 14.272  -2.129  4.483   1.00 39.74 ? 7   TYR B CE1 1 
ATOM   849  C  CE2 . TYR B 1 10  ? 14.401  -4.191  3.251   1.00 39.51 ? 7   TYR B CE2 1 
ATOM   850  C  CZ  . TYR B 1 10  ? 14.187  -2.824  3.285   1.00 40.77 ? 7   TYR B CZ  1 
ATOM   851  O  OH  . TYR B 1 10  ? 13.876  -2.153  2.107   1.00 40.23 ? 7   TYR B OH  1 
ATOM   852  N  N   . GLN B 1 11  ? 16.864  -6.266  9.231   1.00 40.33 ? 8   GLN B N   1 
ATOM   853  C  CA  . GLN B 1 11  ? 17.237  -6.464  10.628  1.00 40.23 ? 8   GLN B CA  1 
ATOM   854  C  C   . GLN B 1 11  ? 18.609  -5.897  10.932  1.00 39.38 ? 8   GLN B C   1 
ATOM   855  O  O   . GLN B 1 11  ? 18.774  -5.157  11.905  1.00 39.01 ? 8   GLN B O   1 
ATOM   856  C  CB  . GLN B 1 11  ? 17.180  -7.947  10.995  1.00 41.43 ? 8   GLN B CB  1 
ATOM   857  C  CG  . GLN B 1 11  ? 16.558  -8.251  12.352  1.00 44.49 ? 8   GLN B CG  1 
ATOM   858  C  CD  . GLN B 1 11  ? 16.313  -9.733  12.515  1.00 46.42 ? 8   GLN B CD  1 
ATOM   859  O  OE1 . GLN B 1 11  ? 15.430  -10.297 11.864  1.00 49.28 ? 8   GLN B OE1 1 
ATOM   860  N  NE2 . GLN B 1 11  ? 17.124  -10.386 13.348  1.00 47.30 ? 8   GLN B NE2 1 
ATOM   861  N  N   . ALA B 1 12  ? 19.598  -6.205  10.084  1.00 37.92 ? 9   ALA B N   1 
ATOM   862  C  CA  . ALA B 1 12  ? 20.979  -5.760  10.325  1.00 37.01 ? 9   ALA B CA  1 
ATOM   863  C  C   . ALA B 1 12  ? 21.097  -4.241  10.315  1.00 35.87 ? 9   ALA B C   1 
ATOM   864  O  O   . ALA B 1 12  ? 21.939  -3.682  10.973  1.00 35.60 ? 9   ALA B O   1 
ATOM   865  C  CB  . ALA B 1 12  ? 21.946  -6.378  9.320   1.00 37.41 ? 9   ALA B CB  1 
ATOM   866  N  N   . ARG B 1 13  ? 20.228  -3.577  9.576   1.00 33.59 ? 10  ARG B N   1 
ATOM   867  C  CA  . ARG B 1 13  ? 20.291  -2.141  9.455   1.00 33.05 ? 10  ARG B CA  1 
ATOM   868  C  C   . ARG B 1 13  ? 19.338  -1.463  10.485  1.00 30.81 ? 10  ARG B C   1 
ATOM   869  O  O   . ARG B 1 13  ? 19.308  -0.239  10.596  1.00 30.56 ? 10  ARG B O   1 
ATOM   870  C  CB  . ARG B 1 13  ? 19.905  -1.753  8.017   1.00 33.13 ? 10  ARG B CB  1 
ATOM   871  C  CG  . ARG B 1 13  ? 20.865  -2.229  6.917   1.00 36.40 ? 10  ARG B CG  1 
ATOM   872  C  CD  . ARG B 1 13  ? 20.154  -2.255  5.530   1.00 36.65 ? 10  ARG B CD  1 
ATOM   873  N  NE  . ARG B 1 13  ? 19.605  -0.949  5.106   1.00 42.35 ? 10  ARG B NE  1 
ATOM   874  C  CZ  . ARG B 1 13  ? 18.654  -0.777  4.177   1.00 44.56 ? 10  ARG B CZ  1 
ATOM   875  N  NH1 . ARG B 1 13  ? 18.255  0.453   3.864   1.00 44.68 ? 10  ARG B NH1 1 
ATOM   876  N  NH2 . ARG B 1 13  ? 18.084  -1.820  3.567   1.00 44.38 ? 10  ARG B NH2 1 
ATOM   877  N  N   . LEU B 1 14  ? 18.562  -2.252  11.222  1.00 28.88 ? 11  LEU B N   1 
ATOM   878  C  CA  . LEU B 1 14  ? 17.524  -1.676  12.101  1.00 27.29 ? 11  LEU B CA  1 
ATOM   879  C  C   . LEU B 1 14  ? 18.039  -1.303  13.490  1.00 27.92 ? 11  LEU B C   1 
ATOM   880  O  O   . LEU B 1 14  ? 18.608  -2.159  14.209  1.00 28.41 ? 11  LEU B O   1 
ATOM   881  C  CB  . LEU B 1 14  ? 16.363  -2.665  12.263  1.00 27.42 ? 11  LEU B CB  1 
ATOM   882  C  CG  . LEU B 1 14  ? 15.068  -2.176  12.926  1.00 27.43 ? 11  LEU B CG  1 
ATOM   883  C  CD1 . LEU B 1 14  ? 14.208  -1.277  12.036  1.00 28.66 ? 11  LEU B CD1 1 
ATOM   884  C  CD2 . LEU B 1 14  ? 14.300  -3.440  13.345  1.00 29.91 ? 11  LEU B CD2 1 
ATOM   885  N  N   . GLN B 1 15  ? 17.821  -0.051  13.858  1.00 26.85 ? 12  GLN B N   1 
ATOM   886  C  CA  . GLN B 1 15  ? 18.307  0.498   15.117  1.00 28.96 ? 12  GLN B CA  1 
ATOM   887  C  C   . GLN B 1 15  ? 17.104  0.796   15.996  1.00 29.17 ? 12  GLN B C   1 
ATOM   888  O  O   . GLN B 1 15  ? 16.046  1.177   15.493  1.00 28.02 ? 12  GLN B O   1 
ATOM   889  C  CB  . GLN B 1 15  ? 18.963  1.859   14.901  1.00 29.16 ? 12  GLN B CB  1 
ATOM   890  C  CG  . GLN B 1 15  ? 19.463  2.107   13.558  1.00 34.22 ? 12  GLN B CG  1 
ATOM   891  C  CD  . GLN B 1 15  ? 20.922  1.922   13.512  1.00 36.85 ? 12  GLN B CD  1 
ATOM   892  O  OE1 . GLN B 1 15  ? 21.628  2.506   14.316  1.00 41.89 ? 12  GLN B OE1 1 
ATOM   893  N  NE2 . GLN B 1 15  ? 21.404  1.091   12.580  1.00 39.66 ? 12  GLN B NE2 1 
ATOM   894  N  N   . PRO B 1 16  ? 17.291  0.682   17.307  1.00 28.11 ? 13  PRO B N   1 
ATOM   895  C  CA  . PRO B 1 16  ? 16.287  1.052   18.277  1.00 29.16 ? 13  PRO B CA  1 
ATOM   896  C  C   . PRO B 1 16  ? 15.960  2.569   18.226  1.00 30.73 ? 13  PRO B C   1 
ATOM   897  O  O   . PRO B 1 16  ? 14.804  2.938   18.409  1.00 32.29 ? 13  PRO B O   1 
ATOM   898  C  CB  . PRO B 1 16  ? 16.930  0.652   19.618  1.00 28.21 ? 13  PRO B CB  1 
ATOM   899  C  CG  . PRO B 1 16  ? 18.385  0.574   19.324  1.00 28.75 ? 13  PRO B CG  1 
ATOM   900  C  CD  . PRO B 1 16  ? 18.526  0.155   17.929  1.00 28.27 ? 13  PRO B CD  1 
ATOM   901  N  N   . ASN B 1 17  ? 16.925  3.436   17.950  1.00 31.95 ? 14  ASN B N   1 
ATOM   902  C  CA  . ASN B 1 17  ? 16.609  4.869   17.950  1.00 33.76 ? 14  ASN B CA  1 
ATOM   903  C  C   . ASN B 1 17  ? 16.903  5.591   16.656  1.00 34.00 ? 14  ASN B C   1 
ATOM   904  O  O   . ASN B 1 17  ? 17.722  5.130   15.850  1.00 35.13 ? 14  ASN B O   1 
ATOM   905  C  CB  . ASN B 1 17  ? 17.293  5.612   19.106  1.00 34.04 ? 14  ASN B CB  1 
ATOM   906  C  CG  . ASN B 1 17  ? 17.005  4.992   20.459  1.00 36.25 ? 14  ASN B CG  1 
ATOM   907  O  OD1 . ASN B 1 17  ? 15.857  4.968   20.937  1.00 36.97 ? 14  ASN B OD1 1 
ATOM   908  N  ND2 . ASN B 1 17  ? 18.059  4.478   21.092  1.00 41.17 ? 14  ASN B ND2 1 
ATOM   909  N  N   . ARG B 1 18  ? 16.220  6.725   16.470  1.00 34.45 ? 15  ARG B N   1 
ATOM   910  C  CA  . ARG B 1 18  ? 16.336  7.536   15.267  1.00 35.59 ? 15  ARG B CA  1 
ATOM   911  C  C   . ARG B 1 18  ? 17.629  8.356   15.230  1.00 36.37 ? 15  ARG B C   1 
ATOM   912  O  O   . ARG B 1 18  ? 17.873  9.211   16.096  1.00 36.38 ? 15  ARG B O   1 
ATOM   913  C  CB  . ARG B 1 18  ? 15.155  8.494   15.126  1.00 35.24 ? 15  ARG B CB  1 
ATOM   914  C  CG  . ARG B 1 18  ? 15.021  9.101   13.734  1.00 37.18 ? 15  ARG B CG  1 
ATOM   915  C  CD  . ARG B 1 18  ? 14.084  10.321  13.755  1.00 39.42 ? 15  ARG B CD  1 
ATOM   916  N  NE  . ARG B 1 18  ? 12.668  10.002  13.986  1.00 41.66 ? 15  ARG B NE  1 
ATOM   917  C  CZ  . ARG B 1 18  ? 11.739  9.861   13.030  1.00 40.13 ? 15  ARG B CZ  1 
ATOM   918  N  NH1 . ARG B 1 18  ? 12.040  9.977   11.747  1.00 37.90 ? 15  ARG B NH1 1 
ATOM   919  N  NH2 . ARG B 1 18  ? 10.492  9.594   13.371  1.00 40.09 ? 15  ARG B NH2 1 
ATOM   920  N  N   . VAL B 1 19  ? 18.434  8.056   14.229  1.00 37.53 ? 16  VAL B N   1 
ATOM   921  C  CA  . VAL B 1 19  ? 19.619  8.838   13.913  1.00 39.18 ? 16  VAL B CA  1 
ATOM   922  C  C   . VAL B 1 19  ? 19.451  9.558   12.597  1.00 39.74 ? 16  VAL B C   1 
ATOM   923  O  O   . VAL B 1 19  ? 18.465  9.350   11.858  1.00 39.80 ? 16  VAL B O   1 
ATOM   924  C  CB  . VAL B 1 19  ? 20.870  7.957   13.819  1.00 39.05 ? 16  VAL B CB  1 
ATOM   925  C  CG1 . VAL B 1 19  ? 21.130  7.283   15.147  1.00 40.14 ? 16  VAL B CG1 1 
ATOM   926  C  CG2 . VAL B 1 19  ? 20.729  6.932   12.689  1.00 38.49 ? 16  VAL B CG2 1 
ATOM   927  N  N   . GLU B 1 20  ? 20.460  10.371  12.281  1.00 40.10 ? 17  GLU B N   1 
ATOM   928  C  CA  . GLU B 1 20  ? 20.519  11.087  11.029  1.00 40.84 ? 17  GLU B CA  1 
ATOM   929  C  C   . GLU B 1 20  ? 20.470  10.137  9.830   1.00 39.95 ? 17  GLU B C   1 
ATOM   930  O  O   . GLU B 1 20  ? 21.176  9.122   9.799   1.00 40.64 ? 17  GLU B O   1 
ATOM   931  C  CB  . GLU B 1 20  ? 21.794  11.964  11.006  1.00 41.37 ? 17  GLU B CB  1 
ATOM   932  C  CG  . GLU B 1 20  ? 21.685  13.184  10.101  1.00 44.98 ? 17  GLU B CG  1 
ATOM   933  C  CD  . GLU B 1 20  ? 20.406  13.985  10.328  1.00 49.59 ? 17  GLU B CD  1 
ATOM   934  O  OE1 . GLU B 1 20  ? 20.068  14.280  11.506  1.00 50.93 ? 17  GLU B OE1 1 
ATOM   935  O  OE2 . GLU B 1 20  ? 19.739  14.310  9.319   1.00 52.27 ? 17  GLU B OE2 1 
ATOM   936  N  N   . GLY B 1 21  ? 19.609  10.454  8.868   1.00 38.74 ? 18  GLY B N   1 
ATOM   937  C  CA  . GLY B 1 21  ? 19.502  9.661   7.638   1.00 37.45 ? 18  GLY B CA  1 
ATOM   938  C  C   . GLY B 1 21  ? 18.783  8.323   7.806   1.00 36.72 ? 18  GLY B C   1 
ATOM   939  O  O   . GLY B 1 21  ? 18.770  7.504   6.878   1.00 38.00 ? 18  GLY B O   1 
ATOM   940  N  N   . SER B 1 22  ? 18.182  8.099   8.970   1.00 35.01 ? 19  SER B N   1 
ATOM   941  C  CA  . SER B 1 22  ? 17.411  6.852   9.203   1.00 33.60 ? 19  SER B CA  1 
ATOM   942  C  C   . SER B 1 22  ? 15.924  7.127   9.076   1.00 32.13 ? 19  SER B C   1 
ATOM   943  O  O   . SER B 1 22  ? 15.486  8.290   9.195   1.00 31.31 ? 19  SER B O   1 
ATOM   944  C  CB  . SER B 1 22  ? 17.740  6.200   10.570  1.00 33.64 ? 19  SER B CB  1 
ATOM   945  O  OG  . SER B 1 22  ? 17.185  6.949   11.644  1.00 33.00 ? 19  SER B OG  1 
ATOM   946  N  N   . TYR B 1 23  ? 15.139  6.065   8.829   1.00 30.39 ? 20  TYR B N   1 
ATOM   947  C  CA  . TYR B 1 23  ? 13.709  6.197   8.632   1.00 29.73 ? 20  TYR B CA  1 
ATOM   948  C  C   . TYR B 1 23  ? 13.006  5.127   9.402   1.00 27.76 ? 20  TYR B C   1 
ATOM   949  O  O   . TYR B 1 23  ? 13.505  4.026   9.479   1.00 27.66 ? 20  TYR B O   1 
ATOM   950  C  CB  . TYR B 1 23  ? 13.323  6.019   7.133   1.00 30.75 ? 20  TYR B CB  1 
ATOM   951  C  CG  . TYR B 1 23  ? 14.057  7.011   6.279   1.00 35.24 ? 20  TYR B CG  1 
ATOM   952  C  CD1 . TYR B 1 23  ? 13.523  8.278   6.074   1.00 37.81 ? 20  TYR B CD1 1 
ATOM   953  C  CD2 . TYR B 1 23  ? 15.318  6.713   5.755   1.00 35.10 ? 20  TYR B CD2 1 
ATOM   954  C  CE1 . TYR B 1 23  ? 14.203  9.232   5.310   1.00 39.03 ? 20  TYR B CE1 1 
ATOM   955  C  CE2 . TYR B 1 23  ? 16.026  7.666   5.008   1.00 36.35 ? 20  TYR B CE2 1 
ATOM   956  C  CZ  . TYR B 1 23  ? 15.437  8.921   4.787   1.00 38.23 ? 20  TYR B CZ  1 
ATOM   957  O  OH  . TYR B 1 23  ? 16.078  9.906   4.047   1.00 40.36 ? 20  TYR B OH  1 
ATOM   958  N  N   . PRO B 1 24  ? 11.818  5.425   9.908   1.00 26.08 ? 21  PRO B N   1 
ATOM   959  C  CA  . PRO B 1 24  ? 11.128  4.364   10.650  1.00 25.25 ? 21  PRO B CA  1 
ATOM   960  C  C   . PRO B 1 24  ? 10.689  3.189   9.815   1.00 25.08 ? 21  PRO B C   1 
ATOM   961  O  O   . PRO B 1 24  ? 10.153  3.365   8.700   1.00 24.59 ? 21  PRO B O   1 
ATOM   962  C  CB  . PRO B 1 24  ? 9.897   5.057   11.216  1.00 24.50 ? 21  PRO B CB  1 
ATOM   963  C  CG  . PRO B 1 24  ? 9.749   6.308   10.441  1.00 26.69 ? 21  PRO B CG  1 
ATOM   964  C  CD  . PRO B 1 24  ? 11.060  6.677   9.873   1.00 27.64 ? 21  PRO B CD  1 
ATOM   965  N  N   . LEU B 1 25  ? 10.789  2.011   10.418  1.00 24.43 ? 22  LEU B N   1 
ATOM   966  C  CA  . LEU B 1 25  ? 10.184  0.819   9.872   1.00 24.12 ? 22  LEU B CA  1 
ATOM   967  C  C   . LEU B 1 25  ? 8.987   0.453   10.755  1.00 23.76 ? 22  LEU B C   1 
ATOM   968  O  O   . LEU B 1 25  ? 9.122   0.279   11.953  1.00 22.69 ? 22  LEU B O   1 
ATOM   969  C  CB  . LEU B 1 25  ? 11.186  -0.329  9.850   1.00 24.23 ? 22  LEU B CB  1 
ATOM   970  C  CG  . LEU B 1 25  ? 10.693  -1.615  9.193   1.00 25.46 ? 22  LEU B CG  1 
ATOM   971  C  CD1 . LEU B 1 25  ? 10.629  -1.480  7.717   1.00 27.96 ? 22  LEU B CD1 1 
ATOM   972  C  CD2 . LEU B 1 25  ? 11.583  -2.807  9.611   1.00 27.20 ? 22  LEU B CD2 1 
ATOM   973  N  N   . VAL B 1 26  ? 7.822   0.324   10.143  1.00 23.56 ? 23  VAL B N   1 
ATOM   974  C  CA  . VAL B 1 26  ? 6.619   0.093   10.907  1.00 23.97 ? 23  VAL B CA  1 
ATOM   975  C  C   . VAL B 1 26  ? 5.953   -1.214  10.547  1.00 22.55 ? 23  VAL B C   1 
ATOM   976  O  O   . VAL B 1 26  ? 6.059   -1.712  9.388   1.00 23.96 ? 23  VAL B O   1 
ATOM   977  C  CB  . VAL B 1 26  ? 5.606   1.286   10.807  1.00 24.88 ? 23  VAL B CB  1 
ATOM   978  C  CG1 . VAL B 1 26  ? 6.268   2.591   11.255  1.00 26.16 ? 23  VAL B CG1 1 
ATOM   979  C  CG2 . VAL B 1 26  ? 5.021   1.419   9.378   1.00 23.73 ? 23  VAL B CG2 1 
ATOM   980  N  N   . ARG B 1 27  ? 5.224   -1.768  11.519  1.00 23.45 ? 24  ARG B N   1 
ATOM   981  C  CA  . ARG B 1 27  ? 4.305   -2.873  11.209  1.00 22.63 ? 24  ARG B CA  1 
ATOM   982  C  C   . ARG B 1 27  ? 2.920   -2.387  11.578  1.00 24.27 ? 24  ARG B C   1 
ATOM   983  O  O   . ARG B 1 27  ? 2.699   -1.877  12.677  1.00 24.55 ? 24  ARG B O   1 
ATOM   984  C  CB  . ARG B 1 27  ? 4.675   -4.127  12.038  1.00 26.06 ? 24  ARG B CB  1 
ATOM   985  C  CG  . ARG B 1 27  ? 3.704   -5.258  11.824  1.00 28.95 ? 24  ARG B CG  1 
ATOM   986  C  CD  . ARG B 1 27  ? 3.867   -6.335  12.924  1.00 37.76 ? 24  ARG B CD  1 
ATOM   987  N  NE  . ARG B 1 27  ? 5.129   -7.019  12.780  1.00 46.41 ? 24  ARG B NE  1 
ATOM   988  C  CZ  . ARG B 1 27  ? 6.019   -7.268  13.742  1.00 50.00 ? 24  ARG B CZ  1 
ATOM   989  N  NH1 . ARG B 1 27  ? 5.815   -6.918  15.012  1.00 52.05 ? 24  ARG B NH1 1 
ATOM   990  N  NH2 . ARG B 1 27  ? 7.138   -7.898  13.409  1.00 51.28 ? 24  ARG B NH2 1 
HETATM 991  N  N   . MSE B 1 28  ? 2.015   -2.469  10.608  1.00 24.08 ? 25  MSE B N   1 
HETATM 992  C  CA  . MSE B 1 28  ? 0.681   -1.895  10.693  1.00 25.23 ? 25  MSE B CA  1 
HETATM 993  C  C   . MSE B 1 28  ? -0.318  -3.027  10.654  1.00 25.40 ? 25  MSE B C   1 
HETATM 994  O  O   . MSE B 1 28  ? -0.254  -3.871  9.772   1.00 25.12 ? 25  MSE B O   1 
HETATM 995  C  CB  . MSE B 1 28  ? 0.467   -0.998  9.493   1.00 25.94 ? 25  MSE B CB  1 
HETATM 996  C  CG  . MSE B 1 28  ? 1.420   0.248   9.525   1.00 25.76 ? 25  MSE B CG  1 
HETATM 997  SE SE  . MSE B 1 28  ? 1.223   1.338   7.899   0.75 32.89 ? 25  MSE B SE  1 
HETATM 998  C  CE  . MSE B 1 28  ? 2.331   0.152   6.734   1.00 27.83 ? 25  MSE B CE  1 
ATOM   999  N  N   . GLU B 1 29  ? -1.258  -3.010  11.591  1.00 25.28 ? 26  GLU B N   1 
ATOM   1000 C  CA  . GLU B 1 29  ? -2.302  -4.049  11.664  1.00 26.02 ? 26  GLU B CA  1 
ATOM   1001 C  C   . GLU B 1 29  ? -3.649  -3.387  11.371  1.00 23.71 ? 26  GLU B C   1 
ATOM   1002 O  O   . GLU B 1 29  ? -3.987  -2.339  11.946  1.00 23.78 ? 26  GLU B O   1 
ATOM   1003 C  CB  . GLU B 1 29  ? -2.403  -4.671  13.060  1.00 27.32 ? 26  GLU B CB  1 
ATOM   1004 C  CG  . GLU B 1 29  ? -1.293  -5.566  13.491  1.00 34.75 ? 26  GLU B CG  1 
ATOM   1005 C  CD  . GLU B 1 29  ? -1.767  -6.576  14.559  1.00 38.82 ? 26  GLU B CD  1 
ATOM   1006 O  OE1 . GLU B 1 29  ? -2.705  -6.297  15.371  1.00 37.19 ? 26  GLU B OE1 1 
ATOM   1007 O  OE2 . GLU B 1 29  ? -1.189  -7.672  14.571  1.00 41.54 ? 26  GLU B OE2 1 
ATOM   1008 N  N   . PHE B 1 30  ? -4.412  -4.048  10.489  1.00 23.20 ? 27  PHE B N   1 
ATOM   1009 C  CA  . PHE B 1 30  ? -5.706  -3.646  10.038  1.00 22.59 ? 27  PHE B CA  1 
ATOM   1010 C  C   . PHE B 1 30  ? -6.707  -4.669  10.528  1.00 21.91 ? 27  PHE B C   1 
ATOM   1011 O  O   . PHE B 1 30  ? -6.452  -5.898  10.409  1.00 22.19 ? 27  PHE B O   1 
ATOM   1012 C  CB  . PHE B 1 30  ? -5.726  -3.634  8.486   1.00 24.02 ? 27  PHE B CB  1 
ATOM   1013 C  CG  . PHE B 1 30  ? -4.822  -2.577  7.909   1.00 23.62 ? 27  PHE B CG  1 
ATOM   1014 C  CD1 . PHE B 1 30  ? -5.331  -1.335  7.470   1.00 27.98 ? 27  PHE B CD1 1 
ATOM   1015 C  CD2 . PHE B 1 30  ? -3.462  -2.833  7.815   1.00 21.93 ? 27  PHE B CD2 1 
ATOM   1016 C  CE1 . PHE B 1 30  ? -4.477  -0.352  6.954   1.00 29.37 ? 27  PHE B CE1 1 
ATOM   1017 C  CE2 . PHE B 1 30  ? -2.544  -1.834  7.331   1.00 24.08 ? 27  PHE B CE2 1 
ATOM   1018 C  CZ  . PHE B 1 30  ? -3.068  -0.594  6.891   1.00 28.09 ? 27  PHE B CZ  1 
ATOM   1019 N  N   . THR B 1 31  ? -7.777  -4.150  11.126  1.00 21.39 ? 28  THR B N   1 
ATOM   1020 C  CA  . THR B 1 31  ? -8.898  -5.021  11.608  1.00 23.02 ? 28  THR B CA  1 
ATOM   1021 C  C   . THR B 1 31  ? -10.194 -4.357  11.197  1.00 23.36 ? 28  THR B C   1 
ATOM   1022 O  O   . THR B 1 31  ? -10.181 -3.253  10.612  1.00 23.49 ? 28  THR B O   1 
ATOM   1023 C  CB  . THR B 1 31  ? -8.931  -5.141  13.135  1.00 23.70 ? 28  THR B CB  1 
ATOM   1024 O  OG1 . THR B 1 31  ? -9.289  -3.870  13.681  1.00 25.43 ? 28  THR B OG1 1 
ATOM   1025 C  CG2 . THR B 1 31  ? -7.609  -5.551  13.694  1.00 26.09 ? 28  THR B CG2 1 
ATOM   1026 N  N   . GLY B 1 32  ? -11.342 -4.971  11.547  1.00 23.24 ? 29  GLY B N   1 
ATOM   1027 C  CA  . GLY B 1 32  ? -12.631 -4.362  11.192  1.00 25.49 ? 29  GLY B CA  1 
ATOM   1028 C  C   . GLY B 1 32  ? -12.915 -3.084  11.960  1.00 26.19 ? 29  GLY B C   1 
ATOM   1029 O  O   . GLY B 1 32  ? -13.861 -2.388  11.629  1.00 26.72 ? 29  GLY B O   1 
ATOM   1030 N  N   . ALA B 1 33  ? -12.085 -2.780  12.960  1.00 26.01 ? 30  ALA B N   1 
ATOM   1031 C  CA  . ALA B 1 33  ? -12.150 -1.494  13.693  1.00 25.59 ? 30  ALA B CA  1 
ATOM   1032 C  C   . ALA B 1 33  ? -11.469 -0.347  12.933  1.00 25.87 ? 30  ALA B C   1 
ATOM   1033 O  O   . ALA B 1 33  ? -11.760 0.833   13.166  1.00 26.58 ? 30  ALA B O   1 
ATOM   1034 C  CB  . ALA B 1 33  ? -11.504 -1.627  15.036  1.00 26.60 ? 30  ALA B CB  1 
ATOM   1035 N  N   . THR B 1 34  ? -10.577 -0.694  12.014  1.00 24.62 ? 31  THR B N   1 
ATOM   1036 C  CA  . THR B 1 34  ? -9.839  0.332   11.268  1.00 24.22 ? 31  THR B CA  1 
ATOM   1037 C  C   . THR B 1 34  ? -10.808 1.105   10.361  1.00 25.10 ? 31  THR B C   1 
ATOM   1038 O  O   . THR B 1 34  ? -11.719 0.499   9.769   1.00 25.18 ? 31  THR B O   1 
ATOM   1039 C  CB  . THR B 1 34  ? -8.775  -0.334  10.389  1.00 23.95 ? 31  THR B CB  1 
ATOM   1040 O  OG1 . THR B 1 34  ? -7.951  -1.152  11.195  1.00 24.47 ? 31  THR B OG1 1 
ATOM   1041 C  CG2 . THR B 1 34  ? -7.892  0.763   9.713   1.00 26.73 ? 31  THR B CG2 1 
ATOM   1042 N  N   . VAL B 1 35  ? -10.646 2.424   10.259  1.00 26.06 ? 32  VAL B N   1 
ATOM   1043 C  CA  . VAL B 1 35  ? -11.533 3.238   9.413   1.00 28.66 ? 32  VAL B CA  1 
ATOM   1044 C  C   . VAL B 1 35  ? -11.431 2.751   7.970   1.00 28.84 ? 32  VAL B C   1 
ATOM   1045 O  O   . VAL B 1 35  ? -10.347 2.472   7.464   1.00 29.55 ? 32  VAL B O   1 
ATOM   1046 C  CB  . VAL B 1 35  ? -11.165 4.764   9.516   1.00 28.22 ? 32  VAL B CB  1 
ATOM   1047 C  CG1 . VAL B 1 35  ? -11.920 5.636   8.519   1.00 29.89 ? 32  VAL B CG1 1 
ATOM   1048 C  CG2 . VAL B 1 35  ? -11.387 5.262   10.966  1.00 31.42 ? 32  VAL B CG2 1 
ATOM   1049 N  N   . ASP B 1 36  ? -12.576 2.675   7.317   1.00 31.10 ? 33  ASP B N   1 
ATOM   1050 C  CA  . ASP B 1 36  ? -12.676 2.228   5.949   1.00 31.72 ? 33  ASP B CA  1 
ATOM   1051 C  C   . ASP B 1 36  ? -12.253 3.397   5.032   1.00 30.81 ? 33  ASP B C   1 
ATOM   1052 O  O   . ASP B 1 36  ? -13.084 4.233   4.647   1.00 30.00 ? 33  ASP B O   1 
ATOM   1053 C  CB  . ASP B 1 36  ? -14.130 1.806   5.703   1.00 33.19 ? 33  ASP B CB  1 
ATOM   1054 C  CG  . ASP B 1 36  ? -14.387 1.356   4.268   1.00 37.59 ? 33  ASP B CG  1 
ATOM   1055 O  OD1 . ASP B 1 36  ? -13.412 1.048   3.551   1.00 41.24 ? 33  ASP B OD1 1 
ATOM   1056 O  OD2 . ASP B 1 36  ? -15.578 1.333   3.866   1.00 43.05 ? 33  ASP B OD2 1 
ATOM   1057 N  N   . ALA B 1 37  ? -10.953 3.470   4.731   1.00 28.48 ? 34  ALA B N   1 
ATOM   1058 C  CA  . ALA B 1 37  ? -10.403 4.623   4.019   1.00 27.76 ? 34  ALA B CA  1 
ATOM   1059 C  C   . ALA B 1 37  ? -9.144  4.185   3.317   1.00 25.80 ? 34  ALA B C   1 
ATOM   1060 O  O   . ALA B 1 37  ? -8.487  3.267   3.782   1.00 25.86 ? 34  ALA B O   1 
ATOM   1061 C  CB  . ALA B 1 37  ? -10.062 5.775   4.979   1.00 27.06 ? 34  ALA B CB  1 
ATOM   1062 N  N   . PRO B 1 38  ? -8.787  4.850   2.208   1.00 24.81 ? 35  PRO B N   1 
ATOM   1063 C  CA  . PRO B 1 38  ? -7.489  4.554   1.562   1.00 23.82 ? 35  PRO B CA  1 
ATOM   1064 C  C   . PRO B 1 38  ? -6.392  5.273   2.353   1.00 23.72 ? 35  PRO B C   1 
ATOM   1065 O  O   . PRO B 1 38  ? -5.914  6.322   1.940   1.00 23.33 ? 35  PRO B O   1 
ATOM   1066 C  CB  . PRO B 1 38  ? -7.657  5.150   0.154   1.00 24.12 ? 35  PRO B CB  1 
ATOM   1067 C  CG  . PRO B 1 38  ? -8.638  6.325   0.373   1.00 24.83 ? 35  PRO B CG  1 
ATOM   1068 C  CD  . PRO B 1 38  ? -9.594  5.840   1.449   1.00 25.63 ? 35  PRO B CD  1 
ATOM   1069 N  N   . LEU B 1 39  ? -6.023  4.715   3.491   1.00 21.88 ? 36  LEU B N   1 
ATOM   1070 C  CA  . LEU B 1 39  ? -5.088  5.392   4.434   1.00 22.38 ? 36  LEU B CA  1 
ATOM   1071 C  C   . LEU B 1 39  ? -3.668  5.550   3.889   1.00 21.92 ? 36  LEU B C   1 
ATOM   1072 O  O   . LEU B 1 39  ? -3.040  6.559   4.144   1.00 23.19 ? 36  LEU B O   1 
ATOM   1073 C  CB  . LEU B 1 39  ? -5.073  4.648   5.761   1.00 22.10 ? 36  LEU B CB  1 
ATOM   1074 C  CG  . LEU B 1 39  ? -6.420  4.685   6.521   1.00 25.14 ? 36  LEU B CG  1 
ATOM   1075 C  CD1 . LEU B 1 39  ? -6.435  3.642   7.661   1.00 27.92 ? 36  LEU B CD1 1 
ATOM   1076 C  CD2 . LEU B 1 39  ? -6.808  6.036   7.057   1.00 25.15 ? 36  LEU B CD2 1 
HETATM 1077 N  N   . MSE B 1 40  ? -3.148  4.580   3.158   1.00 21.50 ? 37  MSE B N   1 
HETATM 1078 C  CA  . MSE B 1 40  ? -1.779  4.752   2.638   1.00 23.04 ? 37  MSE B CA  1 
HETATM 1079 C  C   . MSE B 1 40  ? -1.784  5.894   1.640   1.00 22.09 ? 37  MSE B C   1 
HETATM 1080 O  O   . MSE B 1 40  ? -0.878  6.754   1.631   1.00 24.01 ? 37  MSE B O   1 
HETATM 1081 C  CB  . MSE B 1 40  ? -1.251  3.471   1.961   1.00 24.20 ? 37  MSE B CB  1 
HETATM 1082 C  CG  . MSE B 1 40  ? -1.189  2.248   2.861   1.00 25.70 ? 37  MSE B CG  1 
HETATM 1083 SE SE  . MSE B 1 40  ? -0.030  2.557   4.417   0.85 38.35 ? 37  MSE B SE  1 
HETATM 1084 C  CE  . MSE B 1 40  ? -1.468  2.803   5.662   1.00 31.87 ? 37  MSE B CE  1 
ATOM   1085 N  N   . SER B 1 41  ? -2.793  5.924   0.771   1.00 21.11 ? 38  SER B N   1 
ATOM   1086 C  CA  . SER B 1 41  ? -2.839  7.064   -0.189  1.00 20.79 ? 38  SER B CA  1 
ATOM   1087 C  C   . SER B 1 41  ? -2.929  8.383   0.555   1.00 21.46 ? 38  SER B C   1 
ATOM   1088 O  O   . SER B 1 41  ? -2.300  9.399   0.110   1.00 20.12 ? 38  SER B O   1 
ATOM   1089 C  CB  . SER B 1 41  ? -4.028  6.905   -1.140  1.00 21.80 ? 38  SER B CB  1 
ATOM   1090 O  OG  . SER B 1 41  ? -3.858  5.780   -2.005  1.00 22.93 ? 38  SER B OG  1 
ATOM   1091 N  N   . GLN B 1 42  ? -3.795  8.428   1.562   1.00 20.95 ? 39  GLN B N   1 
ATOM   1092 C  CA  . GLN B 1 42  ? -4.019  9.675   2.321   1.00 21.84 ? 39  GLN B CA  1 
ATOM   1093 C  C   . GLN B 1 42  ? -2.742  10.187  2.993   1.00 22.10 ? 39  GLN B C   1 
ATOM   1094 O  O   . GLN B 1 42  ? -2.420  11.381  2.867   1.00 23.86 ? 39  GLN B O   1 
ATOM   1095 C  CB  . GLN B 1 42  ? -5.206  9.553   3.285   1.00 22.92 ? 39  GLN B CB  1 
ATOM   1096 C  CG  . GLN B 1 42  ? -6.564  9.431   2.568   1.00 20.52 ? 39  GLN B CG  1 
ATOM   1097 C  CD  . GLN B 1 42  ? -7.694  9.080   3.535   1.00 22.23 ? 39  GLN B CD  1 
ATOM   1098 O  OE1 . GLN B 1 42  ? -7.444  8.742   4.723   1.00 26.43 ? 39  GLN B OE1 1 
ATOM   1099 N  NE2 . GLN B 1 42  ? -8.929  9.084   3.028   1.00 23.16 ? 39  GLN B NE2 1 
ATOM   1100 N  N   . ILE B 1 43  ? -1.982  9.319   3.661   1.00 22.54 ? 40  ILE B N   1 
ATOM   1101 C  CA  . ILE B 1 43  ? -0.751  9.838   4.286   1.00 21.80 ? 40  ILE B CA  1 
ATOM   1102 C  C   . ILE B 1 43  ? 0.326   10.147  3.233   1.00 22.96 ? 40  ILE B C   1 
ATOM   1103 O  O   . ILE B 1 43  ? 1.137   11.035  3.476   1.00 22.61 ? 40  ILE B O   1 
ATOM   1104 C  CB  . ILE B 1 43  ? -0.150  8.918   5.377   1.00 22.65 ? 40  ILE B CB  1 
ATOM   1105 C  CG1 . ILE B 1 43  ? 0.360   7.605   4.739   1.00 22.00 ? 40  ILE B CG1 1 
ATOM   1106 C  CG2 . ILE B 1 43  ? -1.161  8.711   6.515   1.00 21.79 ? 40  ILE B CG2 1 
ATOM   1107 C  CD1 . ILE B 1 43  ? 1.115   6.738   5.821   1.00 22.92 ? 40  ILE B CD1 1 
ATOM   1108 N  N   . SER B 1 44  ? 0.329   9.420   2.085   1.00 21.04 ? 41  SER B N   1 
ATOM   1109 C  CA  . SER B 1 44  ? 1.248   9.707   0.984   1.00 20.98 ? 41  SER B CA  1 
ATOM   1110 C  C   . SER B 1 44  ? 1.069   11.147  0.505   1.00 20.48 ? 41  SER B C   1 
ATOM   1111 O  O   . SER B 1 44  ? 2.062   11.836  0.238   1.00 21.04 ? 41  SER B O   1 
ATOM   1112 C  CB  . SER B 1 44  ? 1.096   8.728   -0.173  1.00 20.73 ? 41  SER B CB  1 
ATOM   1113 O  OG  . SER B 1 44  ? 1.338   7.388   0.318   1.00 24.03 ? 41  SER B OG  1 
ATOM   1114 N  N   . ARG B 1 45  ? -0.173  11.610  0.450   1.00 21.00 ? 42  ARG B N   1 
ATOM   1115 C  CA  . ARG B 1 45  ? -0.446  13.003  0.017   1.00 22.54 ? 42  ARG B CA  1 
ATOM   1116 C  C   . ARG B 1 45  ? -0.311  14.007  1.161   1.00 21.79 ? 42  ARG B C   1 
ATOM   1117 O  O   . ARG B 1 45  ? 0.461   14.983  1.094   1.00 20.04 ? 42  ARG B O   1 
ATOM   1118 C  CB  . ARG B 1 45  ? -1.858  13.121  -0.547  1.00 22.89 ? 42  ARG B CB  1 
ATOM   1119 C  CG  . ARG B 1 45  ? -1.969  12.670  -1.965  1.00 25.12 ? 42  ARG B CG  1 
ATOM   1120 C  CD  . ARG B 1 45  ? -3.332  12.969  -2.622  1.00 26.25 ? 42  ARG B CD  1 
ATOM   1121 N  NE  . ARG B 1 45  ? -4.422  12.462  -1.826  1.00 29.74 ? 42  ARG B NE  1 
ATOM   1122 C  CZ  . ARG B 1 45  ? -4.969  11.261  -1.999  1.00 25.75 ? 42  ARG B CZ  1 
ATOM   1123 N  NH1 . ARG B 1 45  ? -4.570  10.449  -3.000  1.00 26.07 ? 42  ARG B NH1 1 
ATOM   1124 N  NH2 . ARG B 1 45  ? -5.958  10.928  -1.204  1.00 24.68 ? 42  ARG B NH2 1 
ATOM   1125 N  N   . LYS B 1 46  ? -1.067  13.749  2.230   1.00 22.06 ? 43  LYS B N   1 
ATOM   1126 C  CA  . LYS B 1 46  ? -1.212  14.724  3.300   1.00 23.10 ? 43  LYS B CA  1 
ATOM   1127 C  C   . LYS B 1 46  ? 0.095   15.052  4.042   1.00 22.81 ? 43  LYS B C   1 
ATOM   1128 O  O   . LYS B 1 46  ? 0.330   16.194  4.435   1.00 24.03 ? 43  LYS B O   1 
ATOM   1129 C  CB  . LYS B 1 46  ? -2.352  14.322  4.231   1.00 23.58 ? 43  LYS B CB  1 
ATOM   1130 C  CG  . LYS B 1 46  ? -2.643  15.378  5.307   1.00 26.89 ? 43  LYS B CG  1 
ATOM   1131 C  CD  . LYS B 1 46  ? -3.620  14.822  6.344   1.00 28.19 ? 43  LYS B CD  1 
ATOM   1132 C  CE  . LYS B 1 46  ? -3.925  15.886  7.451   1.00 31.06 ? 43  LYS B CE  1 
ATOM   1133 N  NZ  . LYS B 1 46  ? -4.885  15.256  8.381   1.00 31.64 ? 43  LYS B NZ  1 
ATOM   1134 N  N   . TYR B 1 47  ? 0.962   14.060  4.172   1.00 22.14 ? 44  TYR B N   1 
ATOM   1135 C  CA  . TYR B 1 47  ? 2.177   14.216  4.967   1.00 23.10 ? 44  TYR B CA  1 
ATOM   1136 C  C   . TYR B 1 47  ? 3.383   13.973  4.078   1.00 23.18 ? 44  TYR B C   1 
ATOM   1137 O  O   . TYR B 1 47  ? 4.481   13.899  4.579   1.00 24.67 ? 44  TYR B O   1 
ATOM   1138 C  CB  . TYR B 1 47  ? 2.174   13.242  6.167   1.00 23.94 ? 44  TYR B CB  1 
ATOM   1139 C  CG  . TYR B 1 47  ? 0.985   13.453  7.066   1.00 22.42 ? 44  TYR B CG  1 
ATOM   1140 C  CD1 . TYR B 1 47  ? 0.895   14.594  7.894   1.00 22.74 ? 44  TYR B CD1 1 
ATOM   1141 C  CD2 . TYR B 1 47  ? -0.069  12.559  7.070   1.00 21.67 ? 44  TYR B CD2 1 
ATOM   1142 C  CE1 . TYR B 1 47  ? -0.208  14.787  8.702   1.00 24.42 ? 44  TYR B CE1 1 
ATOM   1143 C  CE2 . TYR B 1 47  ? -1.168  12.735  7.886   1.00 23.48 ? 44  TYR B CE2 1 
ATOM   1144 C  CZ  . TYR B 1 47  ? -1.256  13.847  8.681   1.00 24.39 ? 44  TYR B CZ  1 
ATOM   1145 O  OH  . TYR B 1 47  ? -2.352  14.045  9.525   1.00 26.29 ? 44  TYR B OH  1 
ATOM   1146 N  N   . ASN B 1 48  ? 3.156   13.839  2.768   1.00 24.09 ? 45  ASN B N   1 
ATOM   1147 C  CA  . ASN B 1 48  ? 4.241   13.638  1.787   1.00 24.03 ? 45  ASN B CA  1 
ATOM   1148 C  C   . ASN B 1 48  ? 5.141   12.485  2.164   1.00 25.69 ? 45  ASN B C   1 
ATOM   1149 O  O   . ASN B 1 48  ? 6.358   12.625  2.263   1.00 27.51 ? 45  ASN B O   1 
ATOM   1150 C  CB  . ASN B 1 48  ? 5.089   14.936  1.644   1.00 24.87 ? 45  ASN B CB  1 
ATOM   1151 C  CG  . ASN B 1 48  ? 5.761   15.040  0.317   1.00 27.45 ? 45  ASN B CG  1 
ATOM   1152 O  OD1 . ASN B 1 48  ? 5.168   14.714  -0.728  1.00 29.71 ? 45  ASN B OD1 1 
ATOM   1153 N  ND2 . ASN B 1 48  ? 6.977   15.601  0.314   1.00 33.24 ? 45  ASN B ND2 1 
ATOM   1154 N  N   . ILE B 1 49  ? 4.509   11.374  2.473   1.00 24.01 ? 46  ILE B N   1 
ATOM   1155 C  CA  . ILE B 1 49  ? 5.212   10.187  2.954   1.00 24.94 ? 46  ILE B CA  1 
ATOM   1156 C  C   . ILE B 1 49  ? 5.337   9.252   1.758   1.00 24.64 ? 46  ILE B C   1 
ATOM   1157 O  O   . ILE B 1 49  ? 4.372   9.031   1.043   1.00 25.73 ? 46  ILE B O   1 
ATOM   1158 C  CB  . ILE B 1 49  ? 4.386   9.463   4.064   1.00 24.90 ? 46  ILE B CB  1 
ATOM   1159 C  CG1 . ILE B 1 49  ? 4.212   10.308  5.318   1.00 25.68 ? 46  ILE B CG1 1 
ATOM   1160 C  CG2 . ILE B 1 49  ? 5.019   8.086   4.405   1.00 25.95 ? 46  ILE B CG2 1 
ATOM   1161 C  CD1 . ILE B 1 49  ? 5.513   10.622  6.097   1.00 26.67 ? 46  ILE B CD1 1 
ATOM   1162 N  N   . ASP B 1 50  ? 6.518   8.673   1.587   1.00 24.41 ? 47  ASP B N   1 
ATOM   1163 C  CA  . ASP B 1 50  ? 6.696   7.574   0.642   1.00 25.37 ? 47  ASP B CA  1 
ATOM   1164 C  C   . ASP B 1 50  ? 6.657   6.262   1.428   1.00 26.38 ? 47  ASP B C   1 
ATOM   1165 O  O   . ASP B 1 50  ? 7.575   5.956   2.260   1.00 27.08 ? 47  ASP B O   1 
ATOM   1166 C  CB  . ASP B 1 50  ? 8.002   7.707   -0.102  1.00 25.42 ? 47  ASP B CB  1 
ATOM   1167 C  CG  . ASP B 1 50  ? 7.890   8.614   -1.311  1.00 28.66 ? 47  ASP B CG  1 
ATOM   1168 O  OD1 . ASP B 1 50  ? 6.749   8.799   -1.824  1.00 32.07 ? 47  ASP B OD1 1 
ATOM   1169 O  OD2 . ASP B 1 50  ? 8.941   9.096   -1.785  1.00 32.89 ? 47  ASP B OD2 1 
ATOM   1170 N  N   . VAL B 1 51  ? 5.588   5.509   1.186   1.00 24.76 ? 48  VAL B N   1 
ATOM   1171 C  CA  . VAL B 1 51  ? 5.384   4.237   1.877   1.00 25.03 ? 48  VAL B CA  1 
ATOM   1172 C  C   . VAL B 1 51  ? 6.071   3.141   1.112   1.00 26.31 ? 48  VAL B C   1 
ATOM   1173 O  O   . VAL B 1 51  ? 5.603   2.725   0.038   1.00 26.73 ? 48  VAL B O   1 
ATOM   1174 C  CB  . VAL B 1 51  ? 3.878   3.915   2.054   1.00 25.17 ? 48  VAL B CB  1 
ATOM   1175 C  CG1 . VAL B 1 51  ? 3.717   2.555   2.814   1.00 25.34 ? 48  VAL B CG1 1 
ATOM   1176 C  CG2 . VAL B 1 51  ? 3.189   5.054   2.823   1.00 24.44 ? 48  VAL B CG2 1 
ATOM   1177 N  N   . SER B 1 52  ? 7.189   2.661   1.642   1.00 24.80 ? 49  SER B N   1 
ATOM   1178 C  CA  . SER B 1 52  ? 7.954   1.648   0.925   1.00 25.88 ? 49  SER B CA  1 
ATOM   1179 C  C   . SER B 1 52  ? 7.585   0.293   1.530   1.00 26.52 ? 49  SER B C   1 
ATOM   1180 O  O   . SER B 1 52  ? 8.042   -0.062  2.617   1.00 24.34 ? 49  SER B O   1 
ATOM   1181 C  CB  . SER B 1 52  ? 9.457   1.947   0.995   1.00 28.61 ? 49  SER B CB  1 
ATOM   1182 O  OG  . SER B 1 52  ? 10.252  0.848   0.521   1.00 31.82 ? 49  SER B OG  1 
ATOM   1183 N  N   . ILE B 1 53  ? 6.746   -0.451  0.798   1.00 25.39 ? 50  ILE B N   1 
ATOM   1184 C  CA  . ILE B 1 53  ? 6.099   -1.628  1.355   1.00 27.39 ? 50  ILE B CA  1 
ATOM   1185 C  C   . ILE B 1 53  ? 7.077   -2.801  1.248   1.00 28.01 ? 50  ILE B C   1 
ATOM   1186 O  O   . ILE B 1 53  ? 7.596   -3.063  0.156   1.00 29.92 ? 50  ILE B O   1 
ATOM   1187 C  CB  . ILE B 1 53  ? 4.787   -1.940  0.618   1.00 26.88 ? 50  ILE B CB  1 
ATOM   1188 C  CG1 . ILE B 1 53  ? 3.747   -0.815  0.807   1.00 27.53 ? 50  ILE B CG1 1 
ATOM   1189 C  CG2 . ILE B 1 53  ? 4.222   -3.247  1.148   1.00 27.61 ? 50  ILE B CG2 1 
ATOM   1190 C  CD1 . ILE B 1 53  ? 2.468   -0.893  -0.140  1.00 29.51 ? 50  ILE B CD1 1 
ATOM   1191 N  N   . LEU B 1 54  ? 7.373   -3.457  2.368   1.00 26.94 ? 51  LEU B N   1 
ATOM   1192 C  CA  . LEU B 1 54  ? 8.255   -4.632  2.372   1.00 28.01 ? 51  LEU B CA  1 
ATOM   1193 C  C   . LEU B 1 54  ? 7.423   -5.904  2.261   1.00 28.35 ? 51  LEU B C   1 
ATOM   1194 O  O   . LEU B 1 54  ? 7.723   -6.796  1.446   1.00 29.93 ? 51  LEU B O   1 
ATOM   1195 C  CB  . LEU B 1 54  ? 9.114   -4.679  3.639   1.00 29.12 ? 51  LEU B CB  1 
ATOM   1196 C  CG  . LEU B 1 54  ? 10.049  -3.459  3.847   1.00 32.98 ? 51  LEU B CG  1 
ATOM   1197 C  CD1 . LEU B 1 54  ? 11.140  -3.819  4.851   1.00 37.49 ? 51  LEU B CD1 1 
ATOM   1198 C  CD2 . LEU B 1 54  ? 10.593  -2.919  2.536   1.00 37.70 ? 51  LEU B CD2 1 
ATOM   1199 N  N   . SER B 1 55  ? 6.366   -5.998  3.068   1.00 26.38 ? 52  SER B N   1 
ATOM   1200 C  CA  . SER B 1 55  ? 5.555   -7.186  3.027   1.00 25.08 ? 52  SER B CA  1 
ATOM   1201 C  C   . SER B 1 55  ? 4.143   -6.849  3.470   1.00 25.01 ? 52  SER B C   1 
ATOM   1202 O  O   . SER B 1 55  ? 3.891   -5.806  4.077   1.00 24.77 ? 52  SER B O   1 
ATOM   1203 C  CB  . SER B 1 55  ? 6.126   -8.247  3.980   1.00 26.06 ? 52  SER B CB  1 
ATOM   1204 O  OG  . SER B 1 55  ? 6.071   -7.803  5.334   1.00 28.03 ? 52  SER B OG  1 
ATOM   1205 N  N   A SER B 1 56  ? 3.211   -7.611  2.970   0.60 25.32 ? 53  SER B N   1 
ATOM   1206 N  N   B SER B 1 56  ? 3.269   -7.837  3.244   0.40 25.05 ? 53  SER B N   1 
ATOM   1207 C  CA  A SER B 1 56  ? 1.856   -7.400  3.405   0.60 26.26 ? 53  SER B CA  1 
ATOM   1208 C  CA  B SER B 1 56  ? 1.869   -7.852  3.720   0.40 24.89 ? 53  SER B CA  1 
ATOM   1209 C  C   A SER B 1 56  ? 1.168   -8.704  3.299   0.60 26.91 ? 53  SER B C   1 
ATOM   1210 C  C   B SER B 1 56  ? 1.182   -9.234  3.660   0.40 25.36 ? 53  SER B C   1 
ATOM   1211 O  O   A SER B 1 56  ? 1.438   -9.524  2.410   0.60 28.02 ? 53  SER B O   1 
ATOM   1212 O  O   B SER B 1 56  ? 1.697   -10.176 3.040   0.40 24.22 ? 53  SER B O   1 
ATOM   1213 C  CB  A SER B 1 56  ? 1.133   -6.369  2.564   0.60 26.75 ? 53  SER B CB  1 
ATOM   1214 C  CB  B SER B 1 56  ? 1.061   -6.859  2.913   0.40 25.50 ? 53  SER B CB  1 
ATOM   1215 O  OG  A SER B 1 56  ? -0.247  -6.328  3.018   0.60 28.03 ? 53  SER B OG  1 
ATOM   1216 O  OG  B SER B 1 56  ? 1.129   -7.148  1.530   0.40 26.91 ? 53  SER B OG  1 
ATOM   1217 N  N   A ASP B 1 57  ? 0.273   -8.908  4.258   0.50 25.95 ? 54  ASP B N   1 
ATOM   1218 N  N   B ASP B 1 57  ? 0.016   -9.339  4.311   0.50 24.48 ? 54  ASP B N   1 
ATOM   1219 C  CA  A ASP B 1 57  ? -0.576  -10.058 4.309   0.50 25.88 ? 54  ASP B CA  1 
ATOM   1220 C  CA  B ASP B 1 57  ? -0.824  -10.522 4.254   0.50 26.05 ? 54  ASP B CA  1 
ATOM   1221 C  C   A ASP B 1 57  ? -1.935  -9.532  4.752   0.50 24.89 ? 54  ASP B C   1 
ATOM   1222 C  C   B ASP B 1 57  ? -2.301  -10.127 4.331   0.50 25.28 ? 54  ASP B C   1 
ATOM   1223 O  O   A ASP B 1 57  ? -2.290  -9.561  5.910   0.50 25.18 ? 54  ASP B O   1 
ATOM   1224 O  O   B ASP B 1 57  ? -3.127  -10.883 4.851   0.50 26.97 ? 54  ASP B O   1 
ATOM   1225 C  CB  A ASP B 1 57  ? -0.035  -11.087 5.290   0.50 25.92 ? 54  ASP B CB  1 
ATOM   1226 C  CB  B ASP B 1 57  ? -0.442  -11.534 5.344   0.50 25.90 ? 54  ASP B CB  1 
ATOM   1227 C  CG  A ASP B 1 57  ? -0.698  -12.437 5.139   0.50 28.32 ? 54  ASP B CG  1 
ATOM   1228 C  CG  B ASP B 1 57  ? -0.660  -11.014 6.789   0.50 28.37 ? 54  ASP B CG  1 
ATOM   1229 O  OD1 A ASP B 1 57  ? -1.795  -12.524 4.546   0.50 27.32 ? 54  ASP B OD1 1 
ATOM   1230 O  OD1 B ASP B 1 57  ? -0.372  -11.795 7.724   0.50 31.70 ? 54  ASP B OD1 1 
ATOM   1231 O  OD2 A ASP B 1 57  ? -0.121  -13.434 5.638   0.50 31.66 ? 54  ASP B OD2 1 
ATOM   1232 O  OD2 B ASP B 1 57  ? -1.097  -9.865  7.016   0.50 29.24 ? 54  ASP B OD2 1 
ATOM   1233 N  N   . LEU B 1 58  ? -2.619  -8.963  3.784   1.00 25.62 ? 55  LEU B N   1 
ATOM   1234 C  CA  . LEU B 1 58  ? -4.008  -8.409  3.896   1.00 24.90 ? 55  LEU B CA  1 
ATOM   1235 C  C   . LEU B 1 58  ? -5.023  -9.215  3.122   1.00 26.33 ? 55  LEU B C   1 
ATOM   1236 O  O   . LEU B 1 58  ? -4.813  -9.675  1.981   1.00 24.31 ? 55  LEU B O   1 
ATOM   1237 C  CB  . LEU B 1 58  ? -4.000  -6.961  3.361   1.00 24.79 ? 55  LEU B CB  1 
ATOM   1238 C  CG  . LEU B 1 58  ? -3.295  -5.942  4.249   1.00 26.26 ? 55  LEU B CG  1 
ATOM   1239 C  CD1 . LEU B 1 58  ? -3.018  -4.607  3.495   1.00 30.90 ? 55  LEU B CD1 1 
ATOM   1240 C  CD2 . LEU B 1 58  ? -4.130  -5.680  5.490   1.00 29.15 ? 55  LEU B CD2 1 
ATOM   1241 N  N   . ASP B 1 59  ? -6.166  -9.441  3.760   1.00 27.18 ? 56  ASP B N   1 
ATOM   1242 C  CA  . ASP B 1 59  ? -7.179  -10.335 3.157   1.00 28.86 ? 56  ASP B CA  1 
ATOM   1243 C  C   . ASP B 1 59  ? -8.489  -9.549  3.285   1.00 28.02 ? 56  ASP B C   1 
ATOM   1244 O  O   . ASP B 1 59  ? -8.542  -8.573  4.047   1.00 25.79 ? 56  ASP B O   1 
ATOM   1245 C  CB  . ASP B 1 59  ? -7.202  -11.666 3.895   1.00 31.01 ? 56  ASP B CB  1 
ATOM   1246 C  CG  . ASP B 1 59  ? -7.827  -12.813 3.070   1.00 35.79 ? 56  ASP B CG  1 
ATOM   1247 O  OD1 . ASP B 1 59  ? -8.261  -12.582 1.915   1.00 41.78 ? 56  ASP B OD1 1 
ATOM   1248 O  OD2 . ASP B 1 59  ? -7.878  -13.949 3.611   1.00 39.11 ? 56  ASP B OD2 1 
ATOM   1249 N  N   . TYR B 1 60  ? -9.496  -9.899  2.489   1.00 26.47 ? 57  TYR B N   1 
ATOM   1250 C  CA  . TYR B 1 60  ? -10.778 -9.255  2.589   1.00 27.54 ? 57  TYR B CA  1 
ATOM   1251 C  C   . TYR B 1 60  ? -11.798 -10.373 2.556   1.00 26.72 ? 57  TYR B C   1 
ATOM   1252 O  O   . TYR B 1 60  ? -11.843 -11.154 1.611   1.00 27.95 ? 57  TYR B O   1 
ATOM   1253 C  CB  . TYR B 1 60  ? -11.015 -8.280  1.424   1.00 29.54 ? 57  TYR B CB  1 
ATOM   1254 C  CG  . TYR B 1 60  ? -12.292 -7.507  1.538   1.00 31.40 ? 57  TYR B CG  1 
ATOM   1255 C  CD1 . TYR B 1 60  ? -12.302 -6.190  2.003   1.00 34.75 ? 57  TYR B CD1 1 
ATOM   1256 C  CD2 . TYR B 1 60  ? -13.495 -8.093  1.197   1.00 33.80 ? 57  TYR B CD2 1 
ATOM   1257 C  CE1 . TYR B 1 60  ? -13.511 -5.489  2.128   1.00 36.15 ? 57  TYR B CE1 1 
ATOM   1258 C  CE2 . TYR B 1 60  ? -14.694 -7.402  1.310   1.00 35.25 ? 57  TYR B CE2 1 
ATOM   1259 C  CZ  . TYR B 1 60  ? -14.688 -6.105  1.759   1.00 35.83 ? 57  TYR B CZ  1 
ATOM   1260 O  OH  . TYR B 1 60  ? -15.907 -5.452  1.839   1.00 40.11 ? 57  TYR B OH  1 
ATOM   1261 N  N   . ALA B 1 61  ? -12.597 -10.479 3.593   1.00 26.41 ? 58  ALA B N   1 
ATOM   1262 C  CA  . ALA B 1 61  ? -13.593 -11.537 3.610   1.00 25.77 ? 58  ALA B CA  1 
ATOM   1263 C  C   . ALA B 1 61  ? -14.677 -11.075 4.508   1.00 27.08 ? 58  ALA B C   1 
ATOM   1264 O  O   . ALA B 1 61  ? -14.437 -10.438 5.548   1.00 26.43 ? 58  ALA B O   1 
ATOM   1265 C  CB  . ALA B 1 61  ? -13.021 -12.882 4.116   1.00 26.21 ? 58  ALA B CB  1 
ATOM   1266 N  N   . GLY B 1 62  ? -15.892 -11.394 4.117   1.00 26.36 ? 59  GLY B N   1 
ATOM   1267 C  CA  . GLY B 1 62  ? -17.010 -11.122 4.981   1.00 27.22 ? 59  GLY B CA  1 
ATOM   1268 C  C   . GLY B 1 62  ? -17.176 -9.647  5.276   1.00 26.85 ? 59  GLY B C   1 
ATOM   1269 O  O   . GLY B 1 62  ? -17.655 -9.299  6.361   1.00 27.64 ? 59  GLY B O   1 
ATOM   1270 N  N   . GLY B 1 63  ? -16.814 -8.785  4.316   1.00 27.13 ? 60  GLY B N   1 
ATOM   1271 C  CA  . GLY B 1 63  ? -17.013 -7.348  4.464   1.00 26.35 ? 60  GLY B CA  1 
ATOM   1272 C  C   . GLY B 1 63  ? -15.933 -6.637  5.254   1.00 26.64 ? 60  GLY B C   1 
ATOM   1273 O  O   . GLY B 1 63  ? -16.070 -5.454  5.587   1.00 27.45 ? 60  GLY B O   1 
ATOM   1274 N  N   . VAL B 1 64  ? -14.830 -7.333  5.547   1.00 26.41 ? 61  VAL B N   1 
ATOM   1275 C  CA  . VAL B 1 64  ? -13.775 -6.776  6.415   1.00 25.95 ? 61  VAL B CA  1 
ATOM   1276 C  C   . VAL B 1 64  ? -12.402 -7.001  5.798   1.00 26.69 ? 61  VAL B C   1 
ATOM   1277 O  O   . VAL B 1 64  ? -12.085 -8.117  5.415   1.00 26.23 ? 61  VAL B O   1 
ATOM   1278 C  CB  . VAL B 1 64  ? -13.828 -7.468  7.845   1.00 26.47 ? 61  VAL B CB  1 
ATOM   1279 C  CG1 . VAL B 1 64  ? -12.673 -7.042  8.741   1.00 25.83 ? 61  VAL B CG1 1 
ATOM   1280 C  CG2 . VAL B 1 64  ? -15.198 -7.198  8.524   1.00 25.64 ? 61  VAL B CG2 1 
ATOM   1281 N  N   . LYS B 1 65  ? -11.577 -5.947  5.748   1.00 26.41 ? 62  LYS B N   1 
ATOM   1282 C  CA  . LYS B 1 65  ? -10.172 -6.110  5.377   1.00 27.19 ? 62  LYS B CA  1 
ATOM   1283 C  C   . LYS B 1 65  ? -9.344  -6.261  6.651   1.00 26.65 ? 62  LYS B C   1 
ATOM   1284 O  O   . LYS B 1 65  ? -9.532  -5.494  7.591   1.00 27.11 ? 62  LYS B O   1 
ATOM   1285 C  CB  . LYS B 1 65  ? -9.623  -4.886  4.656   1.00 27.22 ? 62  LYS B CB  1 
ATOM   1286 C  CG  . LYS B 1 65  ? -8.092  -5.040  4.500   1.00 28.79 ? 62  LYS B CG  1 
ATOM   1287 C  CD  . LYS B 1 65  ? -7.456  -4.035  3.578   1.00 37.38 ? 62  LYS B CD  1 
ATOM   1288 C  CE  . LYS B 1 65  ? -7.657  -2.635  4.083   1.00 37.89 ? 62  LYS B CE  1 
ATOM   1289 N  NZ  . LYS B 1 65  ? -6.733  -1.696  3.366   1.00 35.38 ? 62  LYS B NZ  1 
ATOM   1290 N  N   . PHE B 1 66  ? -8.429  -7.221  6.673   1.00 26.33 ? 63  PHE B N   1 
ATOM   1291 C  CA  . PHE B 1 66  ? -7.699  -7.490  7.900   1.00 25.75 ? 63  PHE B CA  1 
ATOM   1292 C  C   . PHE B 1 66  ? -6.315  -7.999  7.561   1.00 25.88 ? 63  PHE B C   1 
ATOM   1293 O  O   . PHE B 1 66  ? -6.117  -8.674  6.507   1.00 26.44 ? 63  PHE B O   1 
ATOM   1294 C  CB  . PHE B 1 66  ? -8.479  -8.505  8.767   1.00 26.50 ? 63  PHE B CB  1 
ATOM   1295 C  CG  . PHE B 1 66  ? -8.790  -9.799  8.079   1.00 27.25 ? 63  PHE B CG  1 
ATOM   1296 C  CD1 . PHE B 1 66  ? -8.024  -10.941 8.326   1.00 29.11 ? 63  PHE B CD1 1 
ATOM   1297 C  CD2 . PHE B 1 66  ? -9.900  -9.898  7.204   1.00 28.50 ? 63  PHE B CD2 1 
ATOM   1298 C  CE1 . PHE B 1 66  ? -8.358  -12.196 7.693   1.00 33.26 ? 63  PHE B CE1 1 
ATOM   1299 C  CE2 . PHE B 1 66  ? -10.221 -11.099 6.569   1.00 29.18 ? 63  PHE B CE2 1 
ATOM   1300 C  CZ  . PHE B 1 66  ? -9.453  -12.264 6.819   1.00 29.62 ? 63  PHE B CZ  1 
ATOM   1301 N  N   . GLY B 1 67  ? -5.366  -7.788  8.468   1.00 24.79 ? 64  GLY B N   1 
ATOM   1302 C  CA  . GLY B 1 67  ? -4.035  -8.376  8.258   1.00 24.12 ? 64  GLY B CA  1 
ATOM   1303 C  C   . GLY B 1 67  ? -2.991  -7.344  8.591   1.00 24.73 ? 64  GLY B C   1 
ATOM   1304 O  O   . GLY B 1 67  ? -3.261  -6.355  9.351   1.00 24.86 ? 64  GLY B O   1 
HETATM 1305 N  N   . MSE B 1 68  ? -1.775  -7.578  8.084   1.00 25.51 ? 65  MSE B N   1 
HETATM 1306 C  CA  . MSE B 1 68  ? -0.643  -6.762  8.497   1.00 29.24 ? 65  MSE B CA  1 
HETATM 1307 C  C   . MSE B 1 68  ? 0.140   -6.288  7.282   1.00 26.26 ? 65  MSE B C   1 
HETATM 1308 O  O   . MSE B 1 68  ? 0.036   -6.846  6.182   1.00 25.62 ? 65  MSE B O   1 
HETATM 1309 C  CB  . MSE B 1 68  ? 0.269   -7.571  9.451   1.00 29.35 ? 65  MSE B CB  1 
HETATM 1310 C  CG  . MSE B 1 68  ? -0.427  -7.979  10.777  1.00 35.58 ? 65  MSE B CG  1 
HETATM 1311 SE SE  . MSE B 1 68  ? 0.876   -8.782  11.949  0.35 40.47 ? 65  MSE B SE  1 
HETATM 1312 C  CE  . MSE B 1 68  ? -0.309  -10.134 12.729  1.00 40.17 ? 65  MSE B CE  1 
HETATM 1313 N  N   . MSE B 1 69  ? 0.827   -5.170  7.446   1.00 26.07 ? 66  MSE B N   1 
HETATM 1314 C  CA  . MSE B 1 69  ? 1.706   -4.640  6.376   1.00 26.03 ? 66  MSE B CA  1 
HETATM 1315 C  C   . MSE B 1 69  ? 2.952   -4.139  7.070   1.00 25.28 ? 66  MSE B C   1 
HETATM 1316 O  O   . MSE B 1 69  ? 2.808   -3.418  8.054   1.00 26.32 ? 66  MSE B O   1 
HETATM 1317 C  CB  . MSE B 1 69  ? 0.992   -3.493  5.626   1.00 26.41 ? 66  MSE B CB  1 
HETATM 1318 C  CG  . MSE B 1 69  ? 1.895   -2.807  4.654   1.00 26.71 ? 66  MSE B CG  1 
HETATM 1319 SE SE  . MSE B 1 69  ? 0.840   -1.650  3.410   0.70 39.38 ? 66  MSE B SE  1 
HETATM 1320 C  CE  . MSE B 1 69  ? 0.224   -2.923  2.270   1.00 32.21 ? 66  MSE B CE  1 
ATOM   1321 N  N   . VAL B 1 70  ? 4.149   -4.459  6.549   1.00 23.84 ? 67  VAL B N   1 
ATOM   1322 C  CA  . VAL B 1 70  ? 5.396   -3.866  7.043   1.00 22.96 ? 67  VAL B CA  1 
ATOM   1323 C  C   . VAL B 1 70  ? 5.963   -2.914  5.986   1.00 22.91 ? 67  VAL B C   1 
ATOM   1324 O  O   . VAL B 1 70  ? 5.995   -3.270  4.806   1.00 22.79 ? 67  VAL B O   1 
ATOM   1325 C  CB  . VAL B 1 70  ? 6.455   -4.950  7.304   1.00 23.41 ? 67  VAL B CB  1 
ATOM   1326 C  CG1 . VAL B 1 70  ? 7.825   -4.331  7.695   1.00 25.72 ? 67  VAL B CG1 1 
ATOM   1327 C  CG2 . VAL B 1 70  ? 5.902   -5.903  8.363   1.00 26.71 ? 67  VAL B CG2 1 
ATOM   1328 N  N   . ALA B 1 71  ? 6.310   -1.702  6.400   1.00 22.87 ? 68  ALA B N   1 
ATOM   1329 C  CA  . ALA B 1 71  ? 6.744   -0.659  5.463   1.00 23.11 ? 68  ALA B CA  1 
ATOM   1330 C  C   . ALA B 1 71  ? 7.753   0.265   6.097   1.00 24.82 ? 68  ALA B C   1 
ATOM   1331 O  O   . ALA B 1 71  ? 7.682   0.535   7.302   1.00 24.83 ? 68  ALA B O   1 
ATOM   1332 C  CB  . ALA B 1 71  ? 5.539   0.172   4.945   1.00 23.36 ? 68  ALA B CB  1 
ATOM   1333 N  N   . GLU B 1 72  ? 8.666   0.777   5.268   1.00 24.89 ? 69  GLU B N   1 
ATOM   1334 C  CA  . GLU B 1 72  ? 9.600   1.849   5.660   1.00 27.78 ? 69  GLU B CA  1 
ATOM   1335 C  C   . GLU B 1 72  ? 8.919   3.171   5.229   1.00 28.06 ? 69  GLU B C   1 
ATOM   1336 O  O   . GLU B 1 72  ? 8.343   3.279   4.120   1.00 28.78 ? 69  GLU B O   1 
ATOM   1337 C  CB  . GLU B 1 72  ? 10.989  1.601   4.999   1.00 27.46 ? 69  GLU B CB  1 
ATOM   1338 C  CG  . GLU B 1 72  ? 12.075  2.427   5.591   1.00 31.70 ? 69  GLU B CG  1 
ATOM   1339 C  CD  . GLU B 1 72  ? 13.493  2.184   5.021   1.00 32.20 ? 69  GLU B CD  1 
ATOM   1340 O  OE1 . GLU B 1 72  ? 13.665  1.220   4.204   1.00 35.85 ? 69  GLU B OE1 1 
ATOM   1341 O  OE2 . GLU B 1 72  ? 14.405  2.958   5.441   1.00 34.55 ? 69  GLU B OE2 1 
ATOM   1342 N  N   . LEU B 1 73  ? 8.883   4.153   6.126   1.00 27.03 ? 70  LEU B N   1 
ATOM   1343 C  CA  . LEU B 1 73  ? 8.165   5.417   5.857   1.00 27.30 ? 70  LEU B CA  1 
ATOM   1344 C  C   . LEU B 1 73  ? 9.219   6.461   5.619   1.00 28.13 ? 70  LEU B C   1 
ATOM   1345 O  O   . LEU B 1 73  ? 9.938   6.858   6.550   1.00 27.68 ? 70  LEU B O   1 
ATOM   1346 C  CB  . LEU B 1 73  ? 7.264   5.821   7.024   1.00 27.24 ? 70  LEU B CB  1 
ATOM   1347 C  CG  . LEU B 1 73  ? 6.170   4.802   7.428   1.00 29.18 ? 70  LEU B CG  1 
ATOM   1348 C  CD1 . LEU B 1 73  ? 5.284   5.387   8.530   1.00 33.90 ? 70  LEU B CD1 1 
ATOM   1349 C  CD2 . LEU B 1 73  ? 5.323   4.365   6.268   1.00 27.73 ? 70  LEU B CD2 1 
ATOM   1350 N  N   . PHE B 1 74  ? 9.309   6.921   4.374   1.00 28.79 ? 71  PHE B N   1 
ATOM   1351 C  CA  . PHE B 1 74  ? 10.304  7.943   4.000   1.00 30.70 ? 71  PHE B CA  1 
ATOM   1352 C  C   . PHE B 1 74  ? 9.670   9.351   4.031   1.00 31.76 ? 71  PHE B C   1 
ATOM   1353 O  O   . PHE B 1 74  ? 8.735   9.626   3.290   1.00 32.26 ? 71  PHE B O   1 
ATOM   1354 C  CB  . PHE B 1 74  ? 10.854  7.653   2.602   1.00 32.87 ? 71  PHE B CB  1 
ATOM   1355 C  CG  . PHE B 1 74  ? 11.810  6.467   2.529   1.00 35.99 ? 71  PHE B CG  1 
ATOM   1356 C  CD1 . PHE B 1 74  ? 13.195  6.654   2.702   1.00 40.88 ? 71  PHE B CD1 1 
ATOM   1357 C  CD2 . PHE B 1 74  ? 11.344  5.191   2.237   1.00 37.89 ? 71  PHE B CD2 1 
ATOM   1358 C  CE1 . PHE B 1 74  ? 14.089  5.568   2.614   1.00 40.82 ? 71  PHE B CE1 1 
ATOM   1359 C  CE2 . PHE B 1 74  ? 12.207  4.109   2.155   1.00 38.25 ? 71  PHE B CE2 1 
ATOM   1360 C  CZ  . PHE B 1 74  ? 13.582  4.280   2.352   1.00 38.19 ? 71  PHE B CZ  1 
ATOM   1361 N  N   . GLY B 1 75  ? 10.183  10.251  4.860   1.00 33.13 ? 72  GLY B N   1 
ATOM   1362 C  CA  . GLY B 1 75  ? 9.766   11.661  4.791   1.00 33.65 ? 72  GLY B CA  1 
ATOM   1363 C  C   . GLY B 1 75  ? 10.577  12.351  5.860   1.00 35.11 ? 72  GLY B C   1 
ATOM   1364 O  O   . GLY B 1 75  ? 11.611  11.831  6.281   1.00 36.94 ? 72  GLY B O   1 
ATOM   1365 N  N   A ASN B 1 76  ? 10.120  13.524  6.288   0.50 35.10 ? 73  ASN B N   1 
ATOM   1366 N  N   B ASN B 1 76  ? 10.134  13.516  6.303   0.50 34.51 ? 73  ASN B N   1 
ATOM   1367 C  CA  A ASN B 1 76  ? 10.710  14.193  7.448   0.50 35.11 ? 73  ASN B CA  1 
ATOM   1368 C  CA  B ASN B 1 76  ? 10.800  14.137  7.442   0.50 34.00 ? 73  ASN B CA  1 
ATOM   1369 C  C   A ASN B 1 76  ? 10.293  13.498  8.748   0.50 34.39 ? 73  ASN B C   1 
ATOM   1370 C  C   B ASN B 1 76  ? 10.210  13.670  8.771   0.50 33.75 ? 73  ASN B C   1 
ATOM   1371 O  O   A ASN B 1 76  ? 9.349   12.690  8.771   0.50 33.82 ? 73  ASN B O   1 
ATOM   1372 O  O   B ASN B 1 76  ? 9.068   13.193  8.834   0.50 33.26 ? 73  ASN B O   1 
ATOM   1373 C  CB  A ASN B 1 76  ? 10.279  15.658  7.509   0.50 35.36 ? 73  ASN B CB  1 
ATOM   1374 C  CB  B ASN B 1 76  ? 10.813  15.656  7.322   0.50 33.50 ? 73  ASN B CB  1 
ATOM   1375 C  CG  A ASN B 1 76  ? 10.735  16.471  6.303   0.50 37.64 ? 73  ASN B CG  1 
ATOM   1376 C  CG  B ASN B 1 76  ? 9.440   16.281  7.500   0.50 33.17 ? 73  ASN B CG  1 
ATOM   1377 O  OD1 A ASN B 1 76  ? 11.895  16.400  5.872   0.50 38.81 ? 73  ASN B OD1 1 
ATOM   1378 O  OD1 B ASN B 1 76  ? 8.774   16.079  8.509   0.50 32.47 ? 73  ASN B OD1 1 
ATOM   1379 N  ND2 A ASN B 1 76  ? 9.825   17.281  5.771   0.50 39.76 ? 73  ASN B ND2 1 
ATOM   1380 N  ND2 B ASN B 1 76  ? 9.035   17.080  6.534   0.50 31.37 ? 73  ASN B ND2 1 
ATOM   1381 N  N   . GLU B 1 77  ? 10.993  13.819  9.835   1.00 33.36 ? 74  GLU B N   1 
ATOM   1382 C  CA  . GLU B 1 77  ? 10.599  13.370  11.139  1.00 33.37 ? 74  GLU B CA  1 
ATOM   1383 C  C   . GLU B 1 77  ? 9.263   13.951  11.579  1.00 31.84 ? 74  GLU B C   1 
ATOM   1384 O  O   . GLU B 1 77  ? 8.445   13.253  12.177  1.00 31.20 ? 74  GLU B O   1 
ATOM   1385 C  CB  . GLU B 1 77  ? 11.670  13.701  12.179  1.00 32.97 ? 74  GLU B CB  1 
ATOM   1386 C  CG  . GLU B 1 77  ? 11.250  13.364  13.597  1.00 35.90 ? 74  GLU B CG  1 
ATOM   1387 C  CD  . GLU B 1 77  ? 12.347  13.610  14.624  1.00 36.72 ? 74  GLU B CD  1 
ATOM   1388 O  OE1 . GLU B 1 77  ? 13.398  14.196  14.271  1.00 39.28 ? 74  GLU B OE1 1 
ATOM   1389 O  OE2 . GLU B 1 77  ? 12.133  13.209  15.784  1.00 40.06 ? 74  GLU B OE2 1 
ATOM   1390 N  N   . GLN B 1 78  ? 9.058   15.242  11.344  1.00 30.58 ? 75  GLN B N   1 
ATOM   1391 C  CA  . GLN B 1 78  ? 7.792   15.820  11.689  1.00 30.87 ? 75  GLN B CA  1 
ATOM   1392 C  C   . GLN B 1 78  ? 6.661   15.110  10.894  1.00 29.66 ? 75  GLN B C   1 
ATOM   1393 O  O   . GLN B 1 78  ? 5.576   14.858  11.437  1.00 29.12 ? 75  GLN B O   1 
ATOM   1394 C  CB  . GLN B 1 78  ? 7.789   17.299  11.373  1.00 32.21 ? 75  GLN B CB  1 
ATOM   1395 C  CG  . GLN B 1 78  ? 6.613   18.053  11.958  1.00 38.81 ? 75  GLN B CG  1 
ATOM   1396 C  CD  . GLN B 1 78  ? 6.716   19.549  11.682  1.00 43.31 ? 75  GLN B CD  1 
ATOM   1397 O  OE1 . GLN B 1 78  ? 6.608   19.997  10.529  1.00 47.99 ? 75  GLN B OE1 1 
ATOM   1398 N  NE2 . GLN B 1 78  ? 6.944   20.327  12.740  1.00 45.61 ? 75  GLN B NE2 1 
ATOM   1399 N  N   . ASP B 1 79  ? 6.904   14.836  9.617   1.00 28.29 ? 76  ASP B N   1 
ATOM   1400 C  CA  . ASP B 1 79  ? 5.818   14.307  8.770   1.00 26.63 ? 76  ASP B CA  1 
ATOM   1401 C  C   . ASP B 1 79  ? 5.523   12.853  9.112   1.00 26.40 ? 76  ASP B C   1 
ATOM   1402 O  O   . ASP B 1 79  ? 4.351   12.444  9.150   1.00 25.21 ? 76  ASP B O   1 
ATOM   1403 C  CB  . ASP B 1 79  ? 6.147   14.442  7.312   1.00 27.04 ? 76  ASP B CB  1 
ATOM   1404 C  CG  . ASP B 1 79  ? 6.101   15.912  6.826   1.00 28.79 ? 76  ASP B CG  1 
ATOM   1405 O  OD1 . ASP B 1 79  ? 5.593   16.801  7.561   1.00 33.36 ? 76  ASP B OD1 1 
ATOM   1406 O  OD2 . ASP B 1 79  ? 6.587   16.163  5.704   1.00 35.34 ? 76  ASP B OD2 1 
ATOM   1407 N  N   . ASP B 1 80  ? 6.570   12.067  9.304   1.00 26.14 ? 77  ASP B N   1 
ATOM   1408 C  CA  . ASP B 1 80  ? 6.308   10.658  9.632   1.00 27.14 ? 77  ASP B CA  1 
ATOM   1409 C  C   . ASP B 1 80  ? 5.673   10.498  11.007  1.00 26.55 ? 77  ASP B C   1 
ATOM   1410 O  O   . ASP B 1 80  ? 4.821   9.638   11.162  1.00 25.52 ? 77  ASP B O   1 
ATOM   1411 C  CB  . ASP B 1 80  ? 7.495   9.716   9.392   1.00 27.88 ? 77  ASP B CB  1 
ATOM   1412 C  CG  . ASP B 1 80  ? 8.656   9.942   10.344  1.00 30.38 ? 77  ASP B CG  1 
ATOM   1413 O  OD1 . ASP B 1 80  ? 8.478   9.938   11.575  1.00 35.84 ? 77  ASP B OD1 1 
ATOM   1414 O  OD2 . ASP B 1 80  ? 9.784   10.019  9.811   1.00 32.91 ? 77  ASP B OD2 1 
ATOM   1415 N  N   . SER B 1 81  ? 6.054   11.327  12.003  1.00 25.51 ? 78  SER B N   1 
ATOM   1416 C  CA  . SER B 1 81  ? 5.382   11.252  13.298  1.00 26.22 ? 78  SER B CA  1 
ATOM   1417 C  C   . SER B 1 81  ? 3.897   11.610  13.173  1.00 25.44 ? 78  SER B C   1 
ATOM   1418 O  O   . SER B 1 81  ? 3.042   10.933  13.747  1.00 25.78 ? 78  SER B O   1 
ATOM   1419 C  CB  . SER B 1 81  ? 6.078   12.120  14.359  1.00 27.75 ? 78  SER B CB  1 
ATOM   1420 O  OG  . SER B 1 81  ? 7.472   11.788  14.462  1.00 30.81 ? 78  SER B OG  1 
ATOM   1421 N  N   . ALA B 1 82  ? 3.586   12.624  12.365  1.00 24.79 ? 79  ALA B N   1 
ATOM   1422 C  CA  . ALA B 1 82  ? 2.203   13.054  12.128  1.00 24.93 ? 79  ALA B CA  1 
ATOM   1423 C  C   . ALA B 1 82  ? 1.384   11.972  11.417  1.00 25.46 ? 79  ALA B C   1 
ATOM   1424 O  O   . ALA B 1 82  ? 0.206   11.772  11.705  1.00 26.34 ? 79  ALA B O   1 
ATOM   1425 C  CB  . ALA B 1 82  ? 2.191   14.355  11.279  1.00 25.88 ? 79  ALA B CB  1 
ATOM   1426 N  N   . ALA B 1 83  ? 2.040   11.288  10.493  1.00 23.54 ? 80  ALA B N   1 
ATOM   1427 C  CA  . ALA B 1 83  ? 1.371   10.279  9.674   1.00 23.26 ? 80  ALA B CA  1 
ATOM   1428 C  C   . ALA B 1 83  ? 1.079   9.073   10.563  1.00 23.15 ? 80  ALA B C   1 
ATOM   1429 O  O   . ALA B 1 83  ? -0.015  8.472   10.483  1.00 23.67 ? 80  ALA B O   1 
ATOM   1430 C  CB  . ALA B 1 83  ? 2.256   9.903   8.501   1.00 22.70 ? 80  ALA B CB  1 
ATOM   1431 N  N   . ILE B 1 84  ? 2.043   8.722   11.412  1.00 23.90 ? 81  ILE B N   1 
ATOM   1432 C  CA  . ILE B 1 84  ? 1.832   7.591   12.360  1.00 23.55 ? 81  ILE B CA  1 
ATOM   1433 C  C   . ILE B 1 84  ? 0.662   7.909   13.276  1.00 25.09 ? 81  ILE B C   1 
ATOM   1434 O  O   . ILE B 1 84  ? -0.207  7.054   13.507  1.00 24.85 ? 81  ILE B O   1 
ATOM   1435 C  CB  . ILE B 1 84  ? 3.137   7.201   13.139  1.00 23.77 ? 81  ILE B CB  1 
ATOM   1436 C  CG1 . ILE B 1 84  ? 4.135   6.548   12.154  1.00 23.66 ? 81  ILE B CG1 1 
ATOM   1437 C  CG2 . ILE B 1 84  ? 2.833   6.221   14.305  1.00 23.92 ? 81  ILE B CG2 1 
ATOM   1438 C  CD1 . ILE B 1 84  ? 5.609   6.497   12.624  1.00 25.80 ? 81  ILE B CD1 1 
ATOM   1439 N  N   A GLU B 1 85  ? 0.602   9.143   13.786  0.60 25.19 ? 82  GLU B N   1 
ATOM   1440 N  N   B GLU B 1 85  ? 0.616   9.137   13.800  0.40 25.17 ? 82  GLU B N   1 
ATOM   1441 C  CA  A GLU B 1 85  ? -0.508  9.501   14.665  0.60 25.60 ? 82  GLU B CA  1 
ATOM   1442 C  CA  B GLU B 1 85  ? -0.503  9.502   14.658  0.40 25.65 ? 82  GLU B CA  1 
ATOM   1443 C  C   A GLU B 1 85  ? -1.826  9.513   13.919  0.60 25.11 ? 82  GLU B C   1 
ATOM   1444 C  C   B GLU B 1 85  ? -1.806  9.430   13.888  0.40 25.18 ? 82  GLU B C   1 
ATOM   1445 O  O   A GLU B 1 85  ? -2.849  9.112   14.475  0.60 26.48 ? 82  GLU B O   1 
ATOM   1446 O  O   B GLU B 1 85  ? -2.791  8.886   14.394  0.40 26.06 ? 82  GLU B O   1 
ATOM   1447 C  CB  A GLU B 1 85  ? -0.232  10.820  15.399  0.60 26.23 ? 82  GLU B CB  1 
ATOM   1448 C  CB  B GLU B 1 85  ? -0.310  10.877  15.312  0.40 26.10 ? 82  GLU B CB  1 
ATOM   1449 C  CG  A GLU B 1 85  ? 0.842   10.685  16.493  0.60 27.71 ? 82  GLU B CG  1 
ATOM   1450 C  CG  B GLU B 1 85  ? -1.372  11.200  16.381  0.40 28.04 ? 82  GLU B CG  1 
ATOM   1451 C  CD  A GLU B 1 85  ? 0.636   9.492   17.451  0.60 31.20 ? 82  GLU B CD  1 
ATOM   1452 C  CD  B GLU B 1 85  ? -1.489  10.169  17.525  0.40 30.88 ? 82  GLU B CD  1 
ATOM   1453 O  OE1 A GLU B 1 85  ? -0.365  9.492   18.210  0.60 33.49 ? 82  GLU B OE1 1 
ATOM   1454 O  OE1 B GLU B 1 85  ? -1.275  8.948   17.323  0.40 34.79 ? 82  GLU B OE1 1 
ATOM   1455 O  OE2 A GLU B 1 85  ? 1.493   8.568   17.467  0.60 29.77 ? 82  GLU B OE2 1 
ATOM   1456 O  OE2 B GLU B 1 85  ? -1.822  10.582  18.653  0.40 33.06 ? 82  GLU B OE2 1 
ATOM   1457 N  N   . TYR B 1 86  ? -1.802  9.953   12.659  1.00 25.57 ? 83  TYR B N   1 
ATOM   1458 C  CA  . TYR B 1 86  ? -2.978  9.884   11.791  1.00 24.78 ? 83  TYR B CA  1 
ATOM   1459 C  C   . TYR B 1 86  ? -3.486  8.442   11.609  1.00 24.45 ? 83  TYR B C   1 
ATOM   1460 O  O   . TYR B 1 86  ? -4.689  8.163   11.745  1.00 23.78 ? 83  TYR B O   1 
ATOM   1461 C  CB  . TYR B 1 86  ? -2.694  10.544  10.428  1.00 26.04 ? 83  TYR B CB  1 
ATOM   1462 C  CG  . TYR B 1 86  ? -3.870  10.528  9.452   1.00 24.37 ? 83  TYR B CG  1 
ATOM   1463 C  CD1 . TYR B 1 86  ? -4.875  11.507  9.503   1.00 25.68 ? 83  TYR B CD1 1 
ATOM   1464 C  CD2 . TYR B 1 86  ? -3.958  9.539   8.451   1.00 23.23 ? 83  TYR B CD2 1 
ATOM   1465 C  CE1 . TYR B 1 86  ? -5.933  11.485  8.587   1.00 26.74 ? 83  TYR B CE1 1 
ATOM   1466 C  CE2 . TYR B 1 86  ? -5.008  9.503   7.528   1.00 24.66 ? 83  TYR B CE2 1 
ATOM   1467 C  CZ  . TYR B 1 86  ? -5.982  10.495  7.587   1.00 27.18 ? 83  TYR B CZ  1 
ATOM   1468 O  OH  . TYR B 1 86  ? -7.037  10.488  6.675   1.00 29.47 ? 83  TYR B OH  1 
ATOM   1469 N  N   . LEU B 1 87  ? -2.576  7.520   11.275  1.00 24.47 ? 84  LEU B N   1 
ATOM   1470 C  CA  . LEU B 1 87  ? -2.938  6.096   11.225  1.00 23.83 ? 84  LEU B CA  1 
ATOM   1471 C  C   . LEU B 1 87  ? -3.551  5.567   12.511  1.00 23.62 ? 84  LEU B C   1 
ATOM   1472 O  O   . LEU B 1 87  ? -4.616  4.889   12.479  1.00 24.25 ? 84  LEU B O   1 
ATOM   1473 C  CB  . LEU B 1 87  ? -1.724  5.267   10.850  1.00 23.26 ? 84  LEU B CB  1 
ATOM   1474 C  CG  . LEU B 1 87  ? -1.226  5.533   9.437   1.00 25.60 ? 84  LEU B CG  1 
ATOM   1475 C  CD1 . LEU B 1 87  ? -0.002  4.686   9.252   1.00 25.82 ? 84  LEU B CD1 1 
ATOM   1476 C  CD2 . LEU B 1 87  ? -2.301  5.268   8.307   1.00 22.82 ? 84  LEU B CD2 1 
ATOM   1477 N  N   . ARG B 1 88  ? -2.923  5.871   13.653  1.00 25.26 ? 85  ARG B N   1 
ATOM   1478 C  CA  . ARG B 1 88  ? -3.455  5.435   14.949  1.00 24.83 ? 85  ARG B CA  1 
ATOM   1479 C  C   . ARG B 1 88  ? -4.874  5.988   15.202  1.00 26.47 ? 85  ARG B C   1 
ATOM   1480 O  O   . ARG B 1 88  ? -5.775  5.288   15.697  1.00 26.19 ? 85  ARG B O   1 
ATOM   1481 C  CB  . ARG B 1 88  ? -2.489  5.830   16.061  1.00 24.20 ? 85  ARG B CB  1 
ATOM   1482 C  CG  . ARG B 1 88  ? -1.260  4.911   16.010  1.00 24.81 ? 85  ARG B CG  1 
ATOM   1483 C  CD  . ARG B 1 88  ? -0.199  5.294   17.045  1.00 24.51 ? 85  ARG B CD  1 
ATOM   1484 N  NE  . ARG B 1 88  ? 0.892   4.331   17.136  1.00 28.57 ? 85  ARG B NE  1 
ATOM   1485 C  CZ  . ARG B 1 88  ? 2.123   4.654   17.509  1.00 26.51 ? 85  ARG B CZ  1 
ATOM   1486 N  NH1 . ARG B 1 88  ? 3.058   3.712   17.614  1.00 30.16 ? 85  ARG B NH1 1 
ATOM   1487 N  NH2 . ARG B 1 88  ? 2.408   5.933   17.845  1.00 25.63 ? 85  ARG B NH2 1 
ATOM   1488 N  N   . GLU B 1 89  ? -5.078  7.247   14.852  1.00 27.84 ? 86  GLU B N   1 
ATOM   1489 C  CA  . GLU B 1 89  ? -6.358  7.921   15.021  1.00 31.22 ? 86  GLU B CA  1 
ATOM   1490 C  C   . GLU B 1 89  ? -7.426  7.223   14.176  1.00 29.91 ? 86  GLU B C   1 
ATOM   1491 O  O   . GLU B 1 89  ? -8.622  7.247   14.523  1.00 30.50 ? 86  GLU B O   1 
ATOM   1492 C  CB  . GLU B 1 89  ? -6.175  9.387   14.589  1.00 31.38 ? 86  GLU B CB  1 
ATOM   1493 C  CG  . GLU B 1 89  ? -7.413  10.266  14.443  1.00 36.77 ? 86  GLU B CG  1 
ATOM   1494 C  CD  . GLU B 1 89  ? -7.090  11.647  13.802  1.00 38.39 ? 86  GLU B CD  1 
ATOM   1495 O  OE1 . GLU B 1 89  ? -7.905  12.127  12.965  1.00 47.52 ? 86  GLU B OE1 1 
ATOM   1496 O  OE2 . GLU B 1 89  ? -6.017  12.254  14.116  1.00 46.89 ? 86  GLU B OE2 1 
ATOM   1497 N  N   . ASN B 1 90  ? -6.999  6.619   13.070  1.00 28.14 ? 87  ASN B N   1 
ATOM   1498 C  CA  . ASN B 1 90  ? -7.887  5.849   12.182  1.00 26.48 ? 87  ASN B CA  1 
ATOM   1499 C  C   . ASN B 1 90  ? -7.933  4.334   12.512  1.00 25.57 ? 87  ASN B C   1 
ATOM   1500 O  O   . ASN B 1 90  ? -8.405  3.524   11.710  1.00 23.53 ? 87  ASN B O   1 
ATOM   1501 C  CB  . ASN B 1 90  ? -7.507  6.097   10.745  1.00 26.86 ? 87  ASN B CB  1 
ATOM   1502 C  CG  . ASN B 1 90  ? -7.957  7.467   10.276  1.00 28.22 ? 87  ASN B CG  1 
ATOM   1503 O  OD1 . ASN B 1 90  ? -7.230  8.475   10.392  1.00 31.95 ? 87  ASN B OD1 1 
ATOM   1504 N  ND2 . ASN B 1 90  ? -9.170  7.522   9.777   1.00 25.70 ? 87  ASN B ND2 1 
ATOM   1505 N  N   . ASN B 1 91  ? -7.433  4.004   13.701  1.00 24.92 ? 88  ASN B N   1 
ATOM   1506 C  CA  . ASN B 1 91  ? -7.513  2.651   14.254  1.00 24.47 ? 88  ASN B CA  1 
ATOM   1507 C  C   . ASN B 1 91  ? -6.727  1.609   13.495  1.00 24.93 ? 88  ASN B C   1 
ATOM   1508 O  O   . ASN B 1 91  ? -7.127  0.451   13.410  1.00 24.09 ? 88  ASN B O   1 
ATOM   1509 C  CB  . ASN B 1 91  ? -8.959  2.216   14.424  1.00 24.69 ? 88  ASN B CB  1 
ATOM   1510 C  CG  . ASN B 1 91  ? -9.734  3.161   15.301  1.00 29.43 ? 88  ASN B CG  1 
ATOM   1511 O  OD1 . ASN B 1 91  ? -9.183  3.776   16.206  1.00 30.42 ? 88  ASN B OD1 1 
ATOM   1512 N  ND2 . ASN B 1 91  ? -11.031 3.275   15.038  1.00 33.16 ? 88  ASN B ND2 1 
ATOM   1513 N  N   . VAL B 1 92  ? -5.604  2.048   12.937  1.00 23.19 ? 89  VAL B N   1 
ATOM   1514 C  CA  . VAL B 1 92  ? -4.548  1.140   12.506  1.00 23.30 ? 89  VAL B CA  1 
ATOM   1515 C  C   . VAL B 1 92  ? -3.654  0.986   13.752  1.00 24.08 ? 89  VAL B C   1 
ATOM   1516 O  O   . VAL B 1 92  ? -3.273  1.966   14.378  1.00 24.84 ? 89  VAL B O   1 
ATOM   1517 C  CB  . VAL B 1 92  ? -3.714  1.768   11.356  1.00 23.33 ? 89  VAL B CB  1 
ATOM   1518 C  CG1 . VAL B 1 92  ? -2.573  0.877   10.952  1.00 22.65 ? 89  VAL B CG1 1 
ATOM   1519 C  CG2 . VAL B 1 92  ? -4.550  2.034   10.140  1.00 22.31 ? 89  VAL B CG2 1 
ATOM   1520 N  N   A LYS B 1 93  ? -3.355  -0.248  14.122  0.50 23.26 ? 90  LYS B N   1 
ATOM   1521 N  N   B LYS B 1 93  ? -3.307  -0.239  14.096  0.50 23.31 ? 90  LYS B N   1 
ATOM   1522 C  CA  A LYS B 1 93  ? -2.316  -0.469  15.122  0.50 23.89 ? 90  LYS B CA  1 
ATOM   1523 C  CA  B LYS B 1 93  ? -2.319  -0.431  15.156  0.50 23.70 ? 90  LYS B CA  1 
ATOM   1524 C  C   A LYS B 1 93  ? -0.975  -0.236  14.423  0.50 23.73 ? 90  LYS B C   1 
ATOM   1525 C  C   B LYS B 1 93  ? -0.912  -0.383  14.561  0.50 23.49 ? 90  LYS B C   1 
ATOM   1526 O  O   A LYS B 1 93  ? -0.723  -0.801  13.373  0.50 24.56 ? 90  LYS B O   1 
ATOM   1527 O  O   B LYS B 1 93  ? -0.556  -1.237  13.748  0.50 22.73 ? 90  LYS B O   1 
ATOM   1528 C  CB  A LYS B 1 93  ? -2.360  -1.898  15.633  0.50 23.95 ? 90  LYS B CB  1 
ATOM   1529 C  CB  B LYS B 1 93  ? -2.541  -1.763  15.831  0.50 24.53 ? 90  LYS B CB  1 
ATOM   1530 C  CG  A LYS B 1 93  ? -1.638  -2.097  16.978  0.50 26.39 ? 90  LYS B CG  1 
ATOM   1531 C  CG  B LYS B 1 93  ? -3.920  -1.864  16.443  0.50 26.29 ? 90  LYS B CG  1 
ATOM   1532 C  CD  A LYS B 1 93  ? -2.287  -3.229  17.808  0.50 29.02 ? 90  LYS B CD  1 
ATOM   1533 C  CD  B LYS B 1 93  ? -3.950  -2.671  17.742  0.50 32.66 ? 90  LYS B CD  1 
ATOM   1534 C  CE  A LYS B 1 93  ? -3.483  -2.742  18.680  0.50 31.23 ? 90  LYS B CE  1 
ATOM   1535 C  CE  B LYS B 1 93  ? -3.300  -4.030  17.595  0.50 32.58 ? 90  LYS B CE  1 
ATOM   1536 N  NZ  A LYS B 1 93  ? -4.550  -3.810  18.936  0.50 29.45 ? 90  LYS B NZ  1 
ATOM   1537 N  NZ  B LYS B 1 93  ? -4.046  -5.076  18.380  0.50 32.61 ? 90  LYS B NZ  1 
ATOM   1538 N  N   . VAL B 1 94  ? -0.124  0.588   15.013  1.00 23.28 ? 91  VAL B N   1 
ATOM   1539 C  CA  . VAL B 1 94  ? 1.189   0.879   14.405  1.00 22.38 ? 91  VAL B CA  1 
ATOM   1540 C  C   . VAL B 1 94  ? 2.272   0.540   15.423  1.00 24.47 ? 91  VAL B C   1 
ATOM   1541 O  O   . VAL B 1 94  ? 2.280   1.100   16.506  1.00 25.63 ? 91  VAL B O   1 
ATOM   1542 C  CB  . VAL B 1 94  ? 1.326   2.323   13.921  1.00 23.41 ? 91  VAL B CB  1 
ATOM   1543 C  CG1 . VAL B 1 94  ? 2.676   2.507   13.304  1.00 22.79 ? 91  VAL B CG1 1 
ATOM   1544 C  CG2 . VAL B 1 94  ? 0.221   2.631   12.854  1.00 21.77 ? 91  VAL B CG2 1 
ATOM   1545 N  N   . GLU B 1 95  ? 3.152   -0.389  15.064  1.00 23.99 ? 92  GLU B N   1 
ATOM   1546 C  CA  . GLU B 1 95  ? 4.370   -0.614  15.873  1.00 23.71 ? 92  GLU B CA  1 
ATOM   1547 C  C   . GLU B 1 95  ? 5.545   -0.023  15.117  1.00 23.25 ? 92  GLU B C   1 
ATOM   1548 O  O   . GLU B 1 95  ? 5.829   -0.464  13.996  1.00 23.30 ? 92  GLU B O   1 
ATOM   1549 C  CB  . GLU B 1 95  ? 4.637   -2.105  16.087  1.00 25.26 ? 92  GLU B CB  1 
ATOM   1550 C  CG  . GLU B 1 95  ? 3.611   -2.856  16.891  1.00 32.16 ? 92  GLU B CG  1 
ATOM   1551 C  CD  . GLU B 1 95  ? 3.777   -4.355  16.592  1.00 41.68 ? 92  GLU B CD  1 
ATOM   1552 O  OE1 . GLU B 1 95  ? 4.688   -4.976  17.183  1.00 44.83 ? 92  GLU B OE1 1 
ATOM   1553 O  OE2 . GLU B 1 95  ? 3.044   -4.896  15.713  1.00 45.51 ? 92  GLU B OE2 1 
ATOM   1554 N  N   . VAL B 1 96  ? 6.228   0.952   15.742  1.00 22.21 ? 93  VAL B N   1 
ATOM   1555 C  CA  . VAL B 1 96  ? 7.450   1.469   15.149  1.00 22.86 ? 93  VAL B CA  1 
ATOM   1556 C  C   . VAL B 1 96  ? 8.513   0.464   15.551  1.00 23.12 ? 93  VAL B C   1 
ATOM   1557 O  O   . VAL B 1 96  ? 8.952   0.456   16.680  1.00 24.56 ? 93  VAL B O   1 
ATOM   1558 C  CB  . VAL B 1 96  ? 7.740   2.905   15.659  1.00 23.72 ? 93  VAL B CB  1 
ATOM   1559 C  CG1 . VAL B 1 96  ? 9.068   3.403   15.105  1.00 23.59 ? 93  VAL B CG1 1 
ATOM   1560 C  CG2 . VAL B 1 96  ? 6.614   3.831   15.184  1.00 26.88 ? 93  VAL B CG2 1 
ATOM   1561 N  N   . LEU B 1 97  ? 8.932   -0.388  14.617  1.00 22.73 ? 94  LEU B N   1 
ATOM   1562 C  CA  . LEU B 1 97  ? 9.879   -1.442  14.958  1.00 22.14 ? 94  LEU B CA  1 
ATOM   1563 C  C   . LEU B 1 97  ? 11.298  -0.930  15.222  1.00 23.33 ? 94  LEU B C   1 
ATOM   1564 O  O   . LEU B 1 97  ? 12.048  -1.493  16.020  1.00 23.19 ? 94  LEU B O   1 
ATOM   1565 C  CB  . LEU B 1 97  ? 9.955   -2.440  13.822  1.00 22.59 ? 94  LEU B CB  1 
ATOM   1566 C  CG  . LEU B 1 97  ? 8.628   -3.079  13.469  1.00 22.17 ? 94  LEU B CG  1 
ATOM   1567 C  CD1 . LEU B 1 97  ? 8.877   -3.984  12.245  1.00 25.86 ? 94  LEU B CD1 1 
ATOM   1568 C  CD2 . LEU B 1 97  ? 7.960   -3.801  14.642  1.00 24.91 ? 94  LEU B CD2 1 
ATOM   1569 N  N   . GLY B 1 98  ? 11.632  0.199   14.635  1.00 22.01 ? 95  GLY B N   1 
ATOM   1570 C  CA  . GLY B 1 98  ? 12.975  0.716   14.740  1.00 23.28 ? 95  GLY B CA  1 
ATOM   1571 C  C   . GLY B 1 98  ? 13.218  1.672   13.605  1.00 24.07 ? 95  GLY B C   1 
ATOM   1572 O  O   . GLY B 1 98  ? 12.281  2.048   12.885  1.00 24.24 ? 95  GLY B O   1 
ATOM   1573 N  N   . TYR B 1 99  ? 14.499  2.003   13.378  1.00 25.51 ? 96  TYR B N   1 
ATOM   1574 C  CA  . TYR B 1 99  ? 14.861  2.966   12.348  1.00 27.40 ? 96  TYR B CA  1 
ATOM   1575 C  C   . TYR B 1 99  ? 15.932  2.329   11.481  1.00 28.39 ? 96  TYR B C   1 
ATOM   1576 O  O   . TYR B 1 99  ? 16.899  1.755   12.000  1.00 27.79 ? 96  TYR B O   1 
ATOM   1577 C  CB  . TYR B 1 99  ? 15.339  4.304   12.999  1.00 27.33 ? 96  TYR B CB  1 
ATOM   1578 C  CG  . TYR B 1 99  ? 14.226  4.879   13.826  1.00 28.27 ? 96  TYR B CG  1 
ATOM   1579 C  CD1 . TYR B 1 99  ? 13.328  5.800   13.282  1.00 28.16 ? 96  TYR B CD1 1 
ATOM   1580 C  CD2 . TYR B 1 99  ? 14.059  4.480   15.157  1.00 30.05 ? 96  TYR B CD2 1 
ATOM   1581 C  CE1 . TYR B 1 99  ? 12.254  6.277   14.049  1.00 26.73 ? 96  TYR B CE1 1 
ATOM   1582 C  CE2 . TYR B 1 99  ? 12.996  4.931   15.906  1.00 29.37 ? 96  TYR B CE2 1 
ATOM   1583 C  CZ  . TYR B 1 99  ? 12.106  5.827   15.335  1.00 29.29 ? 96  TYR B CZ  1 
ATOM   1584 O  OH  . TYR B 1 99  ? 11.058  6.251   16.109  1.00 30.71 ? 96  TYR B OH  1 
ATOM   1585 N  N   . VAL B 1 100 ? 15.745  2.443   10.164  1.00 30.41 ? 97  VAL B N   1 
ATOM   1586 C  CA  . VAL B 1 100 ? 16.599  1.759   9.209   1.00 32.94 ? 97  VAL B CA  1 
ATOM   1587 C  C   . VAL B 1 100 ? 17.614  2.760   8.710   1.00 34.12 ? 97  VAL B C   1 
ATOM   1588 O  O   . VAL B 1 100 ? 17.260  3.800   8.153   1.00 34.70 ? 97  VAL B O   1 
ATOM   1589 C  CB  . VAL B 1 100 ? 15.808  1.159   8.011   1.00 32.63 ? 97  VAL B CB  1 
ATOM   1590 C  CG1 . VAL B 1 100 ? 16.744  0.404   7.053   1.00 33.37 ? 97  VAL B CG1 1 
ATOM   1591 C  CG2 . VAL B 1 100 ? 14.720  0.221   8.504   1.00 33.72 ? 97  VAL B CG2 1 
ATOM   1592 N  N   . LEU B 1 101 ? 18.877  2.442   8.943   1.00 37.21 ? 98  LEU B N   1 
ATOM   1593 C  CA  . LEU B 1 101 ? 19.983  3.282   8.514   1.00 39.05 ? 98  LEU B CA  1 
ATOM   1594 C  C   . LEU B 1 101 ? 20.640  2.622   7.316   1.00 40.50 ? 98  LEU B C   1 
ATOM   1595 O  O   . LEU B 1 101 ? 21.332  1.599   7.473   1.00 41.52 ? 98  LEU B O   1 
ATOM   1596 C  CB  . LEU B 1 101 ? 21.003  3.457   9.653   1.00 39.35 ? 98  LEU B CB  1 
ATOM   1597 C  CG  . LEU B 1 101 ? 22.207  4.371   9.390   1.00 39.80 ? 98  LEU B CG  1 
ATOM   1598 C  CD1 . LEU B 1 101 ? 21.768  5.749   8.840   1.00 40.81 ? 98  LEU B CD1 1 
ATOM   1599 C  CD2 . LEU B 1 101 ? 23.026  4.530   10.652  1.00 39.62 ? 98  LEU B CD2 1 
ATOM   1600 O  OXT . LEU B 1 101 ? 20.496  3.109   6.183   1.00 40.97 ? 98  LEU B OXT 1 
HETATM 1601 CL CL  . CL  C 2 .   ? -4.638  1.660   3.146   1.00 27.08 ? 99  CL  B CL  1 
HETATM 1602 O  O   . HOH D 3 .   ? 4.427   0.285   -3.977  1.00 17.78 ? 99  HOH A O   1 
HETATM 1603 O  O   . HOH D 3 .   ? -4.461  3.569   0.514   1.00 21.27 ? 100 HOH A O   1 
HETATM 1604 O  O   . HOH D 3 .   ? 15.801  -13.794 -4.161  1.00 27.70 ? 101 HOH A O   1 
HETATM 1605 O  O   . HOH D 3 .   ? 0.354   -5.020  -17.301 1.00 25.44 ? 102 HOH A O   1 
HETATM 1606 O  O   . HOH D 3 .   ? 13.140  -13.968 -3.557  1.00 32.09 ? 103 HOH A O   1 
HETATM 1607 O  O   . HOH D 3 .   ? 5.281   11.802  -6.165  1.00 27.04 ? 104 HOH A O   1 
HETATM 1608 O  O   . HOH D 3 .   ? -8.144  11.292  -9.795  1.00 39.22 ? 105 HOH A O   1 
HETATM 1609 O  O   . HOH D 3 .   ? -11.030 -2.421  -19.598 1.00 33.30 ? 106 HOH A O   1 
HETATM 1610 O  O   . HOH D 3 .   ? -20.049 -3.391  -18.527 1.00 33.90 ? 107 HOH A O   1 
HETATM 1611 O  O   . HOH D 3 .   ? -4.168  2.893   -18.904 1.00 39.50 ? 108 HOH A O   1 
HETATM 1612 O  O   . HOH D 3 .   ? 4.493   -13.184 -2.125  1.00 39.47 ? 109 HOH A O   1 
HETATM 1613 O  O   . HOH D 3 .   ? -10.343 -5.117  -18.536 1.00 31.72 ? 110 HOH A O   1 
HETATM 1614 O  O   . HOH D 3 .   ? -9.353  10.233  0.441   1.00 29.40 ? 111 HOH A O   1 
HETATM 1615 O  O   . HOH D 3 .   ? -7.140  0.798   1.444   1.00 28.97 ? 112 HOH A O   1 
HETATM 1616 O  O   . HOH D 3 .   ? -12.822 -6.207  -17.642 1.00 33.32 ? 113 HOH A O   1 
HETATM 1617 O  O   . HOH D 3 .   ? 12.887  -6.113  -5.793  1.00 40.83 ? 114 HOH A O   1 
HETATM 1618 O  O   . HOH D 3 .   ? -12.976 -0.459  -2.176  1.00 41.09 ? 115 HOH A O   1 
HETATM 1619 O  O   . HOH D 3 .   ? -3.670  -10.362 -3.504  1.00 38.77 ? 116 HOH A O   1 
HETATM 1620 O  O   . HOH D 3 .   ? -1.396  -8.724  -12.557 1.00 32.80 ? 117 HOH A O   1 
HETATM 1621 O  O   . HOH D 3 .   ? -2.124  -12.819 -12.190 1.00 44.40 ? 118 HOH A O   1 
HETATM 1622 O  O   . HOH D 3 .   ? -1.310  -7.276  -17.846 1.00 34.54 ? 119 HOH A O   1 
HETATM 1623 O  O   . HOH D 3 .   ? -9.307  10.367  -5.903  1.00 39.75 ? 120 HOH A O   1 
HETATM 1624 O  O   . HOH D 3 .   ? 9.052   9.289   -4.623  1.00 37.87 ? 121 HOH A O   1 
HETATM 1625 O  O   . HOH D 3 .   ? -17.253 1.257   -5.939  1.00 42.63 ? 122 HOH A O   1 
HETATM 1626 O  O   . HOH D 3 .   ? -11.374 11.739  -16.690 1.00 41.46 ? 123 HOH A O   1 
HETATM 1627 O  O   . HOH D 3 .   ? 8.876   -5.580  -6.386  1.00 36.19 ? 124 HOH A O   1 
HETATM 1628 O  O   . HOH D 3 .   ? -16.199 -0.363  -3.429  1.00 42.99 ? 125 HOH A O   1 
HETATM 1629 O  O   . HOH D 3 .   ? -18.936 2.557   -7.535  1.00 47.75 ? 126 HOH A O   1 
HETATM 1630 O  O   . HOH D 3 .   ? 4.482   -4.031  -16.858 1.00 34.35 ? 127 HOH A O   1 
HETATM 1631 O  O   . HOH D 3 .   ? -13.325 -2.100  -20.765 1.00 45.69 ? 128 HOH A O   1 
HETATM 1632 O  O   . HOH D 3 .   ? 1.125   -14.955 -11.843 1.00 37.32 ? 129 HOH A O   1 
HETATM 1633 O  O   . HOH D 3 .   ? -5.047  9.251   -19.136 1.00 38.47 ? 130 HOH A O   1 
HETATM 1634 O  O   . HOH D 3 .   ? -14.290 0.203   -20.166 1.00 46.35 ? 131 HOH A O   1 
HETATM 1635 O  O   . HOH D 3 .   ? 14.822  -0.550  -9.527  1.00 42.62 ? 132 HOH A O   1 
HETATM 1636 O  O   . HOH D 3 .   ? -6.595  16.116  -8.771  1.00 41.72 ? 133 HOH A O   1 
HETATM 1637 O  O   . HOH D 3 .   ? -8.864  1.346   -17.265 1.00 50.77 ? 134 HOH A O   1 
HETATM 1638 O  O   . HOH D 3 .   ? -19.769 4.534   -5.596  1.00 50.25 ? 135 HOH A O   1 
HETATM 1639 O  O   . HOH D 3 .   ? -3.411  7.056   -20.128 1.00 51.24 ? 136 HOH A O   1 
HETATM 1640 O  O   . HOH D 3 .   ? -3.761  -14.097 -5.897  1.00 54.18 ? 137 HOH A O   1 
HETATM 1641 O  O   . HOH D 3 .   ? 8.192   6.216   -14.492 1.00 42.74 ? 138 HOH A O   1 
HETATM 1642 O  O   . HOH D 3 .   ? -5.762  -1.322  -19.284 1.00 45.95 ? 139 HOH A O   1 
HETATM 1643 O  O   . HOH D 3 .   ? 1.514   10.238  -17.193 1.00 47.44 ? 140 HOH A O   1 
HETATM 1644 O  O   . HOH D 3 .   ? -4.495  -2.524  -22.224 1.00 46.09 ? 141 HOH A O   1 
HETATM 1645 O  O   . HOH D 3 .   ? 2.620   -4.715  -18.589 1.00 39.88 ? 142 HOH A O   1 
HETATM 1646 O  O   . HOH D 3 .   ? -18.429 -4.804  -1.491  1.00 51.27 ? 143 HOH A O   1 
HETATM 1647 O  O   . HOH D 3 .   ? 7.539   -7.203  -12.984 1.00 36.70 ? 144 HOH A O   1 
HETATM 1648 O  O   . HOH D 3 .   ? -16.695 6.897   -11.651 1.00 46.88 ? 145 HOH A O   1 
HETATM 1649 O  O   . HOH D 3 .   ? 9.255   5.384   -10.406 1.00 49.58 ? 146 HOH A O   1 
HETATM 1650 O  O   . HOH D 3 .   ? -4.023  -12.457 -2.099  1.00 44.99 ? 147 HOH A O   1 
HETATM 1651 O  O   . HOH D 3 .   ? -18.212 7.722   -13.754 1.00 47.65 ? 148 HOH A O   1 
HETATM 1652 O  O   . HOH D 3 .   ? -9.908  14.624  -16.393 1.00 49.34 ? 149 HOH A O   1 
HETATM 1653 O  O   . HOH D 3 .   ? -7.974  -11.919 -1.546  1.00 45.54 ? 150 HOH A O   1 
HETATM 1654 O  O   . HOH D 3 .   ? -7.956  9.016   -20.667 1.00 56.41 ? 151 HOH A O   1 
HETATM 1655 O  O   . HOH D 3 .   ? -14.129 9.817   -14.959 1.00 43.95 ? 152 HOH A O   1 
HETATM 1656 O  O   . HOH D 3 .   ? 3.622   12.033  -14.485 1.00 52.28 ? 153 HOH A O   1 
HETATM 1657 O  O   . HOH D 3 .   ? -11.476 10.824  -19.733 1.00 51.29 ? 154 HOH A O   1 
HETATM 1658 O  O   . HOH D 3 .   ? 12.648  -2.161  -17.570 1.00 48.13 ? 155 HOH A O   1 
HETATM 1659 O  O   . HOH D 3 .   ? 11.122  -3.818  -2.043  1.00 54.97 ? 156 HOH A O   1 
HETATM 1660 O  O   . HOH D 3 .   ? -2.810  15.089  -10.853 1.00 44.44 ? 157 HOH A O   1 
HETATM 1661 O  O   . HOH D 3 .   ? 5.245   -8.006  -12.480 1.00 37.56 ? 158 HOH A O   1 
HETATM 1662 O  O   . HOH D 3 .   ? -11.153 5.763   -10.785 1.00 46.90 ? 159 HOH A O   1 
HETATM 1663 O  O   . HOH D 3 .   ? -21.738 -4.330  -12.196 1.00 37.88 ? 160 HOH A O   1 
HETATM 1664 O  O   . HOH E 3 .   ? 5.626   1.843   18.298  1.00 25.93 ? 100 HOH B O   1 
HETATM 1665 O  O   . HOH E 3 .   ? -0.618  1.867   17.638  1.00 25.26 ? 101 HOH B O   1 
HETATM 1666 O  O   . HOH E 3 .   ? 4.219   2.923   -2.222  1.00 23.82 ? 102 HOH B O   1 
HETATM 1667 O  O   . HOH E 3 .   ? 6.654   0.094   -2.031  1.00 27.97 ? 103 HOH B O   1 
HETATM 1668 O  O   . HOH E 3 .   ? 10.147  2.150   18.697  1.00 33.76 ? 104 HOH B O   1 
HETATM 1669 O  O   . HOH E 3 .   ? -1.439  13.528  12.998  1.00 36.79 ? 105 HOH B O   1 
HETATM 1670 O  O   . HOH E 3 .   ? 3.364   -12.067 2.845   1.00 36.90 ? 106 HOH B O   1 
HETATM 1671 O  O   . HOH E 3 .   ? -9.095  -2.929  7.806   1.00 35.96 ? 107 HOH B O   1 
HETATM 1672 O  O   . HOH E 3 .   ? 1.166   -3.748  14.484  1.00 37.67 ? 108 HOH B O   1 
HETATM 1673 O  O   . HOH E 3 .   ? 15.873  0.684   2.936   1.00 44.43 ? 109 HOH B O   1 
HETATM 1674 O  O   . HOH E 3 .   ? -5.004  -11.401 6.410   1.00 35.77 ? 110 HOH B O   1 
HETATM 1675 O  O   . HOH E 3 .   ? -15.101 3.490   8.530   1.00 43.16 ? 111 HOH B O   1 
HETATM 1676 O  O   . HOH E 3 .   ? 19.875  3.473   17.904  1.00 40.15 ? 112 HOH B O   1 
HETATM 1677 O  O   . HOH E 3 .   ? -2.697  -6.800  18.103  1.00 49.50 ? 113 HOH B O   1 
HETATM 1678 O  O   . HOH E 3 .   ? -20.337 -9.034  5.917   1.00 34.56 ? 114 HOH B O   1 
HETATM 1679 O  O   . HOH E 3 .   ? -1.907  15.761  11.746  1.00 42.99 ? 115 HOH B O   1 
HETATM 1680 O  O   . HOH E 3 .   ? -4.706  2.350   16.837  1.00 36.03 ? 116 HOH B O   1 
HETATM 1681 O  O   . HOH E 3 .   ? -13.797 -11.384 7.998   1.00 32.40 ? 117 HOH B O   1 
HETATM 1682 O  O   . HOH E 3 .   ? 12.770  0.675   18.199  1.00 39.85 ? 118 HOH B O   1 
HETATM 1683 O  O   . HOH E 3 .   ? 2.431   15.580  -0.905  1.00 36.96 ? 119 HOH B O   1 
HETATM 1684 O  O   . HOH E 3 .   ? -3.091  2.595   18.666  1.00 44.26 ? 120 HOH B O   1 
HETATM 1685 O  O   . HOH E 3 .   ? -7.126  14.802  7.174   1.00 38.93 ? 121 HOH B O   1 
HETATM 1686 O  O   . HOH E 3 .   ? -7.135  0.791   4.960   1.00 40.19 ? 122 HOH B O   1 
HETATM 1687 O  O   . HOH E 3 .   ? 8.739   11.991  1.262   1.00 43.07 ? 123 HOH B O   1 
HETATM 1688 O  O   . HOH E 3 .   ? -9.668  -0.022  6.525   1.00 41.55 ? 124 HOH B O   1 
HETATM 1689 O  O   . HOH E 3 .   ? 3.906   9.679   15.921  1.00 35.55 ? 125 HOH B O   1 
HETATM 1690 O  O   . HOH E 3 .   ? 4.713   15.624  14.061  1.00 38.95 ? 126 HOH B O   1 
HETATM 1691 O  O   . HOH E 3 .   ? -9.566  8.650   6.866   1.00 43.63 ? 127 HOH B O   1 
HETATM 1692 O  O   . HOH E 3 .   ? -3.955  -12.235 1.321   1.00 42.22 ? 128 HOH B O   1 
HETATM 1693 O  O   . HOH E 3 .   ? 13.352  5.592   19.894  1.00 47.44 ? 129 HOH B O   1 
HETATM 1694 O  O   . HOH E 3 .   ? 5.430   5.922   17.847  1.00 43.21 ? 130 HOH B O   1 
HETATM 1695 O  O   . HOH E 3 .   ? 14.308  7.719   18.162  1.00 42.29 ? 131 HOH B O   1 
HETATM 1696 O  O   . HOH E 3 .   ? 12.723  0.287   1.907   1.00 51.89 ? 132 HOH B O   1 
HETATM 1697 O  O   . HOH E 3 .   ? 6.114   7.864   16.128  1.00 45.79 ? 133 HOH B O   1 
HETATM 1698 O  O   . HOH E 3 .   ? 10.725  9.328   7.649   1.00 47.63 ? 134 HOH B O   1 
HETATM 1699 O  O   . HOH E 3 .   ? -12.899 -3.367  7.117   1.00 40.15 ? 135 HOH B O   1 
HETATM 1700 O  O   . HOH E 3 .   ? 7.007   -5.170  17.831  1.00 49.47 ? 136 HOH B O   1 
HETATM 1701 O  O   . HOH E 3 .   ? -4.392  -1.491  3.684   1.00 41.69 ? 137 HOH B O   1 
HETATM 1702 O  O   . HOH E 3 .   ? -5.280  17.215  11.379  1.00 62.22 ? 138 HOH B O   1 
HETATM 1703 O  O   . HOH E 3 .   ? -11.433 8.987   4.394   1.00 53.37 ? 139 HOH B O   1 
HETATM 1704 O  O   . HOH E 3 .   ? -16.408 -12.905 1.809   1.00 40.20 ? 140 HOH B O   1 
HETATM 1705 O  O   . HOH E 3 .   ? -5.849  -2.720  14.175  1.00 33.22 ? 141 HOH B O   1 
HETATM 1706 O  O   . HOH E 3 .   ? -0.090  17.663  11.450  1.00 56.35 ? 142 HOH B O   1 
HETATM 1707 O  O   . HOH E 3 .   ? 10.556  1.900   -2.350  1.00 40.52 ? 143 HOH B O   1 
HETATM 1708 O  O   . HOH E 3 .   ? 10.634  4.791   18.665  1.00 39.01 ? 144 HOH B O   1 
HETATM 1709 O  O   . HOH E 3 .   ? 10.914  17.310  10.476  1.00 48.02 ? 145 HOH B O   1 
HETATM 1710 O  O   . HOH E 3 .   ? -9.569  0.654   2.618   1.00 43.55 ? 146 HOH B O   1 
HETATM 1711 O  O   . HOH E 3 .   ? -1.478  -13.100 1.984   1.00 53.37 ? 147 HOH B O   1 
HETATM 1712 O  O   . HOH E 3 .   ? -5.888  12.753  1.173   1.00 45.56 ? 148 HOH B O   1 
HETATM 1713 O  O   . HOH E 3 .   ? -5.409  14.464  11.539  1.00 48.60 ? 149 HOH B O   1 
HETATM 1714 O  O   . HOH E 3 .   ? 2.827   -8.153  7.334   1.00 39.25 ? 150 HOH B O   1 
HETATM 1715 O  O   . HOH E 3 .   ? -4.875  -4.900  15.733  1.00 43.93 ? 151 HOH B O   1 
HETATM 1716 O  O   . HOH E 3 .   ? 11.284  8.379   -2.267  1.00 51.98 ? 152 HOH B O   1 
HETATM 1717 O  O   . HOH E 3 .   ? 6.506   -8.946  10.453  1.00 56.23 ? 153 HOH B O   1 
HETATM 1718 O  O   . HOH E 3 .   ? -0.576  7.563   19.884  1.00 49.43 ? 154 HOH B O   1 
HETATM 1719 O  O   . HOH E 3 .   ? 14.284  1.311   -0.984  1.00 67.01 ? 155 HOH B O   1 
HETATM 1720 O  O   . HOH E 3 .   ? 12.652  14.662  3.983   1.00 56.03 ? 156 HOH B O   1 
HETATM 1721 O  O   . HOH E 3 .   ? -10.015 11.884  8.239   1.00 55.92 ? 157 HOH B O   1 
HETATM 1722 O  O   . HOH E 3 .   ? 14.810  16.843  5.515   1.00 55.17 ? 158 HOH B O   1 
HETATM 1723 O  O   . HOH E 3 .   ? 0.359   3.865   20.949  1.00 56.43 ? 159 HOH B O   1 
HETATM 1724 O  O   . HOH E 3 .   ? -7.385  12.655  5.098   1.00 49.45 ? 160 HOH B O   1 
HETATM 1725 O  O   . HOH E 3 .   ? -8.265  11.353  10.687  1.00 37.72 ? 161 HOH B O   1 
HETATM 1726 O  O   . HOH E 3 .   ? 7.599   14.347  4.520   1.00 35.82 ? 162 HOH B O   1 
HETATM 1727 O  O   . HOH E 3 .   ? 2.981   14.380  15.577  1.00 50.73 ? 163 HOH B O   1 
HETATM 1728 O  O   . HOH E 3 .   ? 0.580   14.680  15.238  1.00 50.61 ? 164 HOH B O   1 
HETATM 1729 O  O   . HOH E 3 .   ? -16.475 -14.977 5.352   1.00 44.58 ? 165 HOH B O   1 
# 
